data_3LDT
# 
_entry.id   3LDT 
# 
_audit_conform.dict_name       mmcif_pdbx.dic 
_audit_conform.dict_version    5.399 
_audit_conform.dict_location   http://mmcif.pdb.org/dictionaries/ascii/mmcif_pdbx.dic 
# 
loop_
_database_2.database_id 
_database_2.database_code 
_database_2.pdbx_database_accession 
_database_2.pdbx_DOI 
PDB   3LDT         pdb_00003ldt 10.2210/pdb3ldt/pdb 
RCSB  RCSB057153   ?            ?                   
WWPDB D_1000057153 ?            ?                   
# 
loop_
_pdbx_audit_revision_history.ordinal 
_pdbx_audit_revision_history.data_content_type 
_pdbx_audit_revision_history.major_revision 
_pdbx_audit_revision_history.minor_revision 
_pdbx_audit_revision_history.revision_date 
1 'Structure model' 1 0 2010-02-02 
2 'Structure model' 1 1 2011-07-13 
3 'Structure model' 1 2 2021-02-10 
4 'Structure model' 1 3 2024-11-27 
# 
_pdbx_audit_revision_details.ordinal             1 
_pdbx_audit_revision_details.revision_ordinal    1 
_pdbx_audit_revision_details.data_content_type   'Structure model' 
_pdbx_audit_revision_details.provider            repository 
_pdbx_audit_revision_details.type                'Initial release' 
_pdbx_audit_revision_details.description         ? 
_pdbx_audit_revision_details.details             ? 
# 
loop_
_pdbx_audit_revision_group.ordinal 
_pdbx_audit_revision_group.revision_ordinal 
_pdbx_audit_revision_group.data_content_type 
_pdbx_audit_revision_group.group 
1 2 'Structure model' 'Version format compliance' 
2 3 'Structure model' 'Database references'       
3 3 'Structure model' 'Derived calculations'      
4 3 'Structure model' 'Structure summary'         
5 4 'Structure model' 'Data collection'           
6 4 'Structure model' 'Database references'       
7 4 'Structure model' 'Structure summary'         
# 
loop_
_pdbx_audit_revision_category.ordinal 
_pdbx_audit_revision_category.revision_ordinal 
_pdbx_audit_revision_category.data_content_type 
_pdbx_audit_revision_category.category 
1 3 'Structure model' audit_author              
2 3 'Structure model' citation_author           
3 3 'Structure model' struct_conn               
4 3 'Structure model' struct_site               
5 4 'Structure model' chem_comp_atom            
6 4 'Structure model' chem_comp_bond            
7 4 'Structure model' database_2                
8 4 'Structure model' pdbx_entry_details        
9 4 'Structure model' pdbx_modification_feature 
# 
loop_
_pdbx_audit_revision_item.ordinal 
_pdbx_audit_revision_item.revision_ordinal 
_pdbx_audit_revision_item.data_content_type 
_pdbx_audit_revision_item.item 
1 3 'Structure model' '_audit_author.identifier_ORCID'      
2 3 'Structure model' '_citation_author.identifier_ORCID'   
3 3 'Structure model' '_struct_conn.pdbx_leaving_atom_flag' 
4 3 'Structure model' '_struct_site.pdbx_auth_asym_id'      
5 3 'Structure model' '_struct_site.pdbx_auth_comp_id'      
6 3 'Structure model' '_struct_site.pdbx_auth_seq_id'       
7 4 'Structure model' '_database_2.pdbx_DOI'                
8 4 'Structure model' '_database_2.pdbx_database_accession' 
# 
_pdbx_database_status.status_code                     REL 
_pdbx_database_status.entry_id                        3LDT 
_pdbx_database_status.recvd_initial_deposition_date   2010-01-13 
_pdbx_database_status.deposit_site                    RCSB 
_pdbx_database_status.process_site                    RCSB 
_pdbx_database_status.status_code_sf                  REL 
_pdbx_database_status.status_code_mr                  ? 
_pdbx_database_status.SG_entry                        Y 
_pdbx_database_status.status_code_cs                  ? 
_pdbx_database_status.pdb_format_compatible           Y 
_pdbx_database_status.status_code_nmr_data            ? 
_pdbx_database_status.methods_development_category    ? 
# 
_pdbx_database_related.db_name        TargetDB 
_pdbx_database_related.db_id          NYSGXRC-11276d 
_pdbx_database_related.details        . 
_pdbx_database_related.content_type   unspecified 
# 
loop_
_audit_author.name 
_audit_author.pdbx_ordinal 
_audit_author.identifier_ORCID 
'Satyanarayana, L.'                                              1 ?                   
'Burley, S.K.'                                                   2 0000-0002-2487-9713 
'Swaminathan, S.'                                                3 ?                   
'New York SGX Research Center for Structural Genomics (NYSGXRC)' 4 ?                   
# 
_citation.id                        primary 
_citation.title                     'Crystal structure of an Outer membrane protein(OmpA)from Legionella pneumophila' 
_citation.journal_abbrev            'To be Published' 
_citation.journal_volume            ? 
_citation.page_first                ? 
_citation.page_last                 ? 
_citation.year                      ? 
_citation.journal_id_ASTM           ? 
_citation.country                   ? 
_citation.journal_id_ISSN           ? 
_citation.journal_id_CSD            0353 
_citation.book_publisher            ? 
_citation.pdbx_database_id_PubMed   ? 
_citation.pdbx_database_id_DOI      ? 
# 
loop_
_citation_author.citation_id 
_citation_author.name 
_citation_author.ordinal 
_citation_author.identifier_ORCID 
primary 'Satyanarayana, L.' 1 ?                   
primary 'Burley, S.K.'      2 0000-0002-2487-9713 
primary 'Swaminathan, S.'   3 ?                   
# 
loop_
_entity.id 
_entity.type 
_entity.src_method 
_entity.pdbx_description 
_entity.formula_weight 
_entity.pdbx_number_of_molecules 
_entity.pdbx_ec 
_entity.pdbx_mutation 
_entity.pdbx_fragment 
_entity.details 
1 polymer     man 'Outer membrane protein, OmpA family protein' 19227.178 1  ? ? 'C-terminal fragment' ? 
2 non-polymer syn GLYCEROL                                      92.094    3  ? ? ?                     ? 
3 water       nat water                                         18.015    70 ? ? ?                     ? 
# 
_entity_poly.entity_id                      1 
_entity_poly.type                           'polypeptide(L)' 
_entity_poly.nstd_linkage                   no 
_entity_poly.nstd_monomer                   yes 
_entity_poly.pdbx_seq_one_letter_code       
;(MSE)SLSGTLIGAAAGGTVGLVASIYRDSKRKIIRDLQKQDIQYVEYGDTRTLIIPTDKYF(MSE)FSSPRLNEICYPG
LNNVIRLLNFYPQSTIYVAGFTDNVGSRSHKRKLSQAQAET(MSE)(MSE)TFLWANGIAAKRLKAEGYGDKNAISDNAI
IHGSAQNRRIEIQWFTSEGHHHHHH
;
_entity_poly.pdbx_seq_one_letter_code_can   
;MSLSGTLIGAAAGGTVGLVASIYRDSKRKIIRDLQKQDIQYVEYGDTRTLIIPTDKYFMFSSPRLNEICYPGLNNVIRLL
NFYPQSTIYVAGFTDNVGSRSHKRKLSQAQAETMMTFLWANGIAAKRLKAEGYGDKNAISDNAIIHGSAQNRRIEIQWFT
SEGHHHHHH
;
_entity_poly.pdbx_strand_id                 A 
_entity_poly.pdbx_target_identifier         NYSGXRC-11276d 
# 
loop_
_pdbx_entity_nonpoly.entity_id 
_pdbx_entity_nonpoly.name 
_pdbx_entity_nonpoly.comp_id 
2 GLYCEROL GOL 
3 water    HOH 
# 
loop_
_entity_poly_seq.entity_id 
_entity_poly_seq.num 
_entity_poly_seq.mon_id 
_entity_poly_seq.hetero 
1 1   MSE n 
1 2   SER n 
1 3   LEU n 
1 4   SER n 
1 5   GLY n 
1 6   THR n 
1 7   LEU n 
1 8   ILE n 
1 9   GLY n 
1 10  ALA n 
1 11  ALA n 
1 12  ALA n 
1 13  GLY n 
1 14  GLY n 
1 15  THR n 
1 16  VAL n 
1 17  GLY n 
1 18  LEU n 
1 19  VAL n 
1 20  ALA n 
1 21  SER n 
1 22  ILE n 
1 23  TYR n 
1 24  ARG n 
1 25  ASP n 
1 26  SER n 
1 27  LYS n 
1 28  ARG n 
1 29  LYS n 
1 30  ILE n 
1 31  ILE n 
1 32  ARG n 
1 33  ASP n 
1 34  LEU n 
1 35  GLN n 
1 36  LYS n 
1 37  GLN n 
1 38  ASP n 
1 39  ILE n 
1 40  GLN n 
1 41  TYR n 
1 42  VAL n 
1 43  GLU n 
1 44  TYR n 
1 45  GLY n 
1 46  ASP n 
1 47  THR n 
1 48  ARG n 
1 49  THR n 
1 50  LEU n 
1 51  ILE n 
1 52  ILE n 
1 53  PRO n 
1 54  THR n 
1 55  ASP n 
1 56  LYS n 
1 57  TYR n 
1 58  PHE n 
1 59  MSE n 
1 60  PHE n 
1 61  SER n 
1 62  SER n 
1 63  PRO n 
1 64  ARG n 
1 65  LEU n 
1 66  ASN n 
1 67  GLU n 
1 68  ILE n 
1 69  CYS n 
1 70  TYR n 
1 71  PRO n 
1 72  GLY n 
1 73  LEU n 
1 74  ASN n 
1 75  ASN n 
1 76  VAL n 
1 77  ILE n 
1 78  ARG n 
1 79  LEU n 
1 80  LEU n 
1 81  ASN n 
1 82  PHE n 
1 83  TYR n 
1 84  PRO n 
1 85  GLN n 
1 86  SER n 
1 87  THR n 
1 88  ILE n 
1 89  TYR n 
1 90  VAL n 
1 91  ALA n 
1 92  GLY n 
1 93  PHE n 
1 94  THR n 
1 95  ASP n 
1 96  ASN n 
1 97  VAL n 
1 98  GLY n 
1 99  SER n 
1 100 ARG n 
1 101 SER n 
1 102 HIS n 
1 103 LYS n 
1 104 ARG n 
1 105 LYS n 
1 106 LEU n 
1 107 SER n 
1 108 GLN n 
1 109 ALA n 
1 110 GLN n 
1 111 ALA n 
1 112 GLU n 
1 113 THR n 
1 114 MSE n 
1 115 MSE n 
1 116 THR n 
1 117 PHE n 
1 118 LEU n 
1 119 TRP n 
1 120 ALA n 
1 121 ASN n 
1 122 GLY n 
1 123 ILE n 
1 124 ALA n 
1 125 ALA n 
1 126 LYS n 
1 127 ARG n 
1 128 LEU n 
1 129 LYS n 
1 130 ALA n 
1 131 GLU n 
1 132 GLY n 
1 133 TYR n 
1 134 GLY n 
1 135 ASP n 
1 136 LYS n 
1 137 ASN n 
1 138 ALA n 
1 139 ILE n 
1 140 SER n 
1 141 ASP n 
1 142 ASN n 
1 143 ALA n 
1 144 ILE n 
1 145 ILE n 
1 146 HIS n 
1 147 GLY n 
1 148 SER n 
1 149 ALA n 
1 150 GLN n 
1 151 ASN n 
1 152 ARG n 
1 153 ARG n 
1 154 ILE n 
1 155 GLU n 
1 156 ILE n 
1 157 GLN n 
1 158 TRP n 
1 159 PHE n 
1 160 THR n 
1 161 SER n 
1 162 GLU n 
1 163 GLY n 
1 164 HIS n 
1 165 HIS n 
1 166 HIS n 
1 167 HIS n 
1 168 HIS n 
1 169 HIS n 
# 
_entity_src_gen.entity_id                          1 
_entity_src_gen.pdbx_src_id                        1 
_entity_src_gen.pdbx_alt_source_flag               sample 
_entity_src_gen.pdbx_seq_type                      ? 
_entity_src_gen.pdbx_beg_seq_num                   ? 
_entity_src_gen.pdbx_end_seq_num                   ? 
_entity_src_gen.gene_src_common_name               ? 
_entity_src_gen.gene_src_genus                     ? 
_entity_src_gen.pdbx_gene_src_gene                 '3080577, lpg0657' 
_entity_src_gen.gene_src_species                   ? 
_entity_src_gen.gene_src_strain                    'subsp. pneumophila, Philadelphia 1 / ATCC 33152 / DSM 7513)' 
_entity_src_gen.gene_src_tissue                    ? 
_entity_src_gen.gene_src_tissue_fraction           ? 
_entity_src_gen.gene_src_details                   'TOP 10 (INVITROGEN)' 
_entity_src_gen.pdbx_gene_src_fragment             ? 
_entity_src_gen.pdbx_gene_src_scientific_name      'Legionella pneumophila' 
_entity_src_gen.pdbx_gene_src_ncbi_taxonomy_id     272624 
_entity_src_gen.pdbx_gene_src_variant              ? 
_entity_src_gen.pdbx_gene_src_cell_line            ? 
_entity_src_gen.pdbx_gene_src_atcc                 ? 
_entity_src_gen.pdbx_gene_src_organ                ? 
_entity_src_gen.pdbx_gene_src_organelle            ? 
_entity_src_gen.pdbx_gene_src_cell                 ? 
_entity_src_gen.pdbx_gene_src_cellular_location    ? 
_entity_src_gen.host_org_common_name               ? 
_entity_src_gen.pdbx_host_org_scientific_name      'Escherichia coli' 
_entity_src_gen.pdbx_host_org_ncbi_taxonomy_id     469008 
_entity_src_gen.host_org_genus                     ? 
_entity_src_gen.pdbx_host_org_gene                 ? 
_entity_src_gen.pdbx_host_org_organ                ? 
_entity_src_gen.host_org_species                   ? 
_entity_src_gen.pdbx_host_org_tissue               ? 
_entity_src_gen.pdbx_host_org_tissue_fraction      ? 
_entity_src_gen.pdbx_host_org_strain               'BL21 (DE3) Codon+RIL' 
_entity_src_gen.pdbx_host_org_variant              ? 
_entity_src_gen.pdbx_host_org_cell_line            ? 
_entity_src_gen.pdbx_host_org_atcc                 ? 
_entity_src_gen.pdbx_host_org_culture_collection   ? 
_entity_src_gen.pdbx_host_org_cell                 ? 
_entity_src_gen.pdbx_host_org_organelle            ? 
_entity_src_gen.pdbx_host_org_cellular_location    ? 
_entity_src_gen.pdbx_host_org_vector_type          plasmid 
_entity_src_gen.pdbx_host_org_vector               ? 
_entity_src_gen.host_org_details                   ? 
_entity_src_gen.expression_system_id               ? 
_entity_src_gen.plasmid_name                       'BC-pSGX3-(BC)' 
_entity_src_gen.plasmid_details                    ? 
_entity_src_gen.pdbx_description                   ? 
# 
loop_
_chem_comp.id 
_chem_comp.type 
_chem_comp.mon_nstd_flag 
_chem_comp.name 
_chem_comp.pdbx_synonyms 
_chem_comp.formula 
_chem_comp.formula_weight 
ALA 'L-peptide linking' y ALANINE          ?                               'C3 H7 N O2'     89.093  
ARG 'L-peptide linking' y ARGININE         ?                               'C6 H15 N4 O2 1' 175.209 
ASN 'L-peptide linking' y ASPARAGINE       ?                               'C4 H8 N2 O3'    132.118 
ASP 'L-peptide linking' y 'ASPARTIC ACID'  ?                               'C4 H7 N O4'     133.103 
CYS 'L-peptide linking' y CYSTEINE         ?                               'C3 H7 N O2 S'   121.158 
GLN 'L-peptide linking' y GLUTAMINE        ?                               'C5 H10 N2 O3'   146.144 
GLU 'L-peptide linking' y 'GLUTAMIC ACID'  ?                               'C5 H9 N O4'     147.129 
GLY 'peptide linking'   y GLYCINE          ?                               'C2 H5 N O2'     75.067  
GOL non-polymer         . GLYCEROL         'GLYCERIN; PROPANE-1,2,3-TRIOL' 'C3 H8 O3'       92.094  
HIS 'L-peptide linking' y HISTIDINE        ?                               'C6 H10 N3 O2 1' 156.162 
HOH non-polymer         . WATER            ?                               'H2 O'           18.015  
ILE 'L-peptide linking' y ISOLEUCINE       ?                               'C6 H13 N O2'    131.173 
LEU 'L-peptide linking' y LEUCINE          ?                               'C6 H13 N O2'    131.173 
LYS 'L-peptide linking' y LYSINE           ?                               'C6 H15 N2 O2 1' 147.195 
MSE 'L-peptide linking' n SELENOMETHIONINE ?                               'C5 H11 N O2 Se' 196.106 
PHE 'L-peptide linking' y PHENYLALANINE    ?                               'C9 H11 N O2'    165.189 
PRO 'L-peptide linking' y PROLINE          ?                               'C5 H9 N O2'     115.130 
SER 'L-peptide linking' y SERINE           ?                               'C3 H7 N O3'     105.093 
THR 'L-peptide linking' y THREONINE        ?                               'C4 H9 N O3'     119.119 
TRP 'L-peptide linking' y TRYPTOPHAN       ?                               'C11 H12 N2 O2'  204.225 
TYR 'L-peptide linking' y TYROSINE         ?                               'C9 H11 N O3'    181.189 
VAL 'L-peptide linking' y VALINE           ?                               'C5 H11 N O2'    117.146 
# 
loop_
_pdbx_poly_seq_scheme.asym_id 
_pdbx_poly_seq_scheme.entity_id 
_pdbx_poly_seq_scheme.seq_id 
_pdbx_poly_seq_scheme.mon_id 
_pdbx_poly_seq_scheme.ndb_seq_num 
_pdbx_poly_seq_scheme.pdb_seq_num 
_pdbx_poly_seq_scheme.auth_seq_num 
_pdbx_poly_seq_scheme.pdb_mon_id 
_pdbx_poly_seq_scheme.auth_mon_id 
_pdbx_poly_seq_scheme.pdb_strand_id 
_pdbx_poly_seq_scheme.pdb_ins_code 
_pdbx_poly_seq_scheme.hetero 
A 1 1   MSE 1   76  ?   ?   ?   A . n 
A 1 2   SER 2   77  ?   ?   ?   A . n 
A 1 3   LEU 3   78  ?   ?   ?   A . n 
A 1 4   SER 4   79  ?   ?   ?   A . n 
A 1 5   GLY 5   80  ?   ?   ?   A . n 
A 1 6   THR 6   81  ?   ?   ?   A . n 
A 1 7   LEU 7   82  ?   ?   ?   A . n 
A 1 8   ILE 8   83  ?   ?   ?   A . n 
A 1 9   GLY 9   84  ?   ?   ?   A . n 
A 1 10  ALA 10  85  ?   ?   ?   A . n 
A 1 11  ALA 11  86  ?   ?   ?   A . n 
A 1 12  ALA 12  87  ?   ?   ?   A . n 
A 1 13  GLY 13  88  ?   ?   ?   A . n 
A 1 14  GLY 14  89  ?   ?   ?   A . n 
A 1 15  THR 15  90  ?   ?   ?   A . n 
A 1 16  VAL 16  91  ?   ?   ?   A . n 
A 1 17  GLY 17  92  92  GLY GLY A . n 
A 1 18  LEU 18  93  93  LEU LEU A . n 
A 1 19  VAL 19  94  94  VAL VAL A . n 
A 1 20  ALA 20  95  95  ALA ALA A . n 
A 1 21  SER 21  96  96  SER SER A . n 
A 1 22  ILE 22  97  97  ILE ILE A . n 
A 1 23  TYR 23  98  98  TYR TYR A . n 
A 1 24  ARG 24  99  99  ARG ARG A . n 
A 1 25  ASP 25  100 100 ASP ASP A . n 
A 1 26  SER 26  101 101 SER SER A . n 
A 1 27  LYS 27  102 102 LYS LYS A . n 
A 1 28  ARG 28  103 103 ARG ARG A . n 
A 1 29  LYS 29  104 104 LYS LYS A . n 
A 1 30  ILE 30  105 105 ILE ILE A . n 
A 1 31  ILE 31  106 106 ILE ILE A . n 
A 1 32  ARG 32  107 107 ARG ARG A . n 
A 1 33  ASP 33  108 108 ASP ASP A . n 
A 1 34  LEU 34  109 109 LEU LEU A . n 
A 1 35  GLN 35  110 110 GLN GLN A . n 
A 1 36  LYS 36  111 111 LYS LYS A . n 
A 1 37  GLN 37  112 112 GLN GLN A . n 
A 1 38  ASP 38  113 113 ASP ASP A . n 
A 1 39  ILE 39  114 114 ILE ILE A . n 
A 1 40  GLN 40  115 115 GLN GLN A . n 
A 1 41  TYR 41  116 116 TYR TYR A . n 
A 1 42  VAL 42  117 117 VAL VAL A . n 
A 1 43  GLU 43  118 118 GLU GLU A . n 
A 1 44  TYR 44  119 119 TYR TYR A . n 
A 1 45  GLY 45  120 120 GLY GLY A . n 
A 1 46  ASP 46  121 121 ASP ASP A . n 
A 1 47  THR 47  122 122 THR THR A . n 
A 1 48  ARG 48  123 123 ARG ARG A . n 
A 1 49  THR 49  124 124 THR THR A . n 
A 1 50  LEU 50  125 125 LEU LEU A . n 
A 1 51  ILE 51  126 126 ILE ILE A . n 
A 1 52  ILE 52  127 127 ILE ILE A . n 
A 1 53  PRO 53  128 128 PRO PRO A . n 
A 1 54  THR 54  129 129 THR THR A . n 
A 1 55  ASP 55  130 130 ASP ASP A . n 
A 1 56  LYS 56  131 131 LYS LYS A . n 
A 1 57  TYR 57  132 132 TYR TYR A . n 
A 1 58  PHE 58  133 133 PHE PHE A . n 
A 1 59  MSE 59  134 134 MSE MSE A . n 
A 1 60  PHE 60  135 ?   ?   ?   A . n 
A 1 61  SER 61  136 136 SER SER A . n 
A 1 62  SER 62  137 137 SER SER A . n 
A 1 63  PRO 63  138 138 PRO PRO A . n 
A 1 64  ARG 64  139 139 ARG ARG A . n 
A 1 65  LEU 65  140 140 LEU LEU A . n 
A 1 66  ASN 66  141 141 ASN ASN A . n 
A 1 67  GLU 67  142 142 GLU GLU A . n 
A 1 68  ILE 68  143 143 ILE ILE A . n 
A 1 69  CYS 69  144 144 CYS CYS A . n 
A 1 70  TYR 70  145 145 TYR TYR A . n 
A 1 71  PRO 71  146 146 PRO PRO A . n 
A 1 72  GLY 72  147 147 GLY GLY A . n 
A 1 73  LEU 73  148 148 LEU LEU A . n 
A 1 74  ASN 74  149 149 ASN ASN A . n 
A 1 75  ASN 75  150 150 ASN ASN A . n 
A 1 76  VAL 76  151 151 VAL VAL A . n 
A 1 77  ILE 77  152 152 ILE ILE A . n 
A 1 78  ARG 78  153 153 ARG ARG A . n 
A 1 79  LEU 79  154 154 LEU LEU A . n 
A 1 80  LEU 80  155 155 LEU LEU A . n 
A 1 81  ASN 81  156 156 ASN ASN A . n 
A 1 82  PHE 82  157 157 PHE PHE A . n 
A 1 83  TYR 83  158 158 TYR TYR A . n 
A 1 84  PRO 84  159 159 PRO PRO A . n 
A 1 85  GLN 85  160 160 GLN GLN A . n 
A 1 86  SER 86  161 161 SER SER A . n 
A 1 87  THR 87  162 162 THR THR A . n 
A 1 88  ILE 88  163 163 ILE ILE A . n 
A 1 89  TYR 89  164 164 TYR TYR A . n 
A 1 90  VAL 90  165 165 VAL VAL A . n 
A 1 91  ALA 91  166 166 ALA ALA A . n 
A 1 92  GLY 92  167 167 GLY GLY A . n 
A 1 93  PHE 93  168 168 PHE PHE A . n 
A 1 94  THR 94  169 169 THR THR A . n 
A 1 95  ASP 95  170 170 ASP ASP A . n 
A 1 96  ASN 96  171 171 ASN ASN A . n 
A 1 97  VAL 97  172 172 VAL VAL A . n 
A 1 98  GLY 98  173 173 GLY GLY A . n 
A 1 99  SER 99  174 174 SER SER A . n 
A 1 100 ARG 100 175 175 ARG ARG A . n 
A 1 101 SER 101 176 ?   ?   ?   A . n 
A 1 102 HIS 102 177 ?   ?   ?   A . n 
A 1 103 LYS 103 178 178 LYS LYS A . n 
A 1 104 ARG 104 179 179 ARG ARG A . n 
A 1 105 LYS 105 180 180 LYS LYS A . n 
A 1 106 LEU 106 181 181 LEU LEU A . n 
A 1 107 SER 107 182 182 SER SER A . n 
A 1 108 GLN 108 183 183 GLN GLN A . n 
A 1 109 ALA 109 184 184 ALA ALA A . n 
A 1 110 GLN 110 185 185 GLN GLN A . n 
A 1 111 ALA 111 186 186 ALA ALA A . n 
A 1 112 GLU 112 187 187 GLU GLU A . n 
A 1 113 THR 113 188 188 THR THR A . n 
A 1 114 MSE 114 189 189 MSE MSE A . n 
A 1 115 MSE 115 190 190 MSE MSE A . n 
A 1 116 THR 116 191 191 THR THR A . n 
A 1 117 PHE 117 192 192 PHE PHE A . n 
A 1 118 LEU 118 193 193 LEU LEU A . n 
A 1 119 TRP 119 194 194 TRP TRP A . n 
A 1 120 ALA 120 195 195 ALA ALA A . n 
A 1 121 ASN 121 196 196 ASN ASN A . n 
A 1 122 GLY 122 197 197 GLY GLY A . n 
A 1 123 ILE 123 198 198 ILE ILE A . n 
A 1 124 ALA 124 199 199 ALA ALA A . n 
A 1 125 ALA 125 200 200 ALA ALA A . n 
A 1 126 LYS 126 201 201 LYS LYS A . n 
A 1 127 ARG 127 202 202 ARG ARG A . n 
A 1 128 LEU 128 203 203 LEU LEU A . n 
A 1 129 LYS 129 204 204 LYS LYS A . n 
A 1 130 ALA 130 205 205 ALA ALA A . n 
A 1 131 GLU 131 206 206 GLU GLU A . n 
A 1 132 GLY 132 207 207 GLY GLY A . n 
A 1 133 TYR 133 208 208 TYR TYR A . n 
A 1 134 GLY 134 209 209 GLY GLY A . n 
A 1 135 ASP 135 210 210 ASP ASP A . n 
A 1 136 LYS 136 211 211 LYS LYS A . n 
A 1 137 ASN 137 212 212 ASN ASN A . n 
A 1 138 ALA 138 213 213 ALA ALA A . n 
A 1 139 ILE 139 214 214 ILE ILE A . n 
A 1 140 SER 140 215 215 SER SER A . n 
A 1 141 ASP 141 216 216 ASP ASP A . n 
A 1 142 ASN 142 217 217 ASN ASN A . n 
A 1 143 ALA 143 218 218 ALA ALA A . n 
A 1 144 ILE 144 219 219 ILE ILE A . n 
A 1 145 ILE 145 220 220 ILE ILE A . n 
A 1 146 HIS 146 221 221 HIS HIS A . n 
A 1 147 GLY 147 222 222 GLY GLY A . n 
A 1 148 SER 148 223 223 SER SER A . n 
A 1 149 ALA 149 224 224 ALA ALA A . n 
A 1 150 GLN 150 225 225 GLN GLN A . n 
A 1 151 ASN 151 226 226 ASN ASN A . n 
A 1 152 ARG 152 227 227 ARG ARG A . n 
A 1 153 ARG 153 228 228 ARG ARG A . n 
A 1 154 ILE 154 229 229 ILE ILE A . n 
A 1 155 GLU 155 230 230 GLU GLU A . n 
A 1 156 ILE 156 231 231 ILE ILE A . n 
A 1 157 GLN 157 232 232 GLN GLN A . n 
A 1 158 TRP 158 233 233 TRP TRP A . n 
A 1 159 PHE 159 234 234 PHE PHE A . n 
A 1 160 THR 160 235 235 THR THR A . n 
A 1 161 SER 161 236 236 SER SER A . n 
A 1 162 GLU 162 237 237 GLU GLU A . n 
A 1 163 GLY 163 238 238 GLY GLY A . n 
A 1 164 HIS 164 239 ?   ?   ?   A . n 
A 1 165 HIS 165 240 ?   ?   ?   A . n 
A 1 166 HIS 166 241 ?   ?   ?   A . n 
A 1 167 HIS 167 242 ?   ?   ?   A . n 
A 1 168 HIS 168 243 ?   ?   ?   A . n 
A 1 169 HIS 169 244 ?   ?   ?   A . n 
# 
loop_
_pdbx_nonpoly_scheme.asym_id 
_pdbx_nonpoly_scheme.entity_id 
_pdbx_nonpoly_scheme.mon_id 
_pdbx_nonpoly_scheme.ndb_seq_num 
_pdbx_nonpoly_scheme.pdb_seq_num 
_pdbx_nonpoly_scheme.auth_seq_num 
_pdbx_nonpoly_scheme.pdb_mon_id 
_pdbx_nonpoly_scheme.auth_mon_id 
_pdbx_nonpoly_scheme.pdb_strand_id 
_pdbx_nonpoly_scheme.pdb_ins_code 
B 2 GOL 1  501 501 GOL GOL A . 
C 2 GOL 1  502 502 GOL GOL A . 
D 2 GOL 1  503 503 GOL GOL A . 
E 3 HOH 1  2   2   HOH TIP A . 
E 3 HOH 2  4   4   HOH TIP A . 
E 3 HOH 3  6   6   HOH TIP A . 
E 3 HOH 4  9   9   HOH TIP A . 
E 3 HOH 5  10  10  HOH TIP A . 
E 3 HOH 6  11  11  HOH TIP A . 
E 3 HOH 7  13  13  HOH TIP A . 
E 3 HOH 8  14  14  HOH TIP A . 
E 3 HOH 9  16  16  HOH TIP A . 
E 3 HOH 10 17  17  HOH TIP A . 
E 3 HOH 11 18  18  HOH TIP A . 
E 3 HOH 12 20  20  HOH TIP A . 
E 3 HOH 13 21  21  HOH TIP A . 
E 3 HOH 14 24  24  HOH TIP A . 
E 3 HOH 15 25  25  HOH TIP A . 
E 3 HOH 16 27  27  HOH TIP A . 
E 3 HOH 17 28  28  HOH TIP A . 
E 3 HOH 18 31  31  HOH TIP A . 
E 3 HOH 19 33  33  HOH TIP A . 
E 3 HOH 20 34  34  HOH TIP A . 
E 3 HOH 21 38  38  HOH TIP A . 
E 3 HOH 22 39  39  HOH TIP A . 
E 3 HOH 23 40  40  HOH TIP A . 
E 3 HOH 24 41  41  HOH TIP A . 
E 3 HOH 25 42  42  HOH TIP A . 
E 3 HOH 26 43  43  HOH TIP A . 
E 3 HOH 27 44  44  HOH TIP A . 
E 3 HOH 28 45  45  HOH TIP A . 
E 3 HOH 29 46  46  HOH TIP A . 
E 3 HOH 30 47  47  HOH TIP A . 
E 3 HOH 31 49  49  HOH TIP A . 
E 3 HOH 32 51  51  HOH TIP A . 
E 3 HOH 33 52  52  HOH TIP A . 
E 3 HOH 34 53  53  HOH TIP A . 
E 3 HOH 35 54  54  HOH TIP A . 
E 3 HOH 36 56  56  HOH TIP A . 
E 3 HOH 37 59  59  HOH TIP A . 
E 3 HOH 38 60  60  HOH TIP A . 
E 3 HOH 39 62  62  HOH TIP A . 
E 3 HOH 40 63  63  HOH TIP A . 
E 3 HOH 41 64  64  HOH TIP A . 
E 3 HOH 42 65  65  HOH TIP A . 
E 3 HOH 43 67  67  HOH TIP A . 
E 3 HOH 44 69  69  HOH TIP A . 
E 3 HOH 45 71  71  HOH TIP A . 
E 3 HOH 46 73  73  HOH TIP A . 
E 3 HOH 47 74  74  HOH TIP A . 
E 3 HOH 48 245 76  HOH TIP A . 
E 3 HOH 49 246 80  HOH TIP A . 
E 3 HOH 50 247 82  HOH TIP A . 
E 3 HOH 51 248 83  HOH TIP A . 
E 3 HOH 52 249 84  HOH TIP A . 
E 3 HOH 53 250 88  HOH TIP A . 
E 3 HOH 54 251 89  HOH TIP A . 
E 3 HOH 55 252 90  HOH TIP A . 
E 3 HOH 56 253 91  HOH TIP A . 
E 3 HOH 57 254 92  HOH TIP A . 
E 3 HOH 58 255 93  HOH TIP A . 
E 3 HOH 59 256 94  HOH TIP A . 
E 3 HOH 60 257 97  HOH TIP A . 
E 3 HOH 61 258 98  HOH TIP A . 
E 3 HOH 62 259 101 HOH TIP A . 
E 3 HOH 63 260 102 HOH TIP A . 
E 3 HOH 64 261 103 HOH TIP A . 
E 3 HOH 65 262 104 HOH TIP A . 
E 3 HOH 66 263 106 HOH TIP A . 
E 3 HOH 67 264 107 HOH TIP A . 
E 3 HOH 68 265 108 HOH TIP A . 
E 3 HOH 69 266 109 HOH TIP A . 
E 3 HOH 70 267 110 HOH TIP A . 
# 
loop_
_software.name 
_software.classification 
_software.version 
_software.citation_id 
_software.pdbx_ordinal 
CBASS    'data collection' .   ? 1 
SHELXCD  phasing           .   ? 2 
SHARP    phasing           .   ? 3 
CNS      refinement        1.1 ? 4 
DENZO    'data reduction'  .   ? 5 
HKL-2000 'data scaling'    .   ? 6 
# 
_cell.entry_id           3LDT 
_cell.length_a           78.062 
_cell.length_b           78.062 
_cell.length_c           140.044 
_cell.angle_alpha        90.00 
_cell.angle_beta         90.00 
_cell.angle_gamma        90.00 
_cell.Z_PDB              16 
_cell.pdbx_unique_axis   ? 
_cell.length_a_esd       ? 
_cell.length_b_esd       ? 
_cell.length_c_esd       ? 
_cell.angle_alpha_esd    ? 
_cell.angle_beta_esd     ? 
_cell.angle_gamma_esd    ? 
# 
_symmetry.entry_id                         3LDT 
_symmetry.space_group_name_H-M             'I 41 2 2' 
_symmetry.pdbx_full_space_group_name_H-M   ? 
_symmetry.cell_setting                     ? 
_symmetry.Int_Tables_number                98 
_symmetry.space_group_name_Hall            ? 
# 
_exptl.entry_id          3LDT 
_exptl.method            'X-RAY DIFFRACTION' 
_exptl.crystals_number   1 
# 
_exptl_crystal.id                    1 
_exptl_crystal.density_meas          ? 
_exptl_crystal.density_Matthews      2.77 
_exptl_crystal.density_percent_sol   55.66 
_exptl_crystal.description           ? 
_exptl_crystal.F_000                 ? 
_exptl_crystal.preparation           ? 
# 
_exptl_crystal_grow.crystal_id      1 
_exptl_crystal_grow.method          EVAPORATION 
_exptl_crystal_grow.temp            292 
_exptl_crystal_grow.temp_details    ? 
_exptl_crystal_grow.pH              7.0 
_exptl_crystal_grow.pdbx_details    '15% Isopropanol, 1.3M Ammonium Sulpahte , pH 7.0, EVAPORATION, temperature 292K' 
_exptl_crystal_grow.pdbx_pH_range   ? 
# 
_diffrn.id                     1 
_diffrn.ambient_temp           100 
_diffrn.ambient_temp_details   ? 
_diffrn.crystal_id             1 
# 
_diffrn_detector.diffrn_id              1 
_diffrn_detector.detector               CCD 
_diffrn_detector.type                   'ADSC QUANTUM 315r' 
_diffrn_detector.pdbx_collection_date   2009-11-26 
_diffrn_detector.details                mirrors 
# 
_diffrn_radiation.diffrn_id                        1 
_diffrn_radiation.wavelength_id                    1 
_diffrn_radiation.pdbx_monochromatic_or_laue_m_l   M 
_diffrn_radiation.monochromator                    'Si 111 CHANNEL' 
_diffrn_radiation.pdbx_diffrn_protocol             'SINGLE WAVELENGTH' 
_diffrn_radiation.pdbx_scattering_type             x-ray 
# 
_diffrn_radiation_wavelength.id           1 
_diffrn_radiation_wavelength.wavelength   0.9792 
_diffrn_radiation_wavelength.wt           1.0 
# 
_diffrn_source.diffrn_id                   1 
_diffrn_source.source                      SYNCHROTRON 
_diffrn_source.type                        'NSLS BEAMLINE X29A' 
_diffrn_source.pdbx_synchrotron_site       NSLS 
_diffrn_source.pdbx_synchrotron_beamline   X29A 
_diffrn_source.pdbx_wavelength             ? 
_diffrn_source.pdbx_wavelength_list        0.9792 
# 
_reflns.entry_id                     3LDT 
_reflns.observed_criterion_sigma_I   0.0 
_reflns.observed_criterion_sigma_F   0.0 
_reflns.d_resolution_low             50.0 
_reflns.d_resolution_high            2.30 
_reflns.number_obs                   10001 
_reflns.number_all                   10001 
_reflns.percent_possible_obs         100.0 
_reflns.pdbx_Rmerge_I_obs            ? 
_reflns.pdbx_Rsym_value              0.061 
_reflns.pdbx_netI_over_sigmaI        19.9 
_reflns.B_iso_Wilson_estimate        20.6 
_reflns.pdbx_redundancy              27.5 
_reflns.R_free_details               ? 
_reflns.limit_h_max                  ? 
_reflns.limit_h_min                  ? 
_reflns.limit_k_max                  ? 
_reflns.limit_k_min                  ? 
_reflns.limit_l_max                  ? 
_reflns.limit_l_min                  ? 
_reflns.observed_criterion_F_max     ? 
_reflns.observed_criterion_F_min     ? 
_reflns.pdbx_chi_squared             ? 
_reflns.pdbx_scaling_rejects         ? 
_reflns.pdbx_diffrn_id               1 
_reflns.pdbx_ordinal                 1 
# 
_reflns_shell.d_res_high             2.30 
_reflns_shell.d_res_low              2.38 
_reflns_shell.percent_possible_all   100.0 
_reflns_shell.Rmerge_I_obs           ? 
_reflns_shell.pdbx_Rsym_value        0.128 
_reflns_shell.meanI_over_sigI_obs    16.8 
_reflns_shell.pdbx_redundancy        29.1 
_reflns_shell.percent_possible_obs   ? 
_reflns_shell.number_unique_all      966 
_reflns_shell.number_measured_all    ? 
_reflns_shell.number_measured_obs    ? 
_reflns_shell.number_unique_obs      ? 
_reflns_shell.pdbx_chi_squared       ? 
_reflns_shell.pdbx_diffrn_id         ? 
_reflns_shell.pdbx_ordinal           1 
# 
_refine.entry_id                                 3LDT 
_refine.ls_number_reflns_obs                     9955 
_refine.ls_number_reflns_all                     9955 
_refine.pdbx_ls_sigma_I                          0.0 
_refine.pdbx_ls_sigma_F                          0.0 
_refine.pdbx_data_cutoff_high_absF               ? 
_refine.pdbx_data_cutoff_low_absF                ? 
_refine.pdbx_data_cutoff_high_rms_absF           ? 
_refine.ls_d_res_low                             40.07 
_refine.ls_d_res_high                            2.3 
_refine.ls_percent_reflns_obs                    99.6 
_refine.ls_R_factor_obs                          0.262 
_refine.ls_R_factor_all                          0.262 
_refine.ls_R_factor_R_work                       0.262 
_refine.ls_R_factor_R_free                       0.290 
_refine.ls_R_factor_R_free_error                 ? 
_refine.ls_R_factor_R_free_error_details         ? 
_refine.ls_percent_reflns_R_free                 ? 
_refine.ls_number_reflns_R_free                  426 
_refine.ls_number_parameters                     ? 
_refine.ls_number_restraints                     ? 
_refine.occupancy_min                            ? 
_refine.occupancy_max                            ? 
_refine.correlation_coeff_Fo_to_Fc               ? 
_refine.correlation_coeff_Fo_to_Fc_free          ? 
_refine.B_iso_mean                               35.2 
_refine.aniso_B[1][1]                            -1.50 
_refine.aniso_B[2][2]                            -1.50 
_refine.aniso_B[3][3]                            3.00 
_refine.aniso_B[1][2]                            0.00 
_refine.aniso_B[1][3]                            0.00 
_refine.aniso_B[2][3]                            0.00 
_refine.solvent_model_details                    ? 
_refine.solvent_model_param_ksol                 ? 
_refine.solvent_model_param_bsol                 ? 
_refine.pdbx_solvent_vdw_probe_radii             ? 
_refine.pdbx_solvent_ion_probe_radii             ? 
_refine.pdbx_solvent_shrinkage_radii             ? 
_refine.pdbx_ls_cross_valid_method               THROUGHOUT 
_refine.details                                  ? 
_refine.pdbx_starting_model                      ? 
_refine.pdbx_method_to_determine_struct          SAD 
_refine.pdbx_isotropic_thermal_model             Isotropic 
_refine.pdbx_stereochemistry_target_values       'Engh & Huber' 
_refine.pdbx_stereochem_target_val_spec_case     ? 
_refine.pdbx_R_Free_selection_details            RANDOM 
_refine.pdbx_overall_ESU_R                       ? 
_refine.pdbx_overall_ESU_R_Free                  ? 
_refine.overall_SU_ML                            ? 
_refine.overall_SU_B                             ? 
_refine.ls_redundancy_reflns_obs                 ? 
_refine.B_iso_min                                ? 
_refine.B_iso_max                                ? 
_refine.overall_SU_R_Cruickshank_DPI             ? 
_refine.overall_SU_R_free                        ? 
_refine.ls_wR_factor_R_free                      ? 
_refine.ls_wR_factor_R_work                      ? 
_refine.overall_FOM_free_R_set                   ? 
_refine.overall_FOM_work_R_set                   ? 
_refine.pdbx_overall_phase_error                 ? 
_refine.pdbx_refine_id                           'X-RAY DIFFRACTION' 
_refine.pdbx_diffrn_id                           1 
_refine.pdbx_TLS_residual_ADP_flag               ? 
_refine.pdbx_overall_SU_R_free_Cruickshank_DPI   ? 
_refine.pdbx_overall_SU_R_Blow_DPI               ? 
_refine.pdbx_overall_SU_R_free_Blow_DPI          ? 
# 
_refine_analyze.entry_id                        3LDT 
_refine_analyze.Luzzati_coordinate_error_obs    0.33 
_refine_analyze.Luzzati_sigma_a_obs             0.26 
_refine_analyze.Luzzati_d_res_low_obs           5.00 
_refine_analyze.Luzzati_coordinate_error_free   0.40 
_refine_analyze.Luzzati_sigma_a_free            0.35 
_refine_analyze.Luzzati_d_res_low_free          ? 
_refine_analyze.number_disordered_residues      ? 
_refine_analyze.occupancy_sum_hydrogen          ? 
_refine_analyze.occupancy_sum_non_hydrogen      ? 
_refine_analyze.pdbx_Luzzati_d_res_high_obs     ? 
_refine_analyze.pdbx_refine_id                  'X-RAY DIFFRACTION' 
# 
_refine_hist.pdbx_refine_id                   'X-RAY DIFFRACTION' 
_refine_hist.cycle_id                         LAST 
_refine_hist.pdbx_number_atoms_protein        1157 
_refine_hist.pdbx_number_atoms_nucleic_acid   0 
_refine_hist.pdbx_number_atoms_ligand         18 
_refine_hist.number_atoms_solvent             70 
_refine_hist.number_atoms_total               1245 
_refine_hist.d_res_high                       2.3 
_refine_hist.d_res_low                        40.07 
# 
_refine_ls_shell.pdbx_total_number_of_bins_used   ? 
_refine_ls_shell.d_res_high                       2.30 
_refine_ls_shell.d_res_low                        2.44 
_refine_ls_shell.number_reflns_R_work             ? 
_refine_ls_shell.R_factor_R_work                  0.294 
_refine_ls_shell.percent_reflns_obs               99.3 
_refine_ls_shell.R_factor_R_free                  0.332 
_refine_ls_shell.R_factor_R_free_error            0.038 
_refine_ls_shell.percent_reflns_R_free            ? 
_refine_ls_shell.number_reflns_R_free             75 
_refine_ls_shell.number_reflns_all                ? 
_refine_ls_shell.R_factor_all                     ? 
_refine_ls_shell.number_reflns_obs                1533 
_refine_ls_shell.redundancy_reflns_obs            ? 
_refine_ls_shell.pdbx_refine_id                   'X-RAY DIFFRACTION' 
# 
_struct.entry_id                  3LDT 
_struct.title                     'Crystal structure of an Outer membrane protein(OmpA)from Legionella pneumophila' 
_struct.pdbx_model_details        ? 
_struct.pdbx_CASP_flag            ? 
_struct.pdbx_model_type_details   ? 
# 
_struct_keywords.entry_id        3LDT 
_struct_keywords.pdbx_keywords   'MEMBRANE PROTEIN' 
_struct_keywords.text            
;OmpA-like domain, PSI-II, NYSGXRC, Structural Genomics, Protein Structure Initiative, New York SGX Research Center for Structural Genomics, MEMBRANE PROTEIN
;
# 
loop_
_struct_asym.id 
_struct_asym.pdbx_blank_PDB_chainid_flag 
_struct_asym.pdbx_modified 
_struct_asym.entity_id 
_struct_asym.details 
A N N 1 ? 
B N N 2 ? 
C N N 2 ? 
D N N 2 ? 
E N N 3 ? 
# 
_struct_ref.id                         1 
_struct_ref.db_name                    UNP 
_struct_ref.db_code                    Q5ZXS4_LEGPH 
_struct_ref.pdbx_db_accession          Q5ZXS4 
_struct_ref.entity_id                  1 
_struct_ref.pdbx_seq_one_letter_code   
;SGTLIGAAAGGTVGLVASIYRDSKRKIIRDLQKQDIQYVEYGDTRTLIIPTDKYFMFSSPRLNEICYPGLNNVIRLLNFY
PQSTIYVAGFTDNVGSRSHKRKLSQAQAETMMTFLWANGIAAKRLKAEGYGDKNAISDNAIIHGSAQNRRIEIQWFTS
;
_struct_ref.pdbx_align_begin           79 
_struct_ref.pdbx_db_isoform            ? 
# 
_struct_ref_seq.align_id                      1 
_struct_ref_seq.ref_id                        1 
_struct_ref_seq.pdbx_PDB_id_code              3LDT 
_struct_ref_seq.pdbx_strand_id                A 
_struct_ref_seq.seq_align_beg                 4 
_struct_ref_seq.pdbx_seq_align_beg_ins_code   ? 
_struct_ref_seq.seq_align_end                 161 
_struct_ref_seq.pdbx_seq_align_end_ins_code   ? 
_struct_ref_seq.pdbx_db_accession             Q5ZXS4 
_struct_ref_seq.db_align_beg                  79 
_struct_ref_seq.pdbx_db_align_beg_ins_code    ? 
_struct_ref_seq.db_align_end                  236 
_struct_ref_seq.pdbx_db_align_end_ins_code    ? 
_struct_ref_seq.pdbx_auth_seq_align_beg       79 
_struct_ref_seq.pdbx_auth_seq_align_end       236 
# 
loop_
_struct_ref_seq_dif.align_id 
_struct_ref_seq_dif.pdbx_pdb_id_code 
_struct_ref_seq_dif.mon_id 
_struct_ref_seq_dif.pdbx_pdb_strand_id 
_struct_ref_seq_dif.seq_num 
_struct_ref_seq_dif.pdbx_pdb_ins_code 
_struct_ref_seq_dif.pdbx_seq_db_name 
_struct_ref_seq_dif.pdbx_seq_db_accession_code 
_struct_ref_seq_dif.db_mon_id 
_struct_ref_seq_dif.pdbx_seq_db_seq_num 
_struct_ref_seq_dif.details 
_struct_ref_seq_dif.pdbx_auth_seq_num 
_struct_ref_seq_dif.pdbx_ordinal 
1 3LDT MSE A 1   ? UNP Q5ZXS4 ? ? 'expression tag' 76  1  
1 3LDT SER A 2   ? UNP Q5ZXS4 ? ? 'expression tag' 77  2  
1 3LDT LEU A 3   ? UNP Q5ZXS4 ? ? 'expression tag' 78  3  
1 3LDT GLU A 162 ? UNP Q5ZXS4 ? ? 'expression tag' 237 4  
1 3LDT GLY A 163 ? UNP Q5ZXS4 ? ? 'expression tag' 238 5  
1 3LDT HIS A 164 ? UNP Q5ZXS4 ? ? 'expression tag' 239 6  
1 3LDT HIS A 165 ? UNP Q5ZXS4 ? ? 'expression tag' 240 7  
1 3LDT HIS A 166 ? UNP Q5ZXS4 ? ? 'expression tag' 241 8  
1 3LDT HIS A 167 ? UNP Q5ZXS4 ? ? 'expression tag' 242 9  
1 3LDT HIS A 168 ? UNP Q5ZXS4 ? ? 'expression tag' 243 10 
1 3LDT HIS A 169 ? UNP Q5ZXS4 ? ? 'expression tag' 244 11 
# 
_pdbx_struct_assembly.id                   1 
_pdbx_struct_assembly.details              author_and_software_defined_assembly 
_pdbx_struct_assembly.method_details       PISA 
_pdbx_struct_assembly.oligomeric_details   dimeric 
_pdbx_struct_assembly.oligomeric_count     2 
# 
loop_
_pdbx_struct_assembly_prop.biol_id 
_pdbx_struct_assembly_prop.type 
_pdbx_struct_assembly_prop.value 
_pdbx_struct_assembly_prop.details 
1 'ABSA (A^2)' 3350  ? 
1 MORE         -18   ? 
1 'SSA (A^2)'  14640 ? 
# 
_pdbx_struct_assembly_gen.assembly_id       1 
_pdbx_struct_assembly_gen.oper_expression   1,2 
_pdbx_struct_assembly_gen.asym_id_list      A,B,C,D,E 
# 
loop_
_pdbx_struct_oper_list.id 
_pdbx_struct_oper_list.type 
_pdbx_struct_oper_list.name 
_pdbx_struct_oper_list.symmetry_operation 
_pdbx_struct_oper_list.matrix[1][1] 
_pdbx_struct_oper_list.matrix[1][2] 
_pdbx_struct_oper_list.matrix[1][3] 
_pdbx_struct_oper_list.vector[1] 
_pdbx_struct_oper_list.matrix[2][1] 
_pdbx_struct_oper_list.matrix[2][2] 
_pdbx_struct_oper_list.matrix[2][3] 
_pdbx_struct_oper_list.vector[2] 
_pdbx_struct_oper_list.matrix[3][1] 
_pdbx_struct_oper_list.matrix[3][2] 
_pdbx_struct_oper_list.matrix[3][3] 
_pdbx_struct_oper_list.vector[3] 
1 'identity operation'         1_555 x,y,z              1.0000000000  0.0000000000 0.0000000000 0.0000000000  0.0000000000 1.0000000000 0.0000000000 0.0000000000 0.0000000000 0.0000000000 1.0000000000  0.0000000000   
2 'crystal symmetry operation' 7_545 y+1/2,x-1/2,-z+1/2 -0.9974403259 0.0662189817 0.0269785602 22.0284051455 0.0662189817 0.7130905674 0.6979375968 6.9957895676 0.0269785602 0.6979375968 -0.7156502415 -19.2612057841 
# 
_struct_biol.id        1 
_struct_biol.details   ? 
# 
loop_
_struct_conf.conf_type_id 
_struct_conf.id 
_struct_conf.pdbx_PDB_helix_id 
_struct_conf.beg_label_comp_id 
_struct_conf.beg_label_asym_id 
_struct_conf.beg_label_seq_id 
_struct_conf.pdbx_beg_PDB_ins_code 
_struct_conf.end_label_comp_id 
_struct_conf.end_label_asym_id 
_struct_conf.end_label_seq_id 
_struct_conf.pdbx_end_PDB_ins_code 
_struct_conf.beg_auth_comp_id 
_struct_conf.beg_auth_asym_id 
_struct_conf.beg_auth_seq_id 
_struct_conf.end_auth_comp_id 
_struct_conf.end_auth_asym_id 
_struct_conf.end_auth_seq_id 
_struct_conf.pdbx_PDB_helix_class 
_struct_conf.details 
_struct_conf.pdbx_PDB_helix_length 
HELX_P HELX_P1 1 ALA A 20  ? GLN A 37  ? ALA A 95  GLN A 112 1 ? 18 
HELX_P HELX_P2 2 SER A 62  ? TYR A 70  ? SER A 137 TYR A 145 1 ? 9  
HELX_P HELX_P3 3 TYR A 70  ? ASN A 81  ? TYR A 145 ASN A 156 1 ? 12 
HELX_P HELX_P4 4 LYS A 103 ? ASN A 121 ? LYS A 178 ASN A 196 1 ? 19 
HELX_P HELX_P5 5 HIS A 146 ? ASN A 151 ? HIS A 221 ASN A 226 5 ? 6  
# 
_struct_conf_type.id          HELX_P 
_struct_conf_type.criteria    ? 
_struct_conf_type.reference   ? 
# 
loop_
_struct_conn.id 
_struct_conn.conn_type_id 
_struct_conn.pdbx_leaving_atom_flag 
_struct_conn.pdbx_PDB_id 
_struct_conn.ptnr1_label_asym_id 
_struct_conn.ptnr1_label_comp_id 
_struct_conn.ptnr1_label_seq_id 
_struct_conn.ptnr1_label_atom_id 
_struct_conn.pdbx_ptnr1_label_alt_id 
_struct_conn.pdbx_ptnr1_PDB_ins_code 
_struct_conn.pdbx_ptnr1_standard_comp_id 
_struct_conn.ptnr1_symmetry 
_struct_conn.ptnr2_label_asym_id 
_struct_conn.ptnr2_label_comp_id 
_struct_conn.ptnr2_label_seq_id 
_struct_conn.ptnr2_label_atom_id 
_struct_conn.pdbx_ptnr2_label_alt_id 
_struct_conn.pdbx_ptnr2_PDB_ins_code 
_struct_conn.ptnr1_auth_asym_id 
_struct_conn.ptnr1_auth_comp_id 
_struct_conn.ptnr1_auth_seq_id 
_struct_conn.ptnr2_auth_asym_id 
_struct_conn.ptnr2_auth_comp_id 
_struct_conn.ptnr2_auth_seq_id 
_struct_conn.ptnr2_symmetry 
_struct_conn.pdbx_ptnr3_label_atom_id 
_struct_conn.pdbx_ptnr3_label_seq_id 
_struct_conn.pdbx_ptnr3_label_comp_id 
_struct_conn.pdbx_ptnr3_label_asym_id 
_struct_conn.pdbx_ptnr3_label_alt_id 
_struct_conn.pdbx_ptnr3_PDB_ins_code 
_struct_conn.details 
_struct_conn.pdbx_dist_value 
_struct_conn.pdbx_value_order 
_struct_conn.pdbx_role 
covale1 covale both ? A PHE 58  C ? ? ? 1_555 A MSE 59  N ? ? A PHE 133 A MSE 134 1_555 ? ? ? ? ? ? ? 1.329 ? ? 
covale2 covale both ? A THR 113 C ? ? ? 1_555 A MSE 114 N ? ? A THR 188 A MSE 189 1_555 ? ? ? ? ? ? ? 1.329 ? ? 
covale3 covale both ? A MSE 114 C ? ? ? 1_555 A MSE 115 N ? ? A MSE 189 A MSE 190 1_555 ? ? ? ? ? ? ? 1.326 ? ? 
covale4 covale both ? A MSE 115 C ? ? ? 1_555 A THR 116 N ? ? A MSE 190 A THR 191 1_555 ? ? ? ? ? ? ? 1.326 ? ? 
# 
_struct_conn_type.id          covale 
_struct_conn_type.criteria    ? 
_struct_conn_type.reference   ? 
# 
loop_
_pdbx_modification_feature.ordinal 
_pdbx_modification_feature.label_comp_id 
_pdbx_modification_feature.label_asym_id 
_pdbx_modification_feature.label_seq_id 
_pdbx_modification_feature.label_alt_id 
_pdbx_modification_feature.modified_residue_label_comp_id 
_pdbx_modification_feature.modified_residue_label_asym_id 
_pdbx_modification_feature.modified_residue_label_seq_id 
_pdbx_modification_feature.modified_residue_label_alt_id 
_pdbx_modification_feature.auth_comp_id 
_pdbx_modification_feature.auth_asym_id 
_pdbx_modification_feature.auth_seq_id 
_pdbx_modification_feature.PDB_ins_code 
_pdbx_modification_feature.symmetry 
_pdbx_modification_feature.modified_residue_auth_comp_id 
_pdbx_modification_feature.modified_residue_auth_asym_id 
_pdbx_modification_feature.modified_residue_auth_seq_id 
_pdbx_modification_feature.modified_residue_PDB_ins_code 
_pdbx_modification_feature.modified_residue_symmetry 
_pdbx_modification_feature.comp_id_linking_atom 
_pdbx_modification_feature.modified_residue_id_linking_atom 
_pdbx_modification_feature.modified_residue_id 
_pdbx_modification_feature.ref_pcm_id 
_pdbx_modification_feature.ref_comp_id 
_pdbx_modification_feature.type 
_pdbx_modification_feature.category 
1 MSE A 59  ? . . . . MSE A 134 ? 1_555 . . . . . . . MET 1 MSE Selenomethionine 'Named protein modification' 
2 MSE A 114 ? . . . . MSE A 189 ? 1_555 . . . . . . . MET 1 MSE Selenomethionine 'Named protein modification' 
3 MSE A 115 ? . . . . MSE A 190 ? 1_555 . . . . . . . MET 1 MSE Selenomethionine 'Named protein modification' 
# 
_struct_sheet.id               A 
_struct_sheet.type             ? 
_struct_sheet.number_strands   5 
_struct_sheet.details          ? 
# 
loop_
_struct_sheet_order.sheet_id 
_struct_sheet_order.range_id_1 
_struct_sheet_order.range_id_2 
_struct_sheet_order.offset 
_struct_sheet_order.sense 
A 1 2 ? anti-parallel 
A 2 3 ? anti-parallel 
A 3 4 ? anti-parallel 
A 4 5 ? parallel      
# 
loop_
_struct_sheet_range.sheet_id 
_struct_sheet_range.id 
_struct_sheet_range.beg_label_comp_id 
_struct_sheet_range.beg_label_asym_id 
_struct_sheet_range.beg_label_seq_id 
_struct_sheet_range.pdbx_beg_PDB_ins_code 
_struct_sheet_range.end_label_comp_id 
_struct_sheet_range.end_label_asym_id 
_struct_sheet_range.end_label_seq_id 
_struct_sheet_range.pdbx_end_PDB_ins_code 
_struct_sheet_range.beg_auth_comp_id 
_struct_sheet_range.beg_auth_asym_id 
_struct_sheet_range.beg_auth_seq_id 
_struct_sheet_range.end_auth_comp_id 
_struct_sheet_range.end_auth_asym_id 
_struct_sheet_range.end_auth_seq_id 
A 1 GLN A 40  ? TYR A 44  ? GLN A 115 TYR A 119 
A 2 THR A 47  ? PRO A 53  ? THR A 122 PRO A 128 
A 3 ARG A 153 ? PHE A 159 ? ARG A 228 PHE A 234 
A 4 ILE A 88  ? PHE A 93  ? ILE A 163 PHE A 168 
A 5 LEU A 128 ? ALA A 130 ? LEU A 203 ALA A 205 
# 
loop_
_pdbx_struct_sheet_hbond.sheet_id 
_pdbx_struct_sheet_hbond.range_id_1 
_pdbx_struct_sheet_hbond.range_id_2 
_pdbx_struct_sheet_hbond.range_1_label_atom_id 
_pdbx_struct_sheet_hbond.range_1_label_comp_id 
_pdbx_struct_sheet_hbond.range_1_label_asym_id 
_pdbx_struct_sheet_hbond.range_1_label_seq_id 
_pdbx_struct_sheet_hbond.range_1_PDB_ins_code 
_pdbx_struct_sheet_hbond.range_1_auth_atom_id 
_pdbx_struct_sheet_hbond.range_1_auth_comp_id 
_pdbx_struct_sheet_hbond.range_1_auth_asym_id 
_pdbx_struct_sheet_hbond.range_1_auth_seq_id 
_pdbx_struct_sheet_hbond.range_2_label_atom_id 
_pdbx_struct_sheet_hbond.range_2_label_comp_id 
_pdbx_struct_sheet_hbond.range_2_label_asym_id 
_pdbx_struct_sheet_hbond.range_2_label_seq_id 
_pdbx_struct_sheet_hbond.range_2_PDB_ins_code 
_pdbx_struct_sheet_hbond.range_2_auth_atom_id 
_pdbx_struct_sheet_hbond.range_2_auth_comp_id 
_pdbx_struct_sheet_hbond.range_2_auth_asym_id 
_pdbx_struct_sheet_hbond.range_2_auth_seq_id 
A 1 2 N VAL A 42  ? N VAL A 117 O THR A 49  ? O THR A 124 
A 2 3 N ILE A 52  ? N ILE A 127 O ILE A 154 ? O ILE A 229 
A 3 4 O GLN A 157 ? O GLN A 232 N TYR A 89  ? N TYR A 164 
A 4 5 N ILE A 88  ? N ILE A 163 O LYS A 129 ? O LYS A 204 
# 
loop_
_struct_site.id 
_struct_site.pdbx_evidence_code 
_struct_site.pdbx_auth_asym_id 
_struct_site.pdbx_auth_comp_id 
_struct_site.pdbx_auth_seq_id 
_struct_site.pdbx_auth_ins_code 
_struct_site.pdbx_num_residues 
_struct_site.details 
AC1 Software A GOL 501 ? 6 'BINDING SITE FOR RESIDUE GOL A 501' 
AC2 Software A GOL 502 ? 3 'BINDING SITE FOR RESIDUE GOL A 502' 
AC3 Software A GOL 503 ? 5 'BINDING SITE FOR RESIDUE GOL A 503' 
# 
loop_
_struct_site_gen.id 
_struct_site_gen.site_id 
_struct_site_gen.pdbx_num_res 
_struct_site_gen.label_comp_id 
_struct_site_gen.label_asym_id 
_struct_site_gen.label_seq_id 
_struct_site_gen.pdbx_auth_ins_code 
_struct_site_gen.auth_comp_id 
_struct_site_gen.auth_asym_id 
_struct_site_gen.auth_seq_id 
_struct_site_gen.label_atom_id 
_struct_site_gen.label_alt_id 
_struct_site_gen.symmetry 
_struct_site_gen.details 
1  AC1 6 SER A 99  ? SER A 174 . ? 1_555 ? 
2  AC1 6 ARG A 100 ? ARG A 175 . ? 1_555 ? 
3  AC1 6 TRP A 119 ? TRP A 194 . ? 3_645 ? 
4  AC1 6 ALA A 124 ? ALA A 199 . ? 3_645 ? 
5  AC1 6 ALA A 125 ? ALA A 200 . ? 3_645 ? 
6  AC1 6 LYS A 126 ? LYS A 201 . ? 3_645 ? 
7  AC2 3 GLU A 112 ? GLU A 187 . ? 1_555 ? 
8  AC2 3 THR A 116 ? THR A 191 . ? 7_545 ? 
9  AC2 3 TRP A 119 ? TRP A 194 . ? 7_545 ? 
10 AC3 5 PHE A 58  ? PHE A 133 . ? 7_545 ? 
11 AC3 5 SER A 62  ? SER A 137 . ? 1_555 ? 
12 AC3 5 ARG A 64  ? ARG A 139 . ? 1_555 ? 
13 AC3 5 THR A 94  ? THR A 169 . ? 7_545 ? 
14 AC3 5 LEU A 106 ? LEU A 181 . ? 7_545 ? 
# 
_pdbx_entry_details.entry_id                   3LDT 
_pdbx_entry_details.compound_details           ? 
_pdbx_entry_details.source_details             ? 
_pdbx_entry_details.nonpolymer_details         ? 
_pdbx_entry_details.sequence_details           ? 
_pdbx_entry_details.has_ligand_of_interest     ? 
_pdbx_entry_details.has_protein_modification   Y 
# 
_pdbx_validate_rmsd_angle.id                         1 
_pdbx_validate_rmsd_angle.PDB_model_num              1 
_pdbx_validate_rmsd_angle.auth_atom_id_1             N 
_pdbx_validate_rmsd_angle.auth_asym_id_1             A 
_pdbx_validate_rmsd_angle.auth_comp_id_1             GLY 
_pdbx_validate_rmsd_angle.auth_seq_id_1              173 
_pdbx_validate_rmsd_angle.PDB_ins_code_1             ? 
_pdbx_validate_rmsd_angle.label_alt_id_1             ? 
_pdbx_validate_rmsd_angle.auth_atom_id_2             CA 
_pdbx_validate_rmsd_angle.auth_asym_id_2             A 
_pdbx_validate_rmsd_angle.auth_comp_id_2             GLY 
_pdbx_validate_rmsd_angle.auth_seq_id_2              173 
_pdbx_validate_rmsd_angle.PDB_ins_code_2             ? 
_pdbx_validate_rmsd_angle.label_alt_id_2             ? 
_pdbx_validate_rmsd_angle.auth_atom_id_3             C 
_pdbx_validate_rmsd_angle.auth_asym_id_3             A 
_pdbx_validate_rmsd_angle.auth_comp_id_3             GLY 
_pdbx_validate_rmsd_angle.auth_seq_id_3              173 
_pdbx_validate_rmsd_angle.PDB_ins_code_3             ? 
_pdbx_validate_rmsd_angle.label_alt_id_3             ? 
_pdbx_validate_rmsd_angle.angle_value                149.21 
_pdbx_validate_rmsd_angle.angle_target_value         113.10 
_pdbx_validate_rmsd_angle.angle_deviation            36.11 
_pdbx_validate_rmsd_angle.angle_standard_deviation   2.50 
_pdbx_validate_rmsd_angle.linker_flag                N 
# 
loop_
_pdbx_validate_torsion.id 
_pdbx_validate_torsion.PDB_model_num 
_pdbx_validate_torsion.auth_comp_id 
_pdbx_validate_torsion.auth_asym_id 
_pdbx_validate_torsion.auth_seq_id 
_pdbx_validate_torsion.PDB_ins_code 
_pdbx_validate_torsion.label_alt_id 
_pdbx_validate_torsion.phi 
_pdbx_validate_torsion.psi 
1 1 LEU A 93  ? ? 106.06  -60.23  
2 1 PHE A 168 ? ? -153.46 86.07   
3 1 ASP A 170 ? ? -58.66  23.64   
4 1 SER A 174 ? ? 101.23  -117.56 
5 1 ASN A 226 ? ? -97.41  -61.90  
# 
_pdbx_SG_project.id                    1 
_pdbx_SG_project.project_name          'PSI, Protein Structure Initiative' 
_pdbx_SG_project.full_name_of_center   'New York SGX Research Center for Structural Genomics' 
_pdbx_SG_project.initial_of_center     NYSGXRC 
# 
loop_
_pdbx_struct_mod_residue.id 
_pdbx_struct_mod_residue.label_asym_id 
_pdbx_struct_mod_residue.label_comp_id 
_pdbx_struct_mod_residue.label_seq_id 
_pdbx_struct_mod_residue.auth_asym_id 
_pdbx_struct_mod_residue.auth_comp_id 
_pdbx_struct_mod_residue.auth_seq_id 
_pdbx_struct_mod_residue.PDB_ins_code 
_pdbx_struct_mod_residue.parent_comp_id 
_pdbx_struct_mod_residue.details 
1 A MSE 59  A MSE 134 ? MET SELENOMETHIONINE 
2 A MSE 114 A MSE 189 ? MET SELENOMETHIONINE 
3 A MSE 115 A MSE 190 ? MET SELENOMETHIONINE 
# 
loop_
_pdbx_struct_special_symmetry.id 
_pdbx_struct_special_symmetry.PDB_model_num 
_pdbx_struct_special_symmetry.auth_asym_id 
_pdbx_struct_special_symmetry.auth_comp_id 
_pdbx_struct_special_symmetry.auth_seq_id 
_pdbx_struct_special_symmetry.PDB_ins_code 
_pdbx_struct_special_symmetry.label_asym_id 
_pdbx_struct_special_symmetry.label_comp_id 
_pdbx_struct_special_symmetry.label_seq_id 
1 1 A HOH 264 ? E HOH . 
2 1 A HOH 267 ? E HOH . 
# 
loop_
_pdbx_unobs_or_zero_occ_residues.id 
_pdbx_unobs_or_zero_occ_residues.PDB_model_num 
_pdbx_unobs_or_zero_occ_residues.polymer_flag 
_pdbx_unobs_or_zero_occ_residues.occupancy_flag 
_pdbx_unobs_or_zero_occ_residues.auth_asym_id 
_pdbx_unobs_or_zero_occ_residues.auth_comp_id 
_pdbx_unobs_or_zero_occ_residues.auth_seq_id 
_pdbx_unobs_or_zero_occ_residues.PDB_ins_code 
_pdbx_unobs_or_zero_occ_residues.label_asym_id 
_pdbx_unobs_or_zero_occ_residues.label_comp_id 
_pdbx_unobs_or_zero_occ_residues.label_seq_id 
1  1 Y 1 A MSE 76  ? A MSE 1   
2  1 Y 1 A SER 77  ? A SER 2   
3  1 Y 1 A LEU 78  ? A LEU 3   
4  1 Y 1 A SER 79  ? A SER 4   
5  1 Y 1 A GLY 80  ? A GLY 5   
6  1 Y 1 A THR 81  ? A THR 6   
7  1 Y 1 A LEU 82  ? A LEU 7   
8  1 Y 1 A ILE 83  ? A ILE 8   
9  1 Y 1 A GLY 84  ? A GLY 9   
10 1 Y 1 A ALA 85  ? A ALA 10  
11 1 Y 1 A ALA 86  ? A ALA 11  
12 1 Y 1 A ALA 87  ? A ALA 12  
13 1 Y 1 A GLY 88  ? A GLY 13  
14 1 Y 1 A GLY 89  ? A GLY 14  
15 1 Y 1 A THR 90  ? A THR 15  
16 1 Y 1 A VAL 91  ? A VAL 16  
17 1 Y 1 A PHE 135 ? A PHE 60  
18 1 Y 1 A SER 176 ? A SER 101 
19 1 Y 1 A HIS 177 ? A HIS 102 
20 1 Y 1 A HIS 239 ? A HIS 164 
21 1 Y 1 A HIS 240 ? A HIS 165 
22 1 Y 1 A HIS 241 ? A HIS 166 
23 1 Y 1 A HIS 242 ? A HIS 167 
24 1 Y 1 A HIS 243 ? A HIS 168 
25 1 Y 1 A HIS 244 ? A HIS 169 
# 
loop_
_chem_comp_atom.comp_id 
_chem_comp_atom.atom_id 
_chem_comp_atom.type_symbol 
_chem_comp_atom.pdbx_aromatic_flag 
_chem_comp_atom.pdbx_stereo_config 
_chem_comp_atom.pdbx_ordinal 
ALA N    N  N N 1   
ALA CA   C  N S 2   
ALA C    C  N N 3   
ALA O    O  N N 4   
ALA CB   C  N N 5   
ALA OXT  O  N N 6   
ALA H    H  N N 7   
ALA H2   H  N N 8   
ALA HA   H  N N 9   
ALA HB1  H  N N 10  
ALA HB2  H  N N 11  
ALA HB3  H  N N 12  
ALA HXT  H  N N 13  
ARG N    N  N N 14  
ARG CA   C  N S 15  
ARG C    C  N N 16  
ARG O    O  N N 17  
ARG CB   C  N N 18  
ARG CG   C  N N 19  
ARG CD   C  N N 20  
ARG NE   N  N N 21  
ARG CZ   C  N N 22  
ARG NH1  N  N N 23  
ARG NH2  N  N N 24  
ARG OXT  O  N N 25  
ARG H    H  N N 26  
ARG H2   H  N N 27  
ARG HA   H  N N 28  
ARG HB2  H  N N 29  
ARG HB3  H  N N 30  
ARG HG2  H  N N 31  
ARG HG3  H  N N 32  
ARG HD2  H  N N 33  
ARG HD3  H  N N 34  
ARG HE   H  N N 35  
ARG HH11 H  N N 36  
ARG HH12 H  N N 37  
ARG HH21 H  N N 38  
ARG HH22 H  N N 39  
ARG HXT  H  N N 40  
ASN N    N  N N 41  
ASN CA   C  N S 42  
ASN C    C  N N 43  
ASN O    O  N N 44  
ASN CB   C  N N 45  
ASN CG   C  N N 46  
ASN OD1  O  N N 47  
ASN ND2  N  N N 48  
ASN OXT  O  N N 49  
ASN H    H  N N 50  
ASN H2   H  N N 51  
ASN HA   H  N N 52  
ASN HB2  H  N N 53  
ASN HB3  H  N N 54  
ASN HD21 H  N N 55  
ASN HD22 H  N N 56  
ASN HXT  H  N N 57  
ASP N    N  N N 58  
ASP CA   C  N S 59  
ASP C    C  N N 60  
ASP O    O  N N 61  
ASP CB   C  N N 62  
ASP CG   C  N N 63  
ASP OD1  O  N N 64  
ASP OD2  O  N N 65  
ASP OXT  O  N N 66  
ASP H    H  N N 67  
ASP H2   H  N N 68  
ASP HA   H  N N 69  
ASP HB2  H  N N 70  
ASP HB3  H  N N 71  
ASP HD2  H  N N 72  
ASP HXT  H  N N 73  
CYS N    N  N N 74  
CYS CA   C  N R 75  
CYS C    C  N N 76  
CYS O    O  N N 77  
CYS CB   C  N N 78  
CYS SG   S  N N 79  
CYS OXT  O  N N 80  
CYS H    H  N N 81  
CYS H2   H  N N 82  
CYS HA   H  N N 83  
CYS HB2  H  N N 84  
CYS HB3  H  N N 85  
CYS HG   H  N N 86  
CYS HXT  H  N N 87  
GLN N    N  N N 88  
GLN CA   C  N S 89  
GLN C    C  N N 90  
GLN O    O  N N 91  
GLN CB   C  N N 92  
GLN CG   C  N N 93  
GLN CD   C  N N 94  
GLN OE1  O  N N 95  
GLN NE2  N  N N 96  
GLN OXT  O  N N 97  
GLN H    H  N N 98  
GLN H2   H  N N 99  
GLN HA   H  N N 100 
GLN HB2  H  N N 101 
GLN HB3  H  N N 102 
GLN HG2  H  N N 103 
GLN HG3  H  N N 104 
GLN HE21 H  N N 105 
GLN HE22 H  N N 106 
GLN HXT  H  N N 107 
GLU N    N  N N 108 
GLU CA   C  N S 109 
GLU C    C  N N 110 
GLU O    O  N N 111 
GLU CB   C  N N 112 
GLU CG   C  N N 113 
GLU CD   C  N N 114 
GLU OE1  O  N N 115 
GLU OE2  O  N N 116 
GLU OXT  O  N N 117 
GLU H    H  N N 118 
GLU H2   H  N N 119 
GLU HA   H  N N 120 
GLU HB2  H  N N 121 
GLU HB3  H  N N 122 
GLU HG2  H  N N 123 
GLU HG3  H  N N 124 
GLU HE2  H  N N 125 
GLU HXT  H  N N 126 
GLY N    N  N N 127 
GLY CA   C  N N 128 
GLY C    C  N N 129 
GLY O    O  N N 130 
GLY OXT  O  N N 131 
GLY H    H  N N 132 
GLY H2   H  N N 133 
GLY HA2  H  N N 134 
GLY HA3  H  N N 135 
GLY HXT  H  N N 136 
GOL C1   C  N N 137 
GOL O1   O  N N 138 
GOL C2   C  N N 139 
GOL O2   O  N N 140 
GOL C3   C  N N 141 
GOL O3   O  N N 142 
GOL H11  H  N N 143 
GOL H12  H  N N 144 
GOL HO1  H  N N 145 
GOL H2   H  N N 146 
GOL HO2  H  N N 147 
GOL H31  H  N N 148 
GOL H32  H  N N 149 
GOL HO3  H  N N 150 
HIS N    N  N N 151 
HIS CA   C  N S 152 
HIS C    C  N N 153 
HIS O    O  N N 154 
HIS CB   C  N N 155 
HIS CG   C  Y N 156 
HIS ND1  N  Y N 157 
HIS CD2  C  Y N 158 
HIS CE1  C  Y N 159 
HIS NE2  N  Y N 160 
HIS OXT  O  N N 161 
HIS H    H  N N 162 
HIS H2   H  N N 163 
HIS HA   H  N N 164 
HIS HB2  H  N N 165 
HIS HB3  H  N N 166 
HIS HD1  H  N N 167 
HIS HD2  H  N N 168 
HIS HE1  H  N N 169 
HIS HE2  H  N N 170 
HIS HXT  H  N N 171 
HOH O    O  N N 172 
HOH H1   H  N N 173 
HOH H2   H  N N 174 
ILE N    N  N N 175 
ILE CA   C  N S 176 
ILE C    C  N N 177 
ILE O    O  N N 178 
ILE CB   C  N S 179 
ILE CG1  C  N N 180 
ILE CG2  C  N N 181 
ILE CD1  C  N N 182 
ILE OXT  O  N N 183 
ILE H    H  N N 184 
ILE H2   H  N N 185 
ILE HA   H  N N 186 
ILE HB   H  N N 187 
ILE HG12 H  N N 188 
ILE HG13 H  N N 189 
ILE HG21 H  N N 190 
ILE HG22 H  N N 191 
ILE HG23 H  N N 192 
ILE HD11 H  N N 193 
ILE HD12 H  N N 194 
ILE HD13 H  N N 195 
ILE HXT  H  N N 196 
LEU N    N  N N 197 
LEU CA   C  N S 198 
LEU C    C  N N 199 
LEU O    O  N N 200 
LEU CB   C  N N 201 
LEU CG   C  N N 202 
LEU CD1  C  N N 203 
LEU CD2  C  N N 204 
LEU OXT  O  N N 205 
LEU H    H  N N 206 
LEU H2   H  N N 207 
LEU HA   H  N N 208 
LEU HB2  H  N N 209 
LEU HB3  H  N N 210 
LEU HG   H  N N 211 
LEU HD11 H  N N 212 
LEU HD12 H  N N 213 
LEU HD13 H  N N 214 
LEU HD21 H  N N 215 
LEU HD22 H  N N 216 
LEU HD23 H  N N 217 
LEU HXT  H  N N 218 
LYS N    N  N N 219 
LYS CA   C  N S 220 
LYS C    C  N N 221 
LYS O    O  N N 222 
LYS CB   C  N N 223 
LYS CG   C  N N 224 
LYS CD   C  N N 225 
LYS CE   C  N N 226 
LYS NZ   N  N N 227 
LYS OXT  O  N N 228 
LYS H    H  N N 229 
LYS H2   H  N N 230 
LYS HA   H  N N 231 
LYS HB2  H  N N 232 
LYS HB3  H  N N 233 
LYS HG2  H  N N 234 
LYS HG3  H  N N 235 
LYS HD2  H  N N 236 
LYS HD3  H  N N 237 
LYS HE2  H  N N 238 
LYS HE3  H  N N 239 
LYS HZ1  H  N N 240 
LYS HZ2  H  N N 241 
LYS HZ3  H  N N 242 
LYS HXT  H  N N 243 
MSE N    N  N N 244 
MSE CA   C  N S 245 
MSE C    C  N N 246 
MSE O    O  N N 247 
MSE OXT  O  N N 248 
MSE CB   C  N N 249 
MSE CG   C  N N 250 
MSE SE   SE N N 251 
MSE CE   C  N N 252 
MSE H    H  N N 253 
MSE H2   H  N N 254 
MSE HA   H  N N 255 
MSE HXT  H  N N 256 
MSE HB2  H  N N 257 
MSE HB3  H  N N 258 
MSE HG2  H  N N 259 
MSE HG3  H  N N 260 
MSE HE1  H  N N 261 
MSE HE2  H  N N 262 
MSE HE3  H  N N 263 
PHE N    N  N N 264 
PHE CA   C  N S 265 
PHE C    C  N N 266 
PHE O    O  N N 267 
PHE CB   C  N N 268 
PHE CG   C  Y N 269 
PHE CD1  C  Y N 270 
PHE CD2  C  Y N 271 
PHE CE1  C  Y N 272 
PHE CE2  C  Y N 273 
PHE CZ   C  Y N 274 
PHE OXT  O  N N 275 
PHE H    H  N N 276 
PHE H2   H  N N 277 
PHE HA   H  N N 278 
PHE HB2  H  N N 279 
PHE HB3  H  N N 280 
PHE HD1  H  N N 281 
PHE HD2  H  N N 282 
PHE HE1  H  N N 283 
PHE HE2  H  N N 284 
PHE HZ   H  N N 285 
PHE HXT  H  N N 286 
PRO N    N  N N 287 
PRO CA   C  N S 288 
PRO C    C  N N 289 
PRO O    O  N N 290 
PRO CB   C  N N 291 
PRO CG   C  N N 292 
PRO CD   C  N N 293 
PRO OXT  O  N N 294 
PRO H    H  N N 295 
PRO HA   H  N N 296 
PRO HB2  H  N N 297 
PRO HB3  H  N N 298 
PRO HG2  H  N N 299 
PRO HG3  H  N N 300 
PRO HD2  H  N N 301 
PRO HD3  H  N N 302 
PRO HXT  H  N N 303 
SER N    N  N N 304 
SER CA   C  N S 305 
SER C    C  N N 306 
SER O    O  N N 307 
SER CB   C  N N 308 
SER OG   O  N N 309 
SER OXT  O  N N 310 
SER H    H  N N 311 
SER H2   H  N N 312 
SER HA   H  N N 313 
SER HB2  H  N N 314 
SER HB3  H  N N 315 
SER HG   H  N N 316 
SER HXT  H  N N 317 
THR N    N  N N 318 
THR CA   C  N S 319 
THR C    C  N N 320 
THR O    O  N N 321 
THR CB   C  N R 322 
THR OG1  O  N N 323 
THR CG2  C  N N 324 
THR OXT  O  N N 325 
THR H    H  N N 326 
THR H2   H  N N 327 
THR HA   H  N N 328 
THR HB   H  N N 329 
THR HG1  H  N N 330 
THR HG21 H  N N 331 
THR HG22 H  N N 332 
THR HG23 H  N N 333 
THR HXT  H  N N 334 
TRP N    N  N N 335 
TRP CA   C  N S 336 
TRP C    C  N N 337 
TRP O    O  N N 338 
TRP CB   C  N N 339 
TRP CG   C  Y N 340 
TRP CD1  C  Y N 341 
TRP CD2  C  Y N 342 
TRP NE1  N  Y N 343 
TRP CE2  C  Y N 344 
TRP CE3  C  Y N 345 
TRP CZ2  C  Y N 346 
TRP CZ3  C  Y N 347 
TRP CH2  C  Y N 348 
TRP OXT  O  N N 349 
TRP H    H  N N 350 
TRP H2   H  N N 351 
TRP HA   H  N N 352 
TRP HB2  H  N N 353 
TRP HB3  H  N N 354 
TRP HD1  H  N N 355 
TRP HE1  H  N N 356 
TRP HE3  H  N N 357 
TRP HZ2  H  N N 358 
TRP HZ3  H  N N 359 
TRP HH2  H  N N 360 
TRP HXT  H  N N 361 
TYR N    N  N N 362 
TYR CA   C  N S 363 
TYR C    C  N N 364 
TYR O    O  N N 365 
TYR CB   C  N N 366 
TYR CG   C  Y N 367 
TYR CD1  C  Y N 368 
TYR CD2  C  Y N 369 
TYR CE1  C  Y N 370 
TYR CE2  C  Y N 371 
TYR CZ   C  Y N 372 
TYR OH   O  N N 373 
TYR OXT  O  N N 374 
TYR H    H  N N 375 
TYR H2   H  N N 376 
TYR HA   H  N N 377 
TYR HB2  H  N N 378 
TYR HB3  H  N N 379 
TYR HD1  H  N N 380 
TYR HD2  H  N N 381 
TYR HE1  H  N N 382 
TYR HE2  H  N N 383 
TYR HH   H  N N 384 
TYR HXT  H  N N 385 
VAL N    N  N N 386 
VAL CA   C  N S 387 
VAL C    C  N N 388 
VAL O    O  N N 389 
VAL CB   C  N N 390 
VAL CG1  C  N N 391 
VAL CG2  C  N N 392 
VAL OXT  O  N N 393 
VAL H    H  N N 394 
VAL H2   H  N N 395 
VAL HA   H  N N 396 
VAL HB   H  N N 397 
VAL HG11 H  N N 398 
VAL HG12 H  N N 399 
VAL HG13 H  N N 400 
VAL HG21 H  N N 401 
VAL HG22 H  N N 402 
VAL HG23 H  N N 403 
VAL HXT  H  N N 404 
# 
loop_
_chem_comp_bond.comp_id 
_chem_comp_bond.atom_id_1 
_chem_comp_bond.atom_id_2 
_chem_comp_bond.value_order 
_chem_comp_bond.pdbx_aromatic_flag 
_chem_comp_bond.pdbx_stereo_config 
_chem_comp_bond.pdbx_ordinal 
ALA N   CA   sing N N 1   
ALA N   H    sing N N 2   
ALA N   H2   sing N N 3   
ALA CA  C    sing N N 4   
ALA CA  CB   sing N N 5   
ALA CA  HA   sing N N 6   
ALA C   O    doub N N 7   
ALA C   OXT  sing N N 8   
ALA CB  HB1  sing N N 9   
ALA CB  HB2  sing N N 10  
ALA CB  HB3  sing N N 11  
ALA OXT HXT  sing N N 12  
ARG N   CA   sing N N 13  
ARG N   H    sing N N 14  
ARG N   H2   sing N N 15  
ARG CA  C    sing N N 16  
ARG CA  CB   sing N N 17  
ARG CA  HA   sing N N 18  
ARG C   O    doub N N 19  
ARG C   OXT  sing N N 20  
ARG CB  CG   sing N N 21  
ARG CB  HB2  sing N N 22  
ARG CB  HB3  sing N N 23  
ARG CG  CD   sing N N 24  
ARG CG  HG2  sing N N 25  
ARG CG  HG3  sing N N 26  
ARG CD  NE   sing N N 27  
ARG CD  HD2  sing N N 28  
ARG CD  HD3  sing N N 29  
ARG NE  CZ   sing N N 30  
ARG NE  HE   sing N N 31  
ARG CZ  NH1  sing N N 32  
ARG CZ  NH2  doub N N 33  
ARG NH1 HH11 sing N N 34  
ARG NH1 HH12 sing N N 35  
ARG NH2 HH21 sing N N 36  
ARG NH2 HH22 sing N N 37  
ARG OXT HXT  sing N N 38  
ASN N   CA   sing N N 39  
ASN N   H    sing N N 40  
ASN N   H2   sing N N 41  
ASN CA  C    sing N N 42  
ASN CA  CB   sing N N 43  
ASN CA  HA   sing N N 44  
ASN C   O    doub N N 45  
ASN C   OXT  sing N N 46  
ASN CB  CG   sing N N 47  
ASN CB  HB2  sing N N 48  
ASN CB  HB3  sing N N 49  
ASN CG  OD1  doub N N 50  
ASN CG  ND2  sing N N 51  
ASN ND2 HD21 sing N N 52  
ASN ND2 HD22 sing N N 53  
ASN OXT HXT  sing N N 54  
ASP N   CA   sing N N 55  
ASP N   H    sing N N 56  
ASP N   H2   sing N N 57  
ASP CA  C    sing N N 58  
ASP CA  CB   sing N N 59  
ASP CA  HA   sing N N 60  
ASP C   O    doub N N 61  
ASP C   OXT  sing N N 62  
ASP CB  CG   sing N N 63  
ASP CB  HB2  sing N N 64  
ASP CB  HB3  sing N N 65  
ASP CG  OD1  doub N N 66  
ASP CG  OD2  sing N N 67  
ASP OD2 HD2  sing N N 68  
ASP OXT HXT  sing N N 69  
CYS N   CA   sing N N 70  
CYS N   H    sing N N 71  
CYS N   H2   sing N N 72  
CYS CA  C    sing N N 73  
CYS CA  CB   sing N N 74  
CYS CA  HA   sing N N 75  
CYS C   O    doub N N 76  
CYS C   OXT  sing N N 77  
CYS CB  SG   sing N N 78  
CYS CB  HB2  sing N N 79  
CYS CB  HB3  sing N N 80  
CYS SG  HG   sing N N 81  
CYS OXT HXT  sing N N 82  
GLN N   CA   sing N N 83  
GLN N   H    sing N N 84  
GLN N   H2   sing N N 85  
GLN CA  C    sing N N 86  
GLN CA  CB   sing N N 87  
GLN CA  HA   sing N N 88  
GLN C   O    doub N N 89  
GLN C   OXT  sing N N 90  
GLN CB  CG   sing N N 91  
GLN CB  HB2  sing N N 92  
GLN CB  HB3  sing N N 93  
GLN CG  CD   sing N N 94  
GLN CG  HG2  sing N N 95  
GLN CG  HG3  sing N N 96  
GLN CD  OE1  doub N N 97  
GLN CD  NE2  sing N N 98  
GLN NE2 HE21 sing N N 99  
GLN NE2 HE22 sing N N 100 
GLN OXT HXT  sing N N 101 
GLU N   CA   sing N N 102 
GLU N   H    sing N N 103 
GLU N   H2   sing N N 104 
GLU CA  C    sing N N 105 
GLU CA  CB   sing N N 106 
GLU CA  HA   sing N N 107 
GLU C   O    doub N N 108 
GLU C   OXT  sing N N 109 
GLU CB  CG   sing N N 110 
GLU CB  HB2  sing N N 111 
GLU CB  HB3  sing N N 112 
GLU CG  CD   sing N N 113 
GLU CG  HG2  sing N N 114 
GLU CG  HG3  sing N N 115 
GLU CD  OE1  doub N N 116 
GLU CD  OE2  sing N N 117 
GLU OE2 HE2  sing N N 118 
GLU OXT HXT  sing N N 119 
GLY N   CA   sing N N 120 
GLY N   H    sing N N 121 
GLY N   H2   sing N N 122 
GLY CA  C    sing N N 123 
GLY CA  HA2  sing N N 124 
GLY CA  HA3  sing N N 125 
GLY C   O    doub N N 126 
GLY C   OXT  sing N N 127 
GLY OXT HXT  sing N N 128 
GOL C1  O1   sing N N 129 
GOL C1  C2   sing N N 130 
GOL C1  H11  sing N N 131 
GOL C1  H12  sing N N 132 
GOL O1  HO1  sing N N 133 
GOL C2  O2   sing N N 134 
GOL C2  C3   sing N N 135 
GOL C2  H2   sing N N 136 
GOL O2  HO2  sing N N 137 
GOL C3  O3   sing N N 138 
GOL C3  H31  sing N N 139 
GOL C3  H32  sing N N 140 
GOL O3  HO3  sing N N 141 
HIS N   CA   sing N N 142 
HIS N   H    sing N N 143 
HIS N   H2   sing N N 144 
HIS CA  C    sing N N 145 
HIS CA  CB   sing N N 146 
HIS CA  HA   sing N N 147 
HIS C   O    doub N N 148 
HIS C   OXT  sing N N 149 
HIS CB  CG   sing N N 150 
HIS CB  HB2  sing N N 151 
HIS CB  HB3  sing N N 152 
HIS CG  ND1  sing Y N 153 
HIS CG  CD2  doub Y N 154 
HIS ND1 CE1  doub Y N 155 
HIS ND1 HD1  sing N N 156 
HIS CD2 NE2  sing Y N 157 
HIS CD2 HD2  sing N N 158 
HIS CE1 NE2  sing Y N 159 
HIS CE1 HE1  sing N N 160 
HIS NE2 HE2  sing N N 161 
HIS OXT HXT  sing N N 162 
HOH O   H1   sing N N 163 
HOH O   H2   sing N N 164 
ILE N   CA   sing N N 165 
ILE N   H    sing N N 166 
ILE N   H2   sing N N 167 
ILE CA  C    sing N N 168 
ILE CA  CB   sing N N 169 
ILE CA  HA   sing N N 170 
ILE C   O    doub N N 171 
ILE C   OXT  sing N N 172 
ILE CB  CG1  sing N N 173 
ILE CB  CG2  sing N N 174 
ILE CB  HB   sing N N 175 
ILE CG1 CD1  sing N N 176 
ILE CG1 HG12 sing N N 177 
ILE CG1 HG13 sing N N 178 
ILE CG2 HG21 sing N N 179 
ILE CG2 HG22 sing N N 180 
ILE CG2 HG23 sing N N 181 
ILE CD1 HD11 sing N N 182 
ILE CD1 HD12 sing N N 183 
ILE CD1 HD13 sing N N 184 
ILE OXT HXT  sing N N 185 
LEU N   CA   sing N N 186 
LEU N   H    sing N N 187 
LEU N   H2   sing N N 188 
LEU CA  C    sing N N 189 
LEU CA  CB   sing N N 190 
LEU CA  HA   sing N N 191 
LEU C   O    doub N N 192 
LEU C   OXT  sing N N 193 
LEU CB  CG   sing N N 194 
LEU CB  HB2  sing N N 195 
LEU CB  HB3  sing N N 196 
LEU CG  CD1  sing N N 197 
LEU CG  CD2  sing N N 198 
LEU CG  HG   sing N N 199 
LEU CD1 HD11 sing N N 200 
LEU CD1 HD12 sing N N 201 
LEU CD1 HD13 sing N N 202 
LEU CD2 HD21 sing N N 203 
LEU CD2 HD22 sing N N 204 
LEU CD2 HD23 sing N N 205 
LEU OXT HXT  sing N N 206 
LYS N   CA   sing N N 207 
LYS N   H    sing N N 208 
LYS N   H2   sing N N 209 
LYS CA  C    sing N N 210 
LYS CA  CB   sing N N 211 
LYS CA  HA   sing N N 212 
LYS C   O    doub N N 213 
LYS C   OXT  sing N N 214 
LYS CB  CG   sing N N 215 
LYS CB  HB2  sing N N 216 
LYS CB  HB3  sing N N 217 
LYS CG  CD   sing N N 218 
LYS CG  HG2  sing N N 219 
LYS CG  HG3  sing N N 220 
LYS CD  CE   sing N N 221 
LYS CD  HD2  sing N N 222 
LYS CD  HD3  sing N N 223 
LYS CE  NZ   sing N N 224 
LYS CE  HE2  sing N N 225 
LYS CE  HE3  sing N N 226 
LYS NZ  HZ1  sing N N 227 
LYS NZ  HZ2  sing N N 228 
LYS NZ  HZ3  sing N N 229 
LYS OXT HXT  sing N N 230 
MSE N   CA   sing N N 231 
MSE N   H    sing N N 232 
MSE N   H2   sing N N 233 
MSE CA  C    sing N N 234 
MSE CA  CB   sing N N 235 
MSE CA  HA   sing N N 236 
MSE C   O    doub N N 237 
MSE C   OXT  sing N N 238 
MSE OXT HXT  sing N N 239 
MSE CB  CG   sing N N 240 
MSE CB  HB2  sing N N 241 
MSE CB  HB3  sing N N 242 
MSE CG  SE   sing N N 243 
MSE CG  HG2  sing N N 244 
MSE CG  HG3  sing N N 245 
MSE SE  CE   sing N N 246 
MSE CE  HE1  sing N N 247 
MSE CE  HE2  sing N N 248 
MSE CE  HE3  sing N N 249 
PHE N   CA   sing N N 250 
PHE N   H    sing N N 251 
PHE N   H2   sing N N 252 
PHE CA  C    sing N N 253 
PHE CA  CB   sing N N 254 
PHE CA  HA   sing N N 255 
PHE C   O    doub N N 256 
PHE C   OXT  sing N N 257 
PHE CB  CG   sing N N 258 
PHE CB  HB2  sing N N 259 
PHE CB  HB3  sing N N 260 
PHE CG  CD1  doub Y N 261 
PHE CG  CD2  sing Y N 262 
PHE CD1 CE1  sing Y N 263 
PHE CD1 HD1  sing N N 264 
PHE CD2 CE2  doub Y N 265 
PHE CD2 HD2  sing N N 266 
PHE CE1 CZ   doub Y N 267 
PHE CE1 HE1  sing N N 268 
PHE CE2 CZ   sing Y N 269 
PHE CE2 HE2  sing N N 270 
PHE CZ  HZ   sing N N 271 
PHE OXT HXT  sing N N 272 
PRO N   CA   sing N N 273 
PRO N   CD   sing N N 274 
PRO N   H    sing N N 275 
PRO CA  C    sing N N 276 
PRO CA  CB   sing N N 277 
PRO CA  HA   sing N N 278 
PRO C   O    doub N N 279 
PRO C   OXT  sing N N 280 
PRO CB  CG   sing N N 281 
PRO CB  HB2  sing N N 282 
PRO CB  HB3  sing N N 283 
PRO CG  CD   sing N N 284 
PRO CG  HG2  sing N N 285 
PRO CG  HG3  sing N N 286 
PRO CD  HD2  sing N N 287 
PRO CD  HD3  sing N N 288 
PRO OXT HXT  sing N N 289 
SER N   CA   sing N N 290 
SER N   H    sing N N 291 
SER N   H2   sing N N 292 
SER CA  C    sing N N 293 
SER CA  CB   sing N N 294 
SER CA  HA   sing N N 295 
SER C   O    doub N N 296 
SER C   OXT  sing N N 297 
SER CB  OG   sing N N 298 
SER CB  HB2  sing N N 299 
SER CB  HB3  sing N N 300 
SER OG  HG   sing N N 301 
SER OXT HXT  sing N N 302 
THR N   CA   sing N N 303 
THR N   H    sing N N 304 
THR N   H2   sing N N 305 
THR CA  C    sing N N 306 
THR CA  CB   sing N N 307 
THR CA  HA   sing N N 308 
THR C   O    doub N N 309 
THR C   OXT  sing N N 310 
THR CB  OG1  sing N N 311 
THR CB  CG2  sing N N 312 
THR CB  HB   sing N N 313 
THR OG1 HG1  sing N N 314 
THR CG2 HG21 sing N N 315 
THR CG2 HG22 sing N N 316 
THR CG2 HG23 sing N N 317 
THR OXT HXT  sing N N 318 
TRP N   CA   sing N N 319 
TRP N   H    sing N N 320 
TRP N   H2   sing N N 321 
TRP CA  C    sing N N 322 
TRP CA  CB   sing N N 323 
TRP CA  HA   sing N N 324 
TRP C   O    doub N N 325 
TRP C   OXT  sing N N 326 
TRP CB  CG   sing N N 327 
TRP CB  HB2  sing N N 328 
TRP CB  HB3  sing N N 329 
TRP CG  CD1  doub Y N 330 
TRP CG  CD2  sing Y N 331 
TRP CD1 NE1  sing Y N 332 
TRP CD1 HD1  sing N N 333 
TRP CD2 CE2  doub Y N 334 
TRP CD2 CE3  sing Y N 335 
TRP NE1 CE2  sing Y N 336 
TRP NE1 HE1  sing N N 337 
TRP CE2 CZ2  sing Y N 338 
TRP CE3 CZ3  doub Y N 339 
TRP CE3 HE3  sing N N 340 
TRP CZ2 CH2  doub Y N 341 
TRP CZ2 HZ2  sing N N 342 
TRP CZ3 CH2  sing Y N 343 
TRP CZ3 HZ3  sing N N 344 
TRP CH2 HH2  sing N N 345 
TRP OXT HXT  sing N N 346 
TYR N   CA   sing N N 347 
TYR N   H    sing N N 348 
TYR N   H2   sing N N 349 
TYR CA  C    sing N N 350 
TYR CA  CB   sing N N 351 
TYR CA  HA   sing N N 352 
TYR C   O    doub N N 353 
TYR C   OXT  sing N N 354 
TYR CB  CG   sing N N 355 
TYR CB  HB2  sing N N 356 
TYR CB  HB3  sing N N 357 
TYR CG  CD1  doub Y N 358 
TYR CG  CD2  sing Y N 359 
TYR CD1 CE1  sing Y N 360 
TYR CD1 HD1  sing N N 361 
TYR CD2 CE2  doub Y N 362 
TYR CD2 HD2  sing N N 363 
TYR CE1 CZ   doub Y N 364 
TYR CE1 HE1  sing N N 365 
TYR CE2 CZ   sing Y N 366 
TYR CE2 HE2  sing N N 367 
TYR CZ  OH   sing N N 368 
TYR OH  HH   sing N N 369 
TYR OXT HXT  sing N N 370 
VAL N   CA   sing N N 371 
VAL N   H    sing N N 372 
VAL N   H2   sing N N 373 
VAL CA  C    sing N N 374 
VAL CA  CB   sing N N 375 
VAL CA  HA   sing N N 376 
VAL C   O    doub N N 377 
VAL C   OXT  sing N N 378 
VAL CB  CG1  sing N N 379 
VAL CB  CG2  sing N N 380 
VAL CB  HB   sing N N 381 
VAL CG1 HG11 sing N N 382 
VAL CG1 HG12 sing N N 383 
VAL CG1 HG13 sing N N 384 
VAL CG2 HG21 sing N N 385 
VAL CG2 HG22 sing N N 386 
VAL CG2 HG23 sing N N 387 
VAL OXT HXT  sing N N 388 
# 
_atom_sites.entry_id                    3LDT 
_atom_sites.fract_transf_matrix[1][1]   -0.00813303 
_atom_sites.fract_transf_matrix[1][2]   0.00744479 
_atom_sites.fract_transf_matrix[1][3]   0.00652112 
_atom_sites.fract_transf_matrix[2][1]   0.00878113 
_atom_sites.fract_transf_matrix[2][2]   0.00932159 
_atom_sites.fract_transf_matrix[2][3]   0.00030974 
_atom_sites.fract_transf_matrix[3][1]   -0.00254494 
_atom_sites.fract_transf_matrix[3][2]   0.00260154 
_atom_sites.fract_transf_matrix[3][3]   -0.00614403 
_atom_sites.fract_transf_vector[1]      0.887805 
_atom_sites.fract_transf_vector[2]      0.135138 
_atom_sites.fract_transf_vector[3]      0.209773 
# 
loop_
_atom_type.symbol 
C  
N  
O  
S  
SE 
# 
loop_
_atom_site.group_PDB 
_atom_site.id 
_atom_site.type_symbol 
_atom_site.label_atom_id 
_atom_site.label_alt_id 
_atom_site.label_comp_id 
_atom_site.label_asym_id 
_atom_site.label_entity_id 
_atom_site.label_seq_id 
_atom_site.pdbx_PDB_ins_code 
_atom_site.Cartn_x 
_atom_site.Cartn_y 
_atom_site.Cartn_z 
_atom_site.occupancy 
_atom_site.B_iso_or_equiv 
_atom_site.pdbx_formal_charge 
_atom_site.auth_seq_id 
_atom_site.auth_comp_id 
_atom_site.auth_asym_id 
_atom_site.auth_atom_id 
_atom_site.pdbx_PDB_model_num 
ATOM   1    N  N   . GLY A 1 17  ? 1.205   -17.796 22.465  1.00 62.50 ? 92  GLY A N   1 
ATOM   2    C  CA  . GLY A 1 17  ? 0.592   -16.576 23.048  1.00 62.51 ? 92  GLY A CA  1 
ATOM   3    C  C   . GLY A 1 17  ? 1.646   -15.774 23.772  1.00 62.67 ? 92  GLY A C   1 
ATOM   4    O  O   . GLY A 1 17  ? 2.598   -16.361 24.286  1.00 62.84 ? 92  GLY A O   1 
ATOM   5    N  N   . LEU A 1 18  ? 1.463   -14.453 23.826  1.00 62.45 ? 93  LEU A N   1 
ATOM   6    C  CA  . LEU A 1 18  ? 2.408   -13.521 24.451  1.00 62.20 ? 93  LEU A CA  1 
ATOM   7    C  C   . LEU A 1 18  ? 3.076   -12.830 23.280  1.00 61.12 ? 93  LEU A C   1 
ATOM   8    O  O   . LEU A 1 18  ? 3.020   -11.610 23.135  1.00 61.30 ? 93  LEU A O   1 
ATOM   9    C  CB  . LEU A 1 18  ? 3.473   -14.263 25.264  1.00 62.76 ? 93  LEU A CB  1 
ATOM   10   C  CG  . LEU A 1 18  ? 4.683   -13.559 25.888  1.00 63.76 ? 93  LEU A CG  1 
ATOM   11   C  CD1 . LEU A 1 18  ? 5.591   -14.649 26.440  1.00 64.66 ? 93  LEU A CD1 1 
ATOM   12   C  CD2 . LEU A 1 18  ? 5.458   -12.716 24.875  1.00 64.68 ? 93  LEU A CD2 1 
ATOM   13   N  N   . VAL A 1 19  ? 3.730   -13.642 22.458  1.00 60.28 ? 94  VAL A N   1 
ATOM   14   C  CA  . VAL A 1 19  ? 4.410   -13.168 21.265  1.00 60.14 ? 94  VAL A CA  1 
ATOM   15   C  C   . VAL A 1 19  ? 3.365   -13.185 20.141  1.00 59.61 ? 94  VAL A C   1 
ATOM   16   O  O   . VAL A 1 19  ? 3.679   -13.124 18.955  1.00 61.11 ? 94  VAL A O   1 
ATOM   17   C  CB  . VAL A 1 19  ? 5.628   -14.077 20.939  1.00 60.50 ? 94  VAL A CB  1 
ATOM   18   C  CG1 . VAL A 1 19  ? 6.144   -13.819 19.533  1.00 60.60 ? 94  VAL A CG1 1 
ATOM   19   C  CG2 . VAL A 1 19  ? 6.747   -13.801 21.943  1.00 60.49 ? 94  VAL A CG2 1 
ATOM   20   N  N   . ALA A 1 20  ? 2.104   -13.277 20.546  1.00 58.26 ? 95  ALA A N   1 
ATOM   21   C  CA  . ALA A 1 20  ? 0.971   -13.260 19.628  1.00 56.46 ? 95  ALA A CA  1 
ATOM   22   C  C   . ALA A 1 20  ? 0.133   -12.168 20.244  1.00 55.46 ? 95  ALA A C   1 
ATOM   23   O  O   . ALA A 1 20  ? -0.767  -11.600 19.626  1.00 55.24 ? 95  ALA A O   1 
ATOM   24   C  CB  . ALA A 1 20  ? 0.228   -14.581 19.668  1.00 56.07 ? 95  ALA A CB  1 
ATOM   25   N  N   . SER A 1 21  ? 0.459   -11.896 21.499  1.00 53.96 ? 96  SER A N   1 
ATOM   26   C  CA  . SER A 1 21  ? -0.202  -10.868 22.275  1.00 52.94 ? 96  SER A CA  1 
ATOM   27   C  C   . SER A 1 21  ? 0.408   -9.555  21.825  1.00 50.24 ? 96  SER A C   1 
ATOM   28   O  O   . SER A 1 21  ? -0.294  -8.597  21.502  1.00 50.71 ? 96  SER A O   1 
ATOM   29   C  CB  . SER A 1 21  ? 0.078   -11.088 23.765  1.00 54.34 ? 96  SER A CB  1 
ATOM   30   O  OG  . SER A 1 21  ? -0.409  -10.008 24.537  1.00 57.03 ? 96  SER A OG  1 
ATOM   31   N  N   . ILE A 1 22  ? 1.733   -9.536  21.794  1.00 47.58 ? 97  ILE A N   1 
ATOM   32   C  CA  . ILE A 1 22  ? 2.477   -8.355  21.395  1.00 44.78 ? 97  ILE A CA  1 
ATOM   33   C  C   . ILE A 1 22  ? 2.253   -8.027  19.919  1.00 42.29 ? 97  ILE A C   1 
ATOM   34   O  O   . ILE A 1 22  ? 2.062   -6.865  19.560  1.00 41.23 ? 97  ILE A O   1 
ATOM   35   C  CB  . ILE A 1 22  ? 3.989   -8.552  21.660  1.00 43.95 ? 97  ILE A CB  1 
ATOM   36   C  CG1 . ILE A 1 22  ? 4.234   -8.715  23.164  1.00 44.55 ? 97  ILE A CG1 1 
ATOM   37   C  CG2 . ILE A 1 22  ? 4.782   -7.373  21.116  1.00 44.13 ? 97  ILE A CG2 1 
ATOM   38   C  CD1 . ILE A 1 22  ? 5.666   -9.032  23.522  1.00 41.44 ? 97  ILE A CD1 1 
ATOM   39   N  N   . TYR A 1 23  ? 2.275   -9.046  19.068  1.00 39.71 ? 98  TYR A N   1 
ATOM   40   C  CA  . TYR A 1 23  ? 2.083   -8.829  17.648  1.00 38.21 ? 98  TYR A CA  1 
ATOM   41   C  C   . TYR A 1 23  ? 0.722   -8.209  17.321  1.00 36.21 ? 98  TYR A C   1 
ATOM   42   O  O   . TYR A 1 23  ? 0.664   -7.184  16.654  1.00 35.30 ? 98  TYR A O   1 
ATOM   43   C  CB  . TYR A 1 23  ? 2.306   -10.142 16.875  1.00 39.89 ? 98  TYR A CB  1 
ATOM   44   C  CG  . TYR A 1 23  ? 3.753   -10.362 16.436  1.00 41.76 ? 98  TYR A CG  1 
ATOM   45   C  CD1 . TYR A 1 23  ? 4.361   -9.503  15.516  1.00 40.87 ? 98  TYR A CD1 1 
ATOM   46   C  CD2 . TYR A 1 23  ? 4.521   -11.410 16.960  1.00 42.49 ? 98  TYR A CD2 1 
ATOM   47   C  CE1 . TYR A 1 23  ? 5.696   -9.680  15.121  1.00 40.88 ? 98  TYR A CE1 1 
ATOM   48   C  CE2 . TYR A 1 23  ? 5.862   -11.596 16.572  1.00 41.84 ? 98  TYR A CE2 1 
ATOM   49   C  CZ  . TYR A 1 23  ? 6.443   -10.722 15.654  1.00 42.03 ? 98  TYR A CZ  1 
ATOM   50   O  OH  . TYR A 1 23  ? 7.762   -10.880 15.274  1.00 40.11 ? 98  TYR A OH  1 
ATOM   51   N  N   . ARG A 1 24  ? -0.367  -8.806  17.800  1.00 35.85 ? 99  ARG A N   1 
ATOM   52   C  CA  . ARG A 1 24  ? -1.701  -8.269  17.525  1.00 35.81 ? 99  ARG A CA  1 
ATOM   53   C  C   . ARG A 1 24  ? -1.834  -6.827  17.981  1.00 34.04 ? 99  ARG A C   1 
ATOM   54   O  O   . ARG A 1 24  ? -2.374  -5.995  17.261  1.00 33.32 ? 99  ARG A O   1 
ATOM   55   C  CB  . ARG A 1 24  ? -2.802  -9.092  18.208  1.00 38.56 ? 99  ARG A CB  1 
ATOM   56   C  CG  . ARG A 1 24  ? -3.036  -10.497 17.613  1.00 43.48 ? 99  ARG A CG  1 
ATOM   57   C  CD  . ARG A 1 24  ? -4.366  -11.087 18.103  1.00 46.70 ? 99  ARG A CD  1 
ATOM   58   N  NE  . ARG A 1 24  ? -4.391  -11.317 19.552  1.00 50.45 ? 99  ARG A NE  1 
ATOM   59   C  CZ  . ARG A 1 24  ? -3.943  -12.429 20.138  1.00 52.72 ? 99  ARG A CZ  1 
ATOM   60   N  NH1 . ARG A 1 24  ? -3.436  -13.409 19.394  1.00 53.13 ? 99  ARG A NH1 1 
ATOM   61   N  NH2 . ARG A 1 24  ? -4.007  -12.573 21.464  1.00 53.11 ? 99  ARG A NH2 1 
ATOM   62   N  N   . ASP A 1 25  ? -1.346  -6.541  19.181  1.00 31.41 ? 100 ASP A N   1 
ATOM   63   C  CA  . ASP A 1 25  ? -1.411  -5.198  19.734  1.00 30.32 ? 100 ASP A CA  1 
ATOM   64   C  C   . ASP A 1 25  ? -0.595  -4.215  18.886  1.00 28.51 ? 100 ASP A C   1 
ATOM   65   O  O   . ASP A 1 25  ? -1.026  -3.092  18.640  1.00 26.86 ? 100 ASP A O   1 
ATOM   66   C  CB  . ASP A 1 25  ? -0.916  -5.227  21.186  1.00 33.23 ? 100 ASP A CB  1 
ATOM   67   C  CG  . ASP A 1 25  ? -0.786  -3.846  21.794  1.00 36.50 ? 100 ASP A CG  1 
ATOM   68   O  OD1 . ASP A 1 25  ? 0.298   -3.229  21.656  1.00 40.00 ? 100 ASP A OD1 1 
ATOM   69   O  OD2 . ASP A 1 25  ? -1.767  -3.374  22.407  1.00 38.46 ? 100 ASP A OD2 1 
ATOM   70   N  N   . SER A 1 26  ? 0.575   -4.646  18.427  1.00 27.02 ? 101 SER A N   1 
ATOM   71   C  CA  . SER A 1 26  ? 1.426   -3.793  17.597  1.00 26.82 ? 101 SER A CA  1 
ATOM   72   C  C   . SER A 1 26  ? 0.744   -3.463  16.275  1.00 25.06 ? 101 SER A C   1 
ATOM   73   O  O   . SER A 1 26  ? 0.735   -2.311  15.841  1.00 25.00 ? 101 SER A O   1 
ATOM   74   C  CB  . SER A 1 26  ? 2.767   -4.479  17.311  1.00 25.90 ? 101 SER A CB  1 
ATOM   75   O  OG  . SER A 1 26  ? 3.504   -4.672  18.503  1.00 29.55 ? 101 SER A OG  1 
ATOM   76   N  N   . LYS A 1 27  ? 0.178   -4.484  15.637  1.00 24.49 ? 102 LYS A N   1 
ATOM   77   C  CA  . LYS A 1 27  ? -0.502  -4.311  14.364  1.00 23.12 ? 102 LYS A CA  1 
ATOM   78   C  C   . LYS A 1 27  ? -1.629  -3.291  14.473  1.00 22.40 ? 102 LYS A C   1 
ATOM   79   O  O   . LYS A 1 27  ? -1.757  -2.413  13.619  1.00 21.63 ? 102 LYS A O   1 
ATOM   80   C  CB  . LYS A 1 27  ? -1.047  -5.651  13.865  1.00 24.08 ? 102 LYS A CB  1 
ATOM   81   C  CG  . LYS A 1 27  ? -1.525  -5.617  12.414  1.00 25.80 ? 102 LYS A CG  1 
ATOM   82   C  CD  . LYS A 1 27  ? -1.634  -7.019  11.808  1.00 26.86 ? 102 LYS A CD  1 
ATOM   83   C  CE  . LYS A 1 27  ? -2.871  -7.751  12.288  1.00 31.32 ? 102 LYS A CE  1 
ATOM   84   N  NZ  . LYS A 1 27  ? -4.122  -7.021  11.939  1.00 32.43 ? 102 LYS A NZ  1 
ATOM   85   N  N   . ARG A 1 28  ? -2.433  -3.388  15.528  1.00 20.25 ? 103 ARG A N   1 
ATOM   86   C  CA  . ARG A 1 28  ? -3.533  -2.443  15.703  1.00 22.02 ? 103 ARG A CA  1 
ATOM   87   C  C   . ARG A 1 28  ? -3.007  -1.007  15.814  1.00 21.54 ? 103 ARG A C   1 
ATOM   88   O  O   . ARG A 1 28  ? -3.634  -0.065  15.332  1.00 20.87 ? 103 ARG A O   1 
ATOM   89   C  CB  . ARG A 1 28  ? -4.375  -2.795  16.942  1.00 23.23 ? 103 ARG A CB  1 
ATOM   90   C  CG  . ARG A 1 28  ? -5.185  -4.094  16.817  1.00 27.16 ? 103 ARG A CG  1 
ATOM   91   C  CD  . ARG A 1 28  ? -6.165  -4.299  17.986  1.00 29.45 ? 103 ARG A CD  1 
ATOM   92   N  NE  . ARG A 1 28  ? -5.487  -4.585  19.251  1.00 32.64 ? 103 ARG A NE  1 
ATOM   93   C  CZ  . ARG A 1 28  ? -5.139  -5.802  19.666  1.00 33.88 ? 103 ARG A CZ  1 
ATOM   94   N  NH1 . ARG A 1 28  ? -5.410  -6.866  18.921  1.00 33.88 ? 103 ARG A NH1 1 
ATOM   95   N  NH2 . ARG A 1 28  ? -4.507  -5.957  20.822  1.00 32.85 ? 103 ARG A NH2 1 
ATOM   96   N  N   . LYS A 1 29  ? -1.847  -0.841  16.437  1.00 21.11 ? 104 LYS A N   1 
ATOM   97   C  CA  . LYS A 1 29  ? -1.277  0.488   16.585  1.00 19.41 ? 104 LYS A CA  1 
ATOM   98   C  C   . LYS A 1 29  ? -0.712  0.989   15.265  1.00 16.27 ? 104 LYS A C   1 
ATOM   99   O  O   . LYS A 1 29  ? -0.842  2.163   14.935  1.00 16.09 ? 104 LYS A O   1 
ATOM   100  C  CB  . LYS A 1 29  ? -0.208  0.476   17.686  1.00 22.44 ? 104 LYS A CB  1 
ATOM   101  C  CG  . LYS A 1 29  ? -0.828  0.197   19.048  1.00 27.23 ? 104 LYS A CG  1 
ATOM   102  C  CD  . LYS A 1 29  ? 0.193   -0.031  20.144  1.00 31.18 ? 104 LYS A CD  1 
ATOM   103  C  CE  . LYS A 1 29  ? -0.515  -0.280  21.471  1.00 34.46 ? 104 LYS A CE  1 
ATOM   104  N  NZ  . LYS A 1 29  ? 0.429   -0.653  22.570  1.00 36.37 ? 104 LYS A NZ  1 
ATOM   105  N  N   . ILE A 1 30  ? -0.087  0.100   14.509  1.00 15.76 ? 105 ILE A N   1 
ATOM   106  C  CA  . ILE A 1 30  ? 0.458   0.482   13.208  1.00 15.65 ? 105 ILE A CA  1 
ATOM   107  C  C   . ILE A 1 30  ? -0.687  0.996   12.333  1.00 15.20 ? 105 ILE A C   1 
ATOM   108  O  O   . ILE A 1 30  ? -0.597  2.060   11.727  1.00 13.50 ? 105 ILE A O   1 
ATOM   109  C  CB  . ILE A 1 30  ? 1.136   -0.720  12.523  1.00 14.99 ? 105 ILE A CB  1 
ATOM   110  C  CG1 . ILE A 1 30  ? 2.420   -1.081  13.280  1.00 13.77 ? 105 ILE A CG1 1 
ATOM   111  C  CG2 . ILE A 1 30  ? 1.450   -0.399  11.080  1.00 14.22 ? 105 ILE A CG2 1 
ATOM   112  C  CD1 . ILE A 1 30  ? 3.023   -2.413  12.868  1.00 11.47 ? 105 ILE A CD1 1 
ATOM   113  N  N   . ILE A 1 31  ? -1.781  0.244   12.302  1.00 16.30 ? 106 ILE A N   1 
ATOM   114  C  CA  . ILE A 1 31  ? -2.945  0.616   11.506  1.00 16.63 ? 106 ILE A CA  1 
ATOM   115  C  C   . ILE A 1 31  ? -3.476  1.984   11.910  1.00 18.45 ? 106 ILE A C   1 
ATOM   116  O  O   . ILE A 1 31  ? -3.780  2.822   11.059  1.00 15.97 ? 106 ILE A O   1 
ATOM   117  C  CB  . ILE A 1 31  ? -4.042  -0.442  11.641  1.00 16.46 ? 106 ILE A CB  1 
ATOM   118  C  CG1 . ILE A 1 31  ? -3.470  -1.789  11.175  1.00 14.69 ? 106 ILE A CG1 1 
ATOM   119  C  CG2 . ILE A 1 31  ? -5.277  -0.036  10.831  1.00 14.33 ? 106 ILE A CG2 1 
ATOM   120  C  CD1 . ILE A 1 31  ? -4.427  -2.932  11.239  1.00 17.62 ? 106 ILE A CD1 1 
ATOM   121  N  N   . ARG A 1 32  ? -3.557  2.214   13.215  1.00 19.38 ? 107 ARG A N   1 
ATOM   122  C  CA  . ARG A 1 32  ? -4.030  3.489   13.723  1.00 19.93 ? 107 ARG A CA  1 
ATOM   123  C  C   . ARG A 1 32  ? -3.081  4.624   13.341  1.00 19.39 ? 107 ARG A C   1 
ATOM   124  O  O   . ARG A 1 32  ? -3.526  5.706   12.966  1.00 18.95 ? 107 ARG A O   1 
ATOM   125  C  CB  . ARG A 1 32  ? -4.189  3.423   15.241  1.00 23.29 ? 107 ARG A CB  1 
ATOM   126  C  CG  . ARG A 1 32  ? -4.583  4.739   15.871  1.00 27.30 ? 107 ARG A CG  1 
ATOM   127  C  CD  . ARG A 1 32  ? -5.870  5.291   15.271  1.00 32.88 ? 107 ARG A CD  1 
ATOM   128  N  NE  . ARG A 1 32  ? -6.206  6.605   15.815  1.00 37.08 ? 107 ARG A NE  1 
ATOM   129  C  CZ  . ARG A 1 32  ? -6.966  7.500   15.192  1.00 39.53 ? 107 ARG A CZ  1 
ATOM   130  N  NH1 . ARG A 1 32  ? -7.475  7.226   13.995  1.00 39.71 ? 107 ARG A NH1 1 
ATOM   131  N  NH2 . ARG A 1 32  ? -7.221  8.672   15.764  1.00 41.21 ? 107 ARG A NH2 1 
ATOM   132  N  N   . ASP A 1 33  ? -1.773  4.389   13.432  1.00 18.62 ? 108 ASP A N   1 
ATOM   133  C  CA  . ASP A 1 33  ? -0.819  5.434   13.067  1.00 17.07 ? 108 ASP A CA  1 
ATOM   134  C  C   . ASP A 1 33  ? -0.895  5.725   11.577  1.00 16.25 ? 108 ASP A C   1 
ATOM   135  O  O   . ASP A 1 33  ? -0.809  6.880   11.158  1.00 13.55 ? 108 ASP A O   1 
ATOM   136  C  CB  . ASP A 1 33  ? 0.599   5.031   13.442  1.00 20.95 ? 108 ASP A CB  1 
ATOM   137  C  CG  . ASP A 1 33  ? 0.812   5.011   14.946  1.00 25.31 ? 108 ASP A CG  1 
ATOM   138  O  OD1 . ASP A 1 33  ? -0.078  5.489   15.685  1.00 27.07 ? 108 ASP A OD1 1 
ATOM   139  O  OD2 . ASP A 1 33  ? 1.867   4.526   15.388  1.00 25.68 ? 108 ASP A OD2 1 
ATOM   140  N  N   . LEU A 1 34  ? -1.046  4.672   10.782  1.00 14.92 ? 109 LEU A N   1 
ATOM   141  C  CA  . LEU A 1 34  ? -1.165  4.838   9.344   1.00 18.35 ? 109 LEU A CA  1 
ATOM   142  C  C   . LEU A 1 34  ? -2.362  5.732   9.070   1.00 19.08 ? 109 LEU A C   1 
ATOM   143  O  O   . LEU A 1 34  ? -2.292  6.622   8.232   1.00 19.18 ? 109 LEU A O   1 
ATOM   144  C  CB  . LEU A 1 34  ? -1.367  3.486   8.658   1.00 17.71 ? 109 LEU A CB  1 
ATOM   145  C  CG  . LEU A 1 34  ? -0.114  2.625   8.558   1.00 17.19 ? 109 LEU A CG  1 
ATOM   146  C  CD1 . LEU A 1 34  ? -0.478  1.198   8.152   1.00 15.59 ? 109 LEU A CD1 1 
ATOM   147  C  CD2 . LEU A 1 34  ? 0.825   3.269   7.556   1.00 14.98 ? 109 LEU A CD2 1 
ATOM   148  N  N   . GLN A 1 35  ? -3.454  5.500   9.799   1.00 21.31 ? 110 GLN A N   1 
ATOM   149  C  CA  . GLN A 1 35  ? -4.661  6.299   9.629   1.00 23.01 ? 110 GLN A CA  1 
ATOM   150  C  C   . GLN A 1 35  ? -4.367  7.782   9.867   1.00 22.74 ? 110 GLN A C   1 
ATOM   151  O  O   . GLN A 1 35  ? -4.798  8.641   9.096   1.00 21.70 ? 110 GLN A O   1 
ATOM   152  C  CB  . GLN A 1 35  ? -5.770  5.835   10.589  1.00 24.14 ? 110 GLN A CB  1 
ATOM   153  C  CG  . GLN A 1 35  ? -7.080  6.602   10.409  1.00 26.39 ? 110 GLN A CG  1 
ATOM   154  C  CD  . GLN A 1 35  ? -8.192  6.187   11.383  1.00 30.38 ? 110 GLN A CD  1 
ATOM   155  O  OE1 . GLN A 1 35  ? -9.316  6.678   11.290  1.00 33.21 ? 110 GLN A OE1 1 
ATOM   156  N  NE2 . GLN A 1 35  ? -7.879  5.291   12.317  1.00 30.02 ? 110 GLN A NE2 1 
ATOM   157  N  N   . LYS A 1 36  ? -3.639  8.078   10.940  1.00 22.06 ? 111 LYS A N   1 
ATOM   158  C  CA  . LYS A 1 36  ? -3.295  9.451   11.273  1.00 23.15 ? 111 LYS A CA  1 
ATOM   159  C  C   . LYS A 1 36  ? -2.340  10.026  10.238  1.00 23.41 ? 111 LYS A C   1 
ATOM   160  O  O   . LYS A 1 36  ? -2.284  11.241  10.041  1.00 24.39 ? 111 LYS A O   1 
ATOM   161  C  CB  . LYS A 1 36  ? -2.639  9.517   12.654  1.00 25.47 ? 111 LYS A CB  1 
ATOM   162  C  CG  . LYS A 1 36  ? -3.502  8.978   13.782  1.00 30.42 ? 111 LYS A CG  1 
ATOM   163  C  CD  . LYS A 1 36  ? -2.846  9.227   15.132  1.00 34.29 ? 111 LYS A CD  1 
ATOM   164  C  CE  . LYS A 1 36  ? -3.691  8.683   16.264  1.00 37.04 ? 111 LYS A CE  1 
ATOM   165  N  NZ  . LYS A 1 36  ? -3.058  8.945   17.594  1.00 40.40 ? 111 LYS A NZ  1 
ATOM   166  N  N   . GLN A 1 37  ? -1.586  9.147   9.586   1.00 21.28 ? 112 GLN A N   1 
ATOM   167  C  CA  . GLN A 1 37  ? -0.627  9.553   8.571   1.00 19.46 ? 112 GLN A CA  1 
ATOM   168  C  C   . GLN A 1 37  ? -1.287  9.566   7.187   1.00 20.31 ? 112 GLN A C   1 
ATOM   169  O  O   . GLN A 1 37  ? -0.613  9.583   6.164   1.00 18.97 ? 112 GLN A O   1 
ATOM   170  C  CB  . GLN A 1 37  ? 0.586   8.613   8.613   1.00 19.09 ? 112 GLN A CB  1 
ATOM   171  C  CG  . GLN A 1 37  ? 1.419   8.775   9.894   1.00 16.70 ? 112 GLN A CG  1 
ATOM   172  C  CD  . GLN A 1 37  ? 2.266   7.546   10.255  1.00 17.93 ? 112 GLN A CD  1 
ATOM   173  O  OE1 . GLN A 1 37  ? 3.203   7.643   11.045  1.00 20.58 ? 112 GLN A OE1 1 
ATOM   174  N  NE2 . GLN A 1 37  ? 1.930   6.399   9.694   1.00 14.08 ? 112 GLN A NE2 1 
ATOM   175  N  N   . ASP A 1 38  ? -2.618  9.559   7.175   1.00 19.45 ? 113 ASP A N   1 
ATOM   176  C  CA  . ASP A 1 38  ? -3.402  9.606   5.944   1.00 20.67 ? 113 ASP A CA  1 
ATOM   177  C  C   . ASP A 1 38  ? -3.270  8.419   4.999   1.00 18.34 ? 113 ASP A C   1 
ATOM   178  O  O   . ASP A 1 38  ? -3.409  8.564   3.786   1.00 17.16 ? 113 ASP A O   1 
ATOM   179  C  CB  . ASP A 1 38  ? -3.105  10.901  5.181   1.00 24.53 ? 113 ASP A CB  1 
ATOM   180  C  CG  . ASP A 1 38  ? -3.592  12.143  5.924   1.00 31.32 ? 113 ASP A CG  1 
ATOM   181  O  OD1 . ASP A 1 38  ? -3.076  13.249  5.646   1.00 35.13 ? 113 ASP A OD1 1 
ATOM   182  O  OD2 . ASP A 1 38  ? -4.496  12.022  6.783   1.00 34.43 ? 113 ASP A OD2 1 
ATOM   183  N  N   . ILE A 1 39  ? -2.992  7.243   5.546   1.00 17.08 ? 114 ILE A N   1 
ATOM   184  C  CA  . ILE A 1 39  ? -2.906  6.048   4.717   1.00 15.82 ? 114 ILE A CA  1 
ATOM   185  C  C   . ILE A 1 39  ? -4.046  5.158   5.215   1.00 16.64 ? 114 ILE A C   1 
ATOM   186  O  O   . ILE A 1 39  ? -4.117  4.845   6.397   1.00 17.92 ? 114 ILE A O   1 
ATOM   187  C  CB  . ILE A 1 39  ? -1.546  5.342   4.864   1.00 13.27 ? 114 ILE A CB  1 
ATOM   188  C  CG1 . ILE A 1 39  ? -0.438  6.226   4.273   1.00 11.48 ? 114 ILE A CG1 1 
ATOM   189  C  CG2 . ILE A 1 39  ? -1.580  4.000   4.154   1.00 10.25 ? 114 ILE A CG2 1 
ATOM   190  C  CD1 . ILE A 1 39  ? 0.949   5.660   4.416   1.00 9.56  ? 114 ILE A CD1 1 
ATOM   191  N  N   . GLN A 1 40  ? -4.953  4.786   4.318   1.00 17.19 ? 115 GLN A N   1 
ATOM   192  C  CA  . GLN A 1 40  ? -6.103  3.967   4.687   1.00 16.87 ? 115 GLN A CA  1 
ATOM   193  C  C   . GLN A 1 40  ? -5.849  2.488   4.532   1.00 15.66 ? 115 GLN A C   1 
ATOM   194  O  O   . GLN A 1 40  ? -5.225  2.053   3.566   1.00 15.86 ? 115 GLN A O   1 
ATOM   195  C  CB  . GLN A 1 40  ? -7.321  4.324   3.836   1.00 20.15 ? 115 GLN A CB  1 
ATOM   196  C  CG  . GLN A 1 40  ? -7.561  5.795   3.671   1.00 27.34 ? 115 GLN A CG  1 
ATOM   197  C  CD  . GLN A 1 40  ? -8.803  6.082   2.851   1.00 31.82 ? 115 GLN A CD  1 
ATOM   198  O  OE1 . GLN A 1 40  ? -8.876  7.091   2.143   1.00 33.35 ? 115 GLN A OE1 1 
ATOM   199  N  NE2 . GLN A 1 40  ? -9.798  5.201   2.955   1.00 33.50 ? 115 GLN A NE2 1 
ATOM   200  N  N   . TYR A 1 41  ? -6.366  1.720   5.485   1.00 14.67 ? 116 TYR A N   1 
ATOM   201  C  CA  . TYR A 1 41  ? -6.244  0.272   5.488   1.00 14.12 ? 116 TYR A CA  1 
ATOM   202  C  C   . TYR A 1 41  ? -7.663  -0.273  5.394   1.00 14.88 ? 116 TYR A C   1 
ATOM   203  O  O   . TYR A 1 41  ? -8.490  -0.018  6.264   1.00 16.48 ? 116 TYR A O   1 
ATOM   204  C  CB  . TYR A 1 41  ? -5.587  -0.201  6.785   1.00 11.95 ? 116 TYR A CB  1 
ATOM   205  C  CG  . TYR A 1 41  ? -5.269  -1.677  6.824   1.00 13.09 ? 116 TYR A CG  1 
ATOM   206  C  CD1 . TYR A 1 41  ? -4.568  -2.285  5.785   1.00 16.05 ? 116 TYR A CD1 1 
ATOM   207  C  CD2 . TYR A 1 41  ? -5.625  -2.461  7.923   1.00 16.74 ? 116 TYR A CD2 1 
ATOM   208  C  CE1 . TYR A 1 41  ? -4.227  -3.635  5.836   1.00 16.75 ? 116 TYR A CE1 1 
ATOM   209  C  CE2 . TYR A 1 41  ? -5.285  -3.815  7.985   1.00 16.37 ? 116 TYR A CE2 1 
ATOM   210  C  CZ  . TYR A 1 41  ? -4.583  -4.389  6.935   1.00 17.62 ? 116 TYR A CZ  1 
ATOM   211  O  OH  . TYR A 1 41  ? -4.220  -5.717  6.992   1.00 21.52 ? 116 TYR A OH  1 
ATOM   212  N  N   . VAL A 1 42  ? -7.944  -1.016  4.334   1.00 14.57 ? 117 VAL A N   1 
ATOM   213  C  CA  . VAL A 1 42  ? -9.268  -1.573  4.129   1.00 12.98 ? 117 VAL A CA  1 
ATOM   214  C  C   . VAL A 1 42  ? -9.236  -3.073  4.297   1.00 13.70 ? 117 VAL A C   1 
ATOM   215  O  O   . VAL A 1 42  ? -8.421  -3.756  3.692   1.00 15.09 ? 117 VAL A O   1 
ATOM   216  C  CB  . VAL A 1 42  ? -9.793  -1.234  2.717   1.00 13.37 ? 117 VAL A CB  1 
ATOM   217  C  CG1 . VAL A 1 42  ? -11.244 -1.703  2.562   1.00 11.25 ? 117 VAL A CG1 1 
ATOM   218  C  CG2 . VAL A 1 42  ? -9.670  0.268   2.473   1.00 10.68 ? 117 VAL A CG2 1 
ATOM   219  N  N   . GLU A 1 43  ? -10.123 -3.587  5.132   1.00 13.19 ? 118 GLU A N   1 
ATOM   220  C  CA  . GLU A 1 43  ? -10.179 -5.018  5.354   1.00 15.04 ? 118 GLU A CA  1 
ATOM   221  C  C   . GLU A 1 43  ? -11.577 -5.558  5.065   1.00 14.41 ? 118 GLU A C   1 
ATOM   222  O  O   . GLU A 1 43  ? -12.579 -4.948  5.445   1.00 14.13 ? 118 GLU A O   1 
ATOM   223  C  CB  . GLU A 1 43  ? -9.816  -5.353  6.804   1.00 15.26 ? 118 GLU A CB  1 
ATOM   224  C  CG  . GLU A 1 43  ? -8.666  -4.562  7.374   1.00 21.71 ? 118 GLU A CG  1 
ATOM   225  C  CD  . GLU A 1 43  ? -8.423  -4.905  8.831   1.00 25.37 ? 118 GLU A CD  1 
ATOM   226  O  OE1 . GLU A 1 43  ? -8.253  -6.109  9.111   1.00 26.55 ? 118 GLU A OE1 1 
ATOM   227  O  OE2 . GLU A 1 43  ? -8.409  -3.986  9.686   1.00 28.07 ? 118 GLU A OE2 1 
ATOM   228  N  N   . TYR A 1 44  ? -11.623 -6.699  4.388   1.00 14.86 ? 119 TYR A N   1 
ATOM   229  C  CA  . TYR A 1 44  ? -12.876 -7.386  4.070   1.00 18.31 ? 119 TYR A CA  1 
ATOM   230  C  C   . TYR A 1 44  ? -12.546 -8.806  3.612   1.00 17.61 ? 119 TYR A C   1 
ATOM   231  O  O   . TYR A 1 44  ? -11.739 -9.005  2.706   1.00 19.22 ? 119 TYR A O   1 
ATOM   232  C  CB  . TYR A 1 44  ? -13.663 -6.624  2.996   1.00 18.76 ? 119 TYR A CB  1 
ATOM   233  C  CG  . TYR A 1 44  ? -12.873 -6.255  1.768   1.00 21.06 ? 119 TYR A CG  1 
ATOM   234  C  CD1 . TYR A 1 44  ? -12.859 -7.082  0.643   1.00 21.88 ? 119 TYR A CD1 1 
ATOM   235  C  CD2 . TYR A 1 44  ? -12.138 -5.082  1.724   1.00 21.25 ? 119 TYR A CD2 1 
ATOM   236  C  CE1 . TYR A 1 44  ? -12.130 -6.739  -0.500  1.00 21.47 ? 119 TYR A CE1 1 
ATOM   237  C  CE2 . TYR A 1 44  ? -11.409 -4.733  0.595   1.00 23.22 ? 119 TYR A CE2 1 
ATOM   238  C  CZ  . TYR A 1 44  ? -11.405 -5.563  -0.509  1.00 22.53 ? 119 TYR A CZ  1 
ATOM   239  O  OH  . TYR A 1 44  ? -10.659 -5.210  -1.602  1.00 22.04 ? 119 TYR A OH  1 
ATOM   240  N  N   . GLY A 1 45  ? -13.153 -9.794  4.258   1.00 17.53 ? 120 GLY A N   1 
ATOM   241  C  CA  . GLY A 1 45  ? -12.867 -11.175 3.905   1.00 16.12 ? 120 GLY A CA  1 
ATOM   242  C  C   . GLY A 1 45  ? -11.387 -11.428 4.149   1.00 16.84 ? 120 GLY A C   1 
ATOM   243  O  O   . GLY A 1 45  ? -10.846 -11.040 5.184   1.00 15.23 ? 120 GLY A O   1 
ATOM   244  N  N   . ASP A 1 46  ? -10.718 -12.066 3.196   1.00 18.01 ? 121 ASP A N   1 
ATOM   245  C  CA  . ASP A 1 46  ? -9.293  -12.343 3.332   1.00 19.93 ? 121 ASP A CA  1 
ATOM   246  C  C   . ASP A 1 46  ? -8.472  -11.287 2.587   1.00 19.41 ? 121 ASP A C   1 
ATOM   247  O  O   . ASP A 1 46  ? -7.271  -11.444 2.386   1.00 19.01 ? 121 ASP A O   1 
ATOM   248  C  CB  . ASP A 1 46  ? -8.969  -13.732 2.779   1.00 22.77 ? 121 ASP A CB  1 
ATOM   249  C  CG  . ASP A 1 46  ? -9.758  -14.832 3.462   1.00 27.78 ? 121 ASP A CG  1 
ATOM   250  O  OD1 . ASP A 1 46  ? -10.009 -14.735 4.684   1.00 28.60 ? 121 ASP A OD1 1 
ATOM   251  O  OD2 . ASP A 1 46  ? -10.120 -15.808 2.776   1.00 33.16 ? 121 ASP A OD2 1 
ATOM   252  N  N   . THR A 1 47  ? -9.136  -10.206 2.190   1.00 18.31 ? 122 THR A N   1 
ATOM   253  C  CA  . THR A 1 47  ? -8.486  -9.134  1.452   1.00 16.91 ? 122 THR A CA  1 
ATOM   254  C  C   . THR A 1 47  ? -8.038  -7.985  2.327   1.00 15.53 ? 122 THR A C   1 
ATOM   255  O  O   . THR A 1 47  ? -8.774  -7.524  3.193   1.00 14.28 ? 122 THR A O   1 
ATOM   256  C  CB  . THR A 1 47  ? -9.413  -8.565  0.380   1.00 16.94 ? 122 THR A CB  1 
ATOM   257  O  OG1 . THR A 1 47  ? -9.936  -9.637  -0.397  1.00 21.22 ? 122 THR A OG1 1 
ATOM   258  C  CG2 . THR A 1 47  ? -8.661  -7.632  -0.534  1.00 19.25 ? 122 THR A CG2 1 
ATOM   259  N  N   . ARG A 1 48  ? -6.811  -7.531  2.086   1.00 15.80 ? 123 ARG A N   1 
ATOM   260  C  CA  . ARG A 1 48  ? -6.236  -6.410  2.814   1.00 14.94 ? 123 ARG A CA  1 
ATOM   261  C  C   . ARG A 1 48  ? -5.731  -5.418  1.779   1.00 16.69 ? 123 ARG A C   1 
ATOM   262  O  O   . ARG A 1 48  ? -5.070  -5.797  0.798   1.00 15.93 ? 123 ARG A O   1 
ATOM   263  C  CB  . ARG A 1 48  ? -5.092  -6.885  3.702   1.00 14.61 ? 123 ARG A CB  1 
ATOM   264  C  CG  . ARG A 1 48  ? -5.518  -7.935  4.706   1.00 13.61 ? 123 ARG A CG  1 
ATOM   265  C  CD  . ARG A 1 48  ? -6.438  -7.359  5.773   1.00 15.47 ? 123 ARG A CD  1 
ATOM   266  N  NE  . ARG A 1 48  ? -6.784  -8.359  6.782   1.00 14.18 ? 123 ARG A NE  1 
ATOM   267  C  CZ  . ARG A 1 48  ? -7.711  -9.299  6.614   1.00 16.33 ? 123 ARG A CZ  1 
ATOM   268  N  NH1 . ARG A 1 48  ? -8.399  -9.363  5.480   1.00 13.82 ? 123 ARG A NH1 1 
ATOM   269  N  NH2 . ARG A 1 48  ? -7.934  -10.191 7.571   1.00 17.94 ? 123 ARG A NH2 1 
ATOM   270  N  N   . THR A 1 49  ? -6.035  -4.144  2.004   1.00 15.54 ? 124 THR A N   1 
ATOM   271  C  CA  . THR A 1 49  ? -5.647  -3.114  1.067   1.00 15.33 ? 124 THR A CA  1 
ATOM   272  C  C   . THR A 1 49  ? -5.188  -1.830  1.724   1.00 15.55 ? 124 THR A C   1 
ATOM   273  O  O   . THR A 1 49  ? -5.834  -1.322  2.630   1.00 18.41 ? 124 THR A O   1 
ATOM   274  C  CB  . THR A 1 49  ? -6.820  -2.780  0.130   1.00 14.48 ? 124 THR A CB  1 
ATOM   275  O  OG1 . THR A 1 49  ? -7.174  -3.943  -0.620  1.00 17.92 ? 124 THR A OG1 1 
ATOM   276  C  CG2 . THR A 1 49  ? -6.453  -1.664  -0.814  1.00 18.20 ? 124 THR A CG2 1 
ATOM   277  N  N   . LEU A 1 50  ? -4.054  -1.319  1.265   1.00 14.37 ? 125 LEU A N   1 
ATOM   278  C  CA  . LEU A 1 50  ? -3.528  -0.058  1.747   1.00 14.43 ? 125 LEU A CA  1 
ATOM   279  C  C   . LEU A 1 50  ? -3.789  0.963   0.630   1.00 15.15 ? 125 LEU A C   1 
ATOM   280  O  O   . LEU A 1 50  ? -3.580  0.666   -0.542  1.00 15.55 ? 125 LEU A O   1 
ATOM   281  C  CB  . LEU A 1 50  ? -2.024  -0.179  2.012   1.00 14.83 ? 125 LEU A CB  1 
ATOM   282  C  CG  . LEU A 1 50  ? -1.602  -0.868  3.313   1.00 14.03 ? 125 LEU A CG  1 
ATOM   283  C  CD1 . LEU A 1 50  ? -0.100  -1.061  3.350   1.00 11.71 ? 125 LEU A CD1 1 
ATOM   284  C  CD2 . LEU A 1 50  ? -2.058  -0.016  4.489   1.00 12.37 ? 125 LEU A CD2 1 
ATOM   285  N  N   . ILE A 1 51  ? -4.274  2.146   0.987   1.00 15.17 ? 126 ILE A N   1 
ATOM   286  C  CA  . ILE A 1 51  ? -4.534  3.189   0.000   1.00 15.98 ? 126 ILE A CA  1 
ATOM   287  C  C   . ILE A 1 51  ? -3.672  4.395   0.349   1.00 15.66 ? 126 ILE A C   1 
ATOM   288  O  O   . ILE A 1 51  ? -3.891  5.058   1.354   1.00 15.93 ? 126 ILE A O   1 
ATOM   289  C  CB  . ILE A 1 51  ? -6.007  3.620   -0.012  1.00 16.16 ? 126 ILE A CB  1 
ATOM   290  C  CG1 . ILE A 1 51  ? -6.902  2.425   -0.362  1.00 15.56 ? 126 ILE A CG1 1 
ATOM   291  C  CG2 . ILE A 1 51  ? -6.195  4.754   -1.014  1.00 17.08 ? 126 ILE A CG2 1 
ATOM   292  C  CD1 . ILE A 1 51  ? -8.373  2.736   -0.271  1.00 14.03 ? 126 ILE A CD1 1 
ATOM   293  N  N   . ILE A 1 52  ? -2.697  4.670   -0.504  1.00 17.62 ? 127 ILE A N   1 
ATOM   294  C  CA  . ILE A 1 52  ? -1.740  5.754   -0.294  1.00 16.53 ? 127 ILE A CA  1 
ATOM   295  C  C   . ILE A 1 52  ? -1.923  6.985   -1.192  1.00 16.79 ? 127 ILE A C   1 
ATOM   296  O  O   . ILE A 1 52  ? -1.777  6.893   -2.409  1.00 16.37 ? 127 ILE A O   1 
ATOM   297  C  CB  . ILE A 1 52  ? -0.311  5.223   -0.497  1.00 15.83 ? 127 ILE A CB  1 
ATOM   298  C  CG1 . ILE A 1 52  ? -0.087  4.014   0.413   1.00 16.89 ? 127 ILE A CG1 1 
ATOM   299  C  CG2 . ILE A 1 52  ? 0.705   6.317   -0.203  1.00 17.05 ? 127 ILE A CG2 1 
ATOM   300  C  CD1 . ILE A 1 52  ? 1.158   3.246   0.112   1.00 16.64 ? 127 ILE A CD1 1 
ATOM   301  N  N   . PRO A 1 53  ? -2.235  8.152   -0.592  1.00 18.23 ? 128 PRO A N   1 
ATOM   302  C  CA  . PRO A 1 53  ? -2.423  9.387   -1.362  1.00 19.80 ? 128 PRO A CA  1 
ATOM   303  C  C   . PRO A 1 53  ? -1.089  9.898   -1.897  1.00 22.51 ? 128 PRO A C   1 
ATOM   304  O  O   . PRO A 1 53  ? -0.205  10.335  -1.155  1.00 21.86 ? 128 PRO A O   1 
ATOM   305  C  CB  . PRO A 1 53  ? -3.069  10.333  -0.356  1.00 19.55 ? 128 PRO A CB  1 
ATOM   306  C  CG  . PRO A 1 53  ? -2.463  9.888   0.944   1.00 17.84 ? 128 PRO A CG  1 
ATOM   307  C  CD  . PRO A 1 53  ? -2.503  8.383   0.840   1.00 16.95 ? 128 PRO A CD  1 
ATOM   308  N  N   . THR A 1 54  ? -0.968  9.815   -3.211  1.00 25.10 ? 129 THR A N   1 
ATOM   309  C  CA  . THR A 1 54  ? 0.216   10.218  -3.936  1.00 28.02 ? 129 THR A CA  1 
ATOM   310  C  C   . THR A 1 54  ? 0.588   11.708  -3.878  1.00 28.77 ? 129 THR A C   1 
ATOM   311  O  O   . THR A 1 54  ? 1.712   12.071  -4.210  1.00 29.64 ? 129 THR A O   1 
ATOM   312  C  CB  . THR A 1 54  ? 0.073   9.739   -5.380  1.00 29.17 ? 129 THR A CB  1 
ATOM   313  O  OG1 . THR A 1 54  ? 0.576   8.399   -5.466  1.00 33.13 ? 129 THR A OG1 1 
ATOM   314  C  CG2 . THR A 1 54  ? 0.802   10.647  -6.344  1.00 34.78 ? 129 THR A CG2 1 
ATOM   315  N  N   . ASP A 1 55  ? -0.340  12.565  -3.461  1.00 28.67 ? 130 ASP A N   1 
ATOM   316  C  CA  . ASP A 1 55  ? -0.034  13.987  -3.345  1.00 29.36 ? 130 ASP A CA  1 
ATOM   317  C  C   . ASP A 1 55  ? 0.736   14.259  -2.067  1.00 29.68 ? 130 ASP A C   1 
ATOM   318  O  O   . ASP A 1 55  ? 1.401   15.276  -1.951  1.00 30.45 ? 130 ASP A O   1 
ATOM   319  C  CB  . ASP A 1 55  ? -1.304  14.833  -3.321  1.00 31.85 ? 130 ASP A CB  1 
ATOM   320  C  CG  . ASP A 1 55  ? -1.959  14.944  -4.671  1.00 33.95 ? 130 ASP A CG  1 
ATOM   321  O  OD1 . ASP A 1 55  ? -1.318  14.567  -5.670  1.00 36.16 ? 130 ASP A OD1 1 
ATOM   322  O  OD2 . ASP A 1 55  ? -3.116  15.413  -4.725  1.00 35.30 ? 130 ASP A OD2 1 
ATOM   323  N  N   . LYS A 1 56  ? 0.623   13.354  -1.104  1.00 29.10 ? 131 LYS A N   1 
ATOM   324  C  CA  . LYS A 1 56  ? 1.302   13.491  0.178   1.00 30.22 ? 131 LYS A CA  1 
ATOM   325  C  C   . LYS A 1 56  ? 2.606   12.703  0.185   1.00 29.65 ? 131 LYS A C   1 
ATOM   326  O  O   . LYS A 1 56  ? 3.594   13.105  0.793   1.00 31.60 ? 131 LYS A O   1 
ATOM   327  C  CB  . LYS A 1 56  ? 0.414   12.961  1.298   1.00 32.78 ? 131 LYS A CB  1 
ATOM   328  C  CG  . LYS A 1 56  ? -0.958  13.607  1.389   1.00 38.21 ? 131 LYS A CG  1 
ATOM   329  C  CD  . LYS A 1 56  ? -0.905  14.961  2.076   1.00 41.72 ? 131 LYS A CD  1 
ATOM   330  C  CE  . LYS A 1 56  ? -2.305  15.465  2.371   1.00 44.37 ? 131 LYS A CE  1 
ATOM   331  N  NZ  . LYS A 1 56  ? -3.074  14.449  3.140   1.00 46.65 ? 131 LYS A NZ  1 
ATOM   332  N  N   . TYR A 1 57  ? 2.597   11.569  -0.496  1.00 29.13 ? 132 TYR A N   1 
ATOM   333  C  CA  . TYR A 1 57  ? 3.761   10.703  -0.560  1.00 29.06 ? 132 TYR A CA  1 
ATOM   334  C  C   . TYR A 1 57  ? 4.314   10.762  -1.980  1.00 33.03 ? 132 TYR A C   1 
ATOM   335  O  O   . TYR A 1 57  ? 4.058   9.882   -2.806  1.00 32.97 ? 132 TYR A O   1 
ATOM   336  C  CB  . TYR A 1 57  ? 3.328   9.285   -0.147  1.00 22.59 ? 132 TYR A CB  1 
ATOM   337  C  CG  . TYR A 1 57  ? 2.918   9.207   1.323   1.00 20.60 ? 132 TYR A CG  1 
ATOM   338  C  CD1 . TYR A 1 57  ? 3.876   9.058   2.317   1.00 17.55 ? 132 TYR A CD1 1 
ATOM   339  C  CD2 . TYR A 1 57  ? 1.581   9.349   1.720   1.00 18.40 ? 132 TYR A CD2 1 
ATOM   340  C  CE1 . TYR A 1 57  ? 3.535   9.053   3.667   1.00 15.76 ? 132 TYR A CE1 1 
ATOM   341  C  CE2 . TYR A 1 57  ? 1.223   9.348   3.078   1.00 17.74 ? 132 TYR A CE2 1 
ATOM   342  C  CZ  . TYR A 1 57  ? 2.218   9.199   4.046   1.00 18.49 ? 132 TYR A CZ  1 
ATOM   343  O  OH  . TYR A 1 57  ? 1.919   9.202   5.392   1.00 17.14 ? 132 TYR A OH  1 
ATOM   344  N  N   . PHE A 1 58  ? 5.077   11.813  -2.268  1.00 39.32 ? 133 PHE A N   1 
ATOM   345  C  CA  . PHE A 1 58  ? 5.603   11.974  -3.616  1.00 44.05 ? 133 PHE A CA  1 
ATOM   346  C  C   . PHE A 1 58  ? 6.549   10.878  -4.050  1.00 46.25 ? 133 PHE A C   1 
ATOM   347  O  O   . PHE A 1 58  ? 6.661   10.605  -5.239  1.00 46.51 ? 133 PHE A O   1 
ATOM   348  C  CB  . PHE A 1 58  ? 6.302   13.315  -3.804  1.00 46.39 ? 133 PHE A CB  1 
ATOM   349  C  CG  . PHE A 1 58  ? 6.411   13.714  -5.244  1.00 48.55 ? 133 PHE A CG  1 
ATOM   350  C  CD1 . PHE A 1 58  ? 5.317   14.283  -5.899  1.00 49.75 ? 133 PHE A CD1 1 
ATOM   351  C  CD2 . PHE A 1 58  ? 7.559   13.419  -5.980  1.00 49.53 ? 133 PHE A CD2 1 
ATOM   352  C  CE1 . PHE A 1 58  ? 5.360   14.546  -7.275  1.00 50.23 ? 133 PHE A CE1 1 
ATOM   353  C  CE2 . PHE A 1 58  ? 7.614   13.676  -7.358  1.00 50.66 ? 133 PHE A CE2 1 
ATOM   354  C  CZ  . PHE A 1 58  ? 6.510   14.239  -8.006  1.00 50.01 ? 133 PHE A CZ  1 
HETATM 355  N  N   . MSE A 1 59  ? 7.222   10.252  -3.089  1.00 49.98 ? 134 MSE A N   1 
HETATM 356  C  CA  . MSE A 1 59  ? 8.169   9.175   -3.378  1.00 53.14 ? 134 MSE A CA  1 
HETATM 357  C  C   . MSE A 1 59  ? 9.537   9.719   -3.773  1.00 52.98 ? 134 MSE A C   1 
HETATM 358  O  O   . MSE A 1 59  ? 10.564  9.156   -3.392  1.00 54.93 ? 134 MSE A O   1 
HETATM 359  C  CB  . MSE A 1 59  ? 7.643   8.283   -4.503  1.00 56.32 ? 134 MSE A CB  1 
HETATM 360  C  CG  . MSE A 1 59  ? 6.384   7.514   -4.163  1.00 60.28 ? 134 MSE A CG  1 
HETATM 361  SE SE  . MSE A 1 59  ? 6.716   6.207   -2.798  1.00 67.06 ? 134 MSE A SE  1 
HETATM 362  C  CE  . MSE A 1 59  ? 8.570   5.817   -3.167  1.00 64.79 ? 134 MSE A CE  1 
ATOM   363  N  N   . SER A 1 61  ? 13.073  9.297   -5.046  1.00 50.95 ? 136 SER A N   1 
ATOM   364  C  CA  . SER A 1 61  ? 13.661  8.164   -5.742  1.00 51.04 ? 136 SER A CA  1 
ATOM   365  C  C   . SER A 1 61  ? 14.471  7.319   -4.772  1.00 49.85 ? 136 SER A C   1 
ATOM   366  O  O   . SER A 1 61  ? 14.444  6.089   -4.832  1.00 51.04 ? 136 SER A O   1 
ATOM   367  C  CB  . SER A 1 61  ? 14.565  8.648   -6.878  1.00 51.42 ? 136 SER A CB  1 
ATOM   368  O  OG  . SER A 1 61  ? 15.603  9.464   -6.370  1.00 53.29 ? 136 SER A OG  1 
ATOM   369  N  N   . SER A 1 62  ? 15.200  7.967   -3.875  1.00 47.52 ? 137 SER A N   1 
ATOM   370  C  CA  . SER A 1 62  ? 15.991  7.206   -2.930  1.00 46.66 ? 137 SER A CA  1 
ATOM   371  C  C   . SER A 1 62  ? 15.119  6.626   -1.828  1.00 45.42 ? 137 SER A C   1 
ATOM   372  O  O   . SER A 1 62  ? 14.395  7.345   -1.136  1.00 45.36 ? 137 SER A O   1 
ATOM   373  C  CB  . SER A 1 62  ? 17.096  8.067   -2.329  1.00 47.21 ? 137 SER A CB  1 
ATOM   374  O  OG  . SER A 1 62  ? 16.581  9.188   -1.640  1.00 50.48 ? 137 SER A OG  1 
ATOM   375  N  N   . PRO A 1 63  ? 15.164  5.299   -1.665  1.00 43.48 ? 138 PRO A N   1 
ATOM   376  C  CA  . PRO A 1 63  ? 14.378  4.617   -0.639  1.00 40.83 ? 138 PRO A CA  1 
ATOM   377  C  C   . PRO A 1 63  ? 14.737  5.199   0.706   1.00 38.56 ? 138 PRO A C   1 
ATOM   378  O  O   . PRO A 1 63  ? 13.921  5.231   1.625   1.00 38.33 ? 138 PRO A O   1 
ATOM   379  C  CB  . PRO A 1 63  ? 14.817  3.167   -0.786  1.00 41.81 ? 138 PRO A CB  1 
ATOM   380  C  CG  . PRO A 1 63  ? 15.083  3.060   -2.258  1.00 42.64 ? 138 PRO A CG  1 
ATOM   381  C  CD  . PRO A 1 63  ? 15.858  4.326   -2.527  1.00 43.87 ? 138 PRO A CD  1 
ATOM   382  N  N   . ARG A 1 64  ? 15.969  5.679   0.798   1.00 36.58 ? 139 ARG A N   1 
ATOM   383  C  CA  . ARG A 1 64  ? 16.472  6.270   2.024   1.00 35.54 ? 139 ARG A CA  1 
ATOM   384  C  C   . ARG A 1 64  ? 15.725  7.565   2.321   1.00 34.49 ? 139 ARG A C   1 
ATOM   385  O  O   . ARG A 1 64  ? 15.327  7.794   3.460   1.00 36.14 ? 139 ARG A O   1 
ATOM   386  C  CB  . ARG A 1 64  ? 17.977  6.533   1.897   1.00 36.82 ? 139 ARG A CB  1 
ATOM   387  C  CG  . ARG A 1 64  ? 18.716  6.631   3.225   1.00 38.13 ? 139 ARG A CG  1 
ATOM   388  C  CD  . ARG A 1 64  ? 20.227  6.739   3.015   1.00 39.33 ? 139 ARG A CD  1 
ATOM   389  N  NE  . ARG A 1 64  ? 20.610  8.004   2.394   1.00 38.59 ? 139 ARG A NE  1 
ATOM   390  C  CZ  . ARG A 1 64  ? 20.902  9.114   3.066   1.00 38.70 ? 139 ARG A CZ  1 
ATOM   391  N  NH1 . ARG A 1 64  ? 20.867  9.117   4.391   1.00 35.93 ? 139 ARG A NH1 1 
ATOM   392  N  NH2 . ARG A 1 64  ? 21.213  10.227  2.412   1.00 36.61 ? 139 ARG A NH2 1 
ATOM   393  N  N   . LEU A 1 65  ? 15.525  8.410   1.307   1.00 33.27 ? 140 LEU A N   1 
ATOM   394  C  CA  . LEU A 1 65  ? 14.812  9.672   1.515   1.00 31.71 ? 140 LEU A CA  1 
ATOM   395  C  C   . LEU A 1 65  ? 13.398  9.415   2.010   1.00 29.52 ? 140 LEU A C   1 
ATOM   396  O  O   . LEU A 1 65  ? 12.934  10.083  2.923   1.00 26.65 ? 140 LEU A O   1 
ATOM   397  C  CB  . LEU A 1 65  ? 14.747  10.506  0.228   1.00 34.49 ? 140 LEU A CB  1 
ATOM   398  C  CG  . LEU A 1 65  ? 13.890  11.792  0.263   1.00 37.93 ? 140 LEU A CG  1 
ATOM   399  C  CD1 . LEU A 1 65  ? 14.373  12.782  -0.795  1.00 39.90 ? 140 LEU A CD1 1 
ATOM   400  C  CD2 . LEU A 1 65  ? 12.416  11.463  0.033   1.00 36.96 ? 140 LEU A CD2 1 
ATOM   401  N  N   . ASN A 1 66  ? 12.721  8.451   1.393   1.00 28.97 ? 141 ASN A N   1 
ATOM   402  C  CA  . ASN A 1 66  ? 11.356  8.104   1.771   1.00 28.92 ? 141 ASN A CA  1 
ATOM   403  C  C   . ASN A 1 66  ? 11.253  7.452   3.146   1.00 28.96 ? 141 ASN A C   1 
ATOM   404  O  O   . ASN A 1 66  ? 10.348  7.770   3.904   1.00 27.40 ? 141 ASN A O   1 
ATOM   405  C  CB  . ASN A 1 66  ? 10.733  7.168   0.736   1.00 28.72 ? 141 ASN A CB  1 
ATOM   406  C  CG  . ASN A 1 66  ? 10.590  7.813   -0.616  1.00 29.45 ? 141 ASN A CG  1 
ATOM   407  O  OD1 . ASN A 1 66  ? 10.088  8.930   -0.737  1.00 28.34 ? 141 ASN A OD1 1 
ATOM   408  N  ND2 . ASN A 1 66  ? 11.019  7.104   -1.649  1.00 27.30 ? 141 ASN A ND2 1 
ATOM   409  N  N   . GLU A 1 67  ? 12.157  6.528   3.454   1.00 30.89 ? 142 GLU A N   1 
ATOM   410  C  CA  . GLU A 1 67  ? 12.146  5.858   4.754   1.00 33.42 ? 142 GLU A CA  1 
ATOM   411  C  C   . GLU A 1 67  ? 12.401  6.877   5.845   1.00 34.35 ? 142 GLU A C   1 
ATOM   412  O  O   . GLU A 1 67  ? 11.702  6.941   6.856   1.00 35.13 ? 142 GLU A O   1 
ATOM   413  C  CB  . GLU A 1 67  ? 13.241  4.793   4.833   1.00 36.17 ? 142 GLU A CB  1 
ATOM   414  C  CG  . GLU A 1 67  ? 12.860  3.437   4.282   1.00 39.79 ? 142 GLU A CG  1 
ATOM   415  C  CD  . GLU A 1 67  ? 11.763  2.755   5.091   1.00 41.76 ? 142 GLU A CD  1 
ATOM   416  O  OE1 . GLU A 1 67  ? 10.600  3.211   5.029   1.00 44.24 ? 142 GLU A OE1 1 
ATOM   417  O  OE2 . GLU A 1 67  ? 12.065  1.764   5.794   1.00 40.83 ? 142 GLU A OE2 1 
ATOM   418  N  N   . ILE A 1 68  ? 13.414  7.692   5.607   1.00 35.45 ? 143 ILE A N   1 
ATOM   419  C  CA  . ILE A 1 68  ? 13.826  8.704   6.550   1.00 36.03 ? 143 ILE A CA  1 
ATOM   420  C  C   . ILE A 1 68  ? 12.840  9.839   6.739   1.00 36.18 ? 143 ILE A C   1 
ATOM   421  O  O   . ILE A 1 68  ? 12.624  10.285  7.861   1.00 39.49 ? 143 ILE A O   1 
ATOM   422  C  CB  . ILE A 1 68  ? 15.183  9.289   6.131   1.00 37.01 ? 143 ILE A CB  1 
ATOM   423  C  CG1 . ILE A 1 68  ? 16.241  8.184   6.121   1.00 38.09 ? 143 ILE A CG1 1 
ATOM   424  C  CG2 . ILE A 1 68  ? 15.580  10.379  7.071   1.00 36.74 ? 143 ILE A CG2 1 
ATOM   425  C  CD1 . ILE A 1 68  ? 17.577  8.628   5.584   1.00 41.24 ? 143 ILE A CD1 1 
ATOM   426  N  N   . CYS A 1 69  ? 12.228  10.301  5.656   1.00 34.54 ? 144 CYS A N   1 
ATOM   427  C  CA  . CYS A 1 69  ? 11.307  11.425  5.748   1.00 32.57 ? 144 CYS A CA  1 
ATOM   428  C  C   . CYS A 1 69  ? 9.829   11.099  5.936   1.00 32.42 ? 144 CYS A C   1 
ATOM   429  O  O   . CYS A 1 69  ? 9.090   11.908  6.499   1.00 33.34 ? 144 CYS A O   1 
ATOM   430  C  CB  . CYS A 1 69  ? 11.463  12.323  4.510   1.00 34.60 ? 144 CYS A CB  1 
ATOM   431  S  SG  . CYS A 1 69  ? 13.172  12.874  4.185   1.00 37.08 ? 144 CYS A SG  1 
ATOM   432  N  N   . TYR A 1 70  ? 9.386   9.931   5.476   1.00 28.10 ? 145 TYR A N   1 
ATOM   433  C  CA  . TYR A 1 70  ? 7.976   9.580   5.589   1.00 24.33 ? 145 TYR A CA  1 
ATOM   434  C  C   . TYR A 1 70  ? 7.671   8.433   6.537   1.00 22.07 ? 145 TYR A C   1 
ATOM   435  O  O   . TYR A 1 70  ? 7.747   7.269   6.144   1.00 20.66 ? 145 TYR A O   1 
ATOM   436  C  CB  . TYR A 1 70  ? 7.397   9.210   4.218   1.00 25.49 ? 145 TYR A CB  1 
ATOM   437  C  CG  . TYR A 1 70  ? 7.378   10.307  3.175   1.00 26.59 ? 145 TYR A CG  1 
ATOM   438  C  CD1 . TYR A 1 70  ? 6.664   11.486  3.375   1.00 27.69 ? 145 TYR A CD1 1 
ATOM   439  C  CD2 . TYR A 1 70  ? 8.008   10.122  1.943   1.00 29.94 ? 145 TYR A CD2 1 
ATOM   440  C  CE1 . TYR A 1 70  ? 6.575   12.454  2.360   1.00 29.00 ? 145 TYR A CE1 1 
ATOM   441  C  CE2 . TYR A 1 70  ? 7.927   11.074  0.928   1.00 28.58 ? 145 TYR A CE2 1 
ATOM   442  C  CZ  . TYR A 1 70  ? 7.209   12.234  1.138   1.00 30.47 ? 145 TYR A CZ  1 
ATOM   443  O  OH  . TYR A 1 70  ? 7.113   13.157  0.118   1.00 31.63 ? 145 TYR A OH  1 
ATOM   444  N  N   . PRO A 1 71  ? 7.300   8.743   7.794   1.00 20.01 ? 146 PRO A N   1 
ATOM   445  C  CA  . PRO A 1 71  ? 6.980   7.687   8.762   1.00 18.26 ? 146 PRO A CA  1 
ATOM   446  C  C   . PRO A 1 71  ? 5.903   6.730   8.236   1.00 16.79 ? 146 PRO A C   1 
ATOM   447  O  O   . PRO A 1 71  ? 5.973   5.527   8.447   1.00 17.26 ? 146 PRO A O   1 
ATOM   448  C  CB  . PRO A 1 71  ? 6.534   8.467   10.007  1.00 17.28 ? 146 PRO A CB  1 
ATOM   449  C  CG  . PRO A 1 71  ? 6.134   9.820   9.472   1.00 18.22 ? 146 PRO A CG  1 
ATOM   450  C  CD  . PRO A 1 71  ? 7.153   10.079  8.400   1.00 18.12 ? 146 PRO A CD  1 
ATOM   451  N  N   . GLY A 1 72  ? 4.918   7.274   7.534   1.00 16.66 ? 147 GLY A N   1 
ATOM   452  C  CA  . GLY A 1 72  ? 3.868   6.443   6.979   1.00 16.34 ? 147 GLY A CA  1 
ATOM   453  C  C   . GLY A 1 72  ? 4.382   5.331   6.077   1.00 14.96 ? 147 GLY A C   1 
ATOM   454  O  O   . GLY A 1 72  ? 3.939   4.196   6.176   1.00 14.46 ? 147 GLY A O   1 
ATOM   455  N  N   . LEU A 1 73  ? 5.319   5.637   5.191   1.00 16.11 ? 148 LEU A N   1 
ATOM   456  C  CA  . LEU A 1 73  ? 5.836   4.608   4.288   1.00 16.74 ? 148 LEU A CA  1 
ATOM   457  C  C   . LEU A 1 73  ? 6.586   3.567   5.074   1.00 17.90 ? 148 LEU A C   1 
ATOM   458  O  O   . LEU A 1 73  ? 6.645   2.399   4.693   1.00 16.05 ? 148 LEU A O   1 
ATOM   459  C  CB  . LEU A 1 73  ? 6.762   5.213   3.243   1.00 17.43 ? 148 LEU A CB  1 
ATOM   460  C  CG  . LEU A 1 73  ? 6.074   6.182   2.289   1.00 18.61 ? 148 LEU A CG  1 
ATOM   461  C  CD1 . LEU A 1 73  ? 7.062   6.549   1.194   1.00 19.83 ? 148 LEU A CD1 1 
ATOM   462  C  CD2 . LEU A 1 73  ? 4.814   5.544   1.698   1.00 15.94 ? 148 LEU A CD2 1 
ATOM   463  N  N   . ASN A 1 74  ? 7.164   4.020   6.175   1.00 18.54 ? 149 ASN A N   1 
ATOM   464  C  CA  . ASN A 1 74  ? 7.907   3.159   7.065   1.00 20.69 ? 149 ASN A CA  1 
ATOM   465  C  C   . ASN A 1 74  ? 6.917   2.228   7.771   1.00 18.24 ? 149 ASN A C   1 
ATOM   466  O  O   . ASN A 1 74  ? 7.226   1.068   8.032   1.00 17.97 ? 149 ASN A O   1 
ATOM   467  C  CB  . ASN A 1 74  ? 8.639   3.997   8.098   1.00 25.06 ? 149 ASN A CB  1 
ATOM   468  C  CG  . ASN A 1 74  ? 10.013  3.476   8.376   1.00 30.36 ? 149 ASN A CG  1 
ATOM   469  O  OD1 . ASN A 1 74  ? 10.987  3.910   7.766   1.00 32.67 ? 149 ASN A OD1 1 
ATOM   470  N  ND2 . ASN A 1 74  ? 10.105  2.520   9.288   1.00 34.14 ? 149 ASN A ND2 1 
ATOM   471  N  N   . ASN A 1 75  ? 5.733   2.749   8.085   1.00 14.27 ? 150 ASN A N   1 
ATOM   472  C  CA  . ASN A 1 75  ? 4.706   1.944   8.733   1.00 14.87 ? 150 ASN A CA  1 
ATOM   473  C  C   . ASN A 1 75  ? 4.068   0.944   7.783   1.00 13.43 ? 150 ASN A C   1 
ATOM   474  O  O   . ASN A 1 75  ? 3.531   -0.067  8.216   1.00 14.66 ? 150 ASN A O   1 
ATOM   475  C  CB  . ASN A 1 75  ? 3.637   2.826   9.362   1.00 12.97 ? 150 ASN A CB  1 
ATOM   476  C  CG  . ASN A 1 75  ? 4.060   3.361   10.709  1.00 14.48 ? 150 ASN A CG  1 
ATOM   477  O  OD1 . ASN A 1 75  ? 4.856   2.739   11.400  1.00 14.38 ? 150 ASN A OD1 1 
ATOM   478  N  ND2 . ASN A 1 75  ? 3.520   4.511   11.094  1.00 13.51 ? 150 ASN A ND2 1 
ATOM   479  N  N   . VAL A 1 76  ? 4.138   1.228   6.486   1.00 12.57 ? 151 VAL A N   1 
ATOM   480  C  CA  . VAL A 1 76  ? 3.595   0.317   5.485   1.00 13.98 ? 151 VAL A CA  1 
ATOM   481  C  C   . VAL A 1 76  ? 4.480   -0.934  5.429   1.00 14.60 ? 151 VAL A C   1 
ATOM   482  O  O   . VAL A 1 76  ? 3.992   -2.047  5.249   1.00 15.50 ? 151 VAL A O   1 
ATOM   483  C  CB  . VAL A 1 76  ? 3.552   0.978   4.073   1.00 14.13 ? 151 VAL A CB  1 
ATOM   484  C  CG1 . VAL A 1 76  ? 3.350   -0.084  3.000   1.00 13.69 ? 151 VAL A CG1 1 
ATOM   485  C  CG2 . VAL A 1 76  ? 2.419   2.010   4.012   1.00 11.33 ? 151 VAL A CG2 1 
ATOM   486  N  N   . ILE A 1 77  ? 5.783   -0.736  5.577   1.00 14.89 ? 152 ILE A N   1 
ATOM   487  C  CA  . ILE A 1 77  ? 6.736   -1.839  5.560   1.00 15.03 ? 152 ILE A CA  1 
ATOM   488  C  C   . ILE A 1 77  ? 6.490   -2.714  6.781   1.00 14.59 ? 152 ILE A C   1 
ATOM   489  O  O   . ILE A 1 77  ? 6.367   -3.935  6.675   1.00 14.50 ? 152 ILE A O   1 
ATOM   490  C  CB  . ILE A 1 77  ? 8.202   -1.337  5.622   1.00 16.36 ? 152 ILE A CB  1 
ATOM   491  C  CG1 . ILE A 1 77  ? 8.495   -0.357  4.478   1.00 13.61 ? 152 ILE A CG1 1 
ATOM   492  C  CG2 . ILE A 1 77  ? 9.155   -2.523  5.583   1.00 16.34 ? 152 ILE A CG2 1 
ATOM   493  C  CD1 . ILE A 1 77  ? 8.243   -0.897  3.100   1.00 16.46 ? 152 ILE A CD1 1 
ATOM   494  N  N   . ARG A 1 78  ? 6.414   -2.083  7.947   1.00 14.59 ? 153 ARG A N   1 
ATOM   495  C  CA  . ARG A 1 78  ? 6.177   -2.833  9.171   1.00 14.85 ? 153 ARG A CA  1 
ATOM   496  C  C   . ARG A 1 78  ? 4.915   -3.673  9.055   1.00 15.49 ? 153 ARG A C   1 
ATOM   497  O  O   . ARG A 1 78  ? 4.900   -4.817  9.466   1.00 18.47 ? 153 ARG A O   1 
ATOM   498  C  CB  . ARG A 1 78  ? 6.075   -1.892  10.364  1.00 15.71 ? 153 ARG A CB  1 
ATOM   499  C  CG  . ARG A 1 78  ? 7.378   -1.204  10.710  1.00 15.86 ? 153 ARG A CG  1 
ATOM   500  C  CD  . ARG A 1 78  ? 7.146   -0.120  11.762  1.00 16.15 ? 153 ARG A CD  1 
ATOM   501  N  NE  . ARG A 1 78  ? 6.685   -0.674  13.023  1.00 15.61 ? 153 ARG A NE  1 
ATOM   502  C  CZ  . ARG A 1 78  ? 5.799   -0.089  13.824  1.00 15.59 ? 153 ARG A CZ  1 
ATOM   503  N  NH1 . ARG A 1 78  ? 5.273   1.078   13.489  1.00 12.27 ? 153 ARG A NH1 1 
ATOM   504  N  NH2 . ARG A 1 78  ? 5.446   -0.676  14.963  1.00 10.16 ? 153 ARG A NH2 1 
ATOM   505  N  N   . LEU A 1 79  ? 3.857   -3.120  8.478   1.00 15.53 ? 154 LEU A N   1 
ATOM   506  C  CA  . LEU A 1 79  ? 2.637   -3.889  8.338   1.00 16.03 ? 154 LEU A CA  1 
ATOM   507  C  C   . LEU A 1 79  ? 2.823   -5.044  7.364   1.00 17.31 ? 154 LEU A C   1 
ATOM   508  O  O   . LEU A 1 79  ? 2.363   -6.155  7.619   1.00 17.49 ? 154 LEU A O   1 
ATOM   509  C  CB  . LEU A 1 79  ? 1.492   -3.004  7.861   1.00 15.27 ? 154 LEU A CB  1 
ATOM   510  C  CG  . LEU A 1 79  ? 0.100   -3.644  7.850   1.00 15.60 ? 154 LEU A CG  1 
ATOM   511  C  CD1 . LEU A 1 79  ? -0.307  -4.119  9.245   1.00 14.51 ? 154 LEU A CD1 1 
ATOM   512  C  CD2 . LEU A 1 79  ? -0.894  -2.608  7.340   1.00 15.79 ? 154 LEU A CD2 1 
ATOM   513  N  N   . LEU A 1 80  ? 3.484   -4.792  6.242   1.00 17.86 ? 155 LEU A N   1 
ATOM   514  C  CA  . LEU A 1 80  ? 3.691   -5.860  5.274   1.00 18.67 ? 155 LEU A CA  1 
ATOM   515  C  C   . LEU A 1 80  ? 4.555   -6.961  5.871   1.00 20.94 ? 155 LEU A C   1 
ATOM   516  O  O   . LEU A 1 80  ? 4.492   -8.100  5.426   1.00 22.78 ? 155 LEU A O   1 
ATOM   517  C  CB  . LEU A 1 80  ? 4.335   -5.331  3.991   1.00 16.50 ? 155 LEU A CB  1 
ATOM   518  C  CG  . LEU A 1 80  ? 3.498   -4.347  3.166   1.00 15.20 ? 155 LEU A CG  1 
ATOM   519  C  CD1 . LEU A 1 80  ? 4.268   -3.946  1.906   1.00 11.67 ? 155 LEU A CD1 1 
ATOM   520  C  CD2 . LEU A 1 80  ? 2.167   -4.975  2.804   1.00 12.64 ? 155 LEU A CD2 1 
ATOM   521  N  N   . ASN A 1 81  ? 5.349   -6.626  6.887   1.00 22.74 ? 156 ASN A N   1 
ATOM   522  C  CA  . ASN A 1 81  ? 6.198   -7.620  7.531   1.00 25.64 ? 156 ASN A CA  1 
ATOM   523  C  C   . ASN A 1 81  ? 5.410   -8.539  8.454   1.00 27.36 ? 156 ASN A C   1 
ATOM   524  O  O   . ASN A 1 81  ? 5.970   -9.424  9.086   1.00 27.96 ? 156 ASN A O   1 
ATOM   525  C  CB  . ASN A 1 81  ? 7.336   -6.959  8.306   1.00 27.16 ? 156 ASN A CB  1 
ATOM   526  C  CG  . ASN A 1 81  ? 8.430   -6.467  7.399   1.00 29.01 ? 156 ASN A CG  1 
ATOM   527  O  OD1 . ASN A 1 81  ? 8.723   -7.085  6.376   1.00 31.81 ? 156 ASN A OD1 1 
ATOM   528  N  ND2 . ASN A 1 81  ? 9.051   -5.356  7.768   1.00 32.58 ? 156 ASN A ND2 1 
ATOM   529  N  N   . PHE A 1 82  ? 4.107   -8.319  8.531   1.00 28.29 ? 157 PHE A N   1 
ATOM   530  C  CA  . PHE A 1 82  ? 3.243   -9.163  9.338   1.00 28.95 ? 157 PHE A CA  1 
ATOM   531  C  C   . PHE A 1 82  ? 2.829   -10.327 8.454   1.00 28.96 ? 157 PHE A C   1 
ATOM   532  O  O   . PHE A 1 82  ? 2.442   -11.386 8.937   1.00 29.32 ? 157 PHE A O   1 
ATOM   533  C  CB  . PHE A 1 82  ? 2.004   -8.386  9.771   1.00 29.55 ? 157 PHE A CB  1 
ATOM   534  C  CG  . PHE A 1 82  ? 2.111   -7.803  11.141  1.00 30.31 ? 157 PHE A CG  1 
ATOM   535  C  CD1 . PHE A 1 82  ? 1.830   -8.577  12.259  1.00 30.83 ? 157 PHE A CD1 1 
ATOM   536  C  CD2 . PHE A 1 82  ? 2.481   -6.479  11.322  1.00 32.04 ? 157 PHE A CD2 1 
ATOM   537  C  CE1 . PHE A 1 82  ? 1.922   -8.037  13.542  1.00 31.55 ? 157 PHE A CE1 1 
ATOM   538  C  CE2 . PHE A 1 82  ? 2.577   -5.932  12.603  1.00 31.99 ? 157 PHE A CE2 1 
ATOM   539  C  CZ  . PHE A 1 82  ? 2.291   -6.714  13.713  1.00 31.12 ? 157 PHE A CZ  1 
ATOM   540  N  N   . TYR A 1 83  ? 2.937   -10.112 7.146   1.00 28.81 ? 158 TYR A N   1 
ATOM   541  C  CA  . TYR A 1 83  ? 2.566   -11.106 6.149   1.00 29.80 ? 158 TYR A CA  1 
ATOM   542  C  C   . TYR A 1 83  ? 3.755   -11.451 5.255   1.00 32.60 ? 158 TYR A C   1 
ATOM   543  O  O   . TYR A 1 83  ? 3.735   -11.183 4.058   1.00 32.58 ? 158 TYR A O   1 
ATOM   544  C  CB  . TYR A 1 83  ? 1.429   -10.548 5.300   1.00 27.70 ? 158 TYR A CB  1 
ATOM   545  C  CG  . TYR A 1 83  ? 0.306   -9.978  6.134   1.00 26.95 ? 158 TYR A CG  1 
ATOM   546  C  CD1 . TYR A 1 83  ? -0.741  -10.785 6.576   1.00 25.14 ? 158 TYR A CD1 1 
ATOM   547  C  CD2 . TYR A 1 83  ? 0.304   -8.629  6.504   1.00 26.89 ? 158 TYR A CD2 1 
ATOM   548  C  CE1 . TYR A 1 83  ? -1.766  -10.261 7.359   1.00 25.49 ? 158 TYR A CE1 1 
ATOM   549  C  CE2 . TYR A 1 83  ? -0.713  -8.098  7.288   1.00 25.38 ? 158 TYR A CE2 1 
ATOM   550  C  CZ  . TYR A 1 83  ? -1.741  -8.918  7.709   1.00 25.51 ? 158 TYR A CZ  1 
ATOM   551  O  OH  . TYR A 1 83  ? -2.743  -8.388  8.469   1.00 27.02 ? 158 TYR A OH  1 
ATOM   552  N  N   . PRO A 1 84  ? 4.801   -12.068 5.822   1.00 35.09 ? 159 PRO A N   1 
ATOM   553  C  CA  . PRO A 1 84  ? 5.983   -12.422 5.028   1.00 38.11 ? 159 PRO A CA  1 
ATOM   554  C  C   . PRO A 1 84  ? 5.822   -13.584 4.045   1.00 40.52 ? 159 PRO A C   1 
ATOM   555  O  O   . PRO A 1 84  ? 6.777   -13.973 3.382   1.00 43.57 ? 159 PRO A O   1 
ATOM   556  C  CB  . PRO A 1 84  ? 7.038   -12.700 6.097   1.00 37.32 ? 159 PRO A CB  1 
ATOM   557  C  CG  . PRO A 1 84  ? 6.220   -13.282 7.223   1.00 36.80 ? 159 PRO A CG  1 
ATOM   558  C  CD  . PRO A 1 84  ? 5.004   -12.383 7.250   1.00 35.38 ? 159 PRO A CD  1 
ATOM   559  N  N   . GLN A 1 85  ? 4.615   -14.120 3.929   1.00 42.33 ? 160 GLN A N   1 
ATOM   560  C  CA  . GLN A 1 85  ? 4.376   -15.244 3.027   1.00 43.35 ? 160 GLN A CA  1 
ATOM   561  C  C   . GLN A 1 85  ? 3.341   -14.912 1.964   1.00 42.34 ? 160 GLN A C   1 
ATOM   562  O  O   . GLN A 1 85  ? 3.040   -15.735 1.094   1.00 42.25 ? 160 GLN A O   1 
ATOM   563  C  CB  . GLN A 1 85  ? 3.909   -16.462 3.831   1.00 45.97 ? 160 GLN A CB  1 
ATOM   564  C  CG  . GLN A 1 85  ? 4.940   -16.960 4.827   1.00 49.68 ? 160 GLN A CG  1 
ATOM   565  C  CD  . GLN A 1 85  ? 6.144   -17.582 4.143   1.00 52.97 ? 160 GLN A CD  1 
ATOM   566  O  OE1 . GLN A 1 85  ? 7.255   -17.554 4.671   1.00 55.13 ? 160 GLN A OE1 1 
ATOM   567  N  NE2 . GLN A 1 85  ? 5.923   -18.159 2.963   1.00 54.12 ? 160 GLN A NE2 1 
ATOM   568  N  N   . SER A 1 86  ? 2.800   -13.702 2.032   1.00 39.52 ? 161 SER A N   1 
ATOM   569  C  CA  . SER A 1 86  ? 1.787   -13.283 1.082   1.00 37.10 ? 161 SER A CA  1 
ATOM   570  C  C   . SER A 1 86  ? 2.372   -12.544 -0.103  1.00 34.75 ? 161 SER A C   1 
ATOM   571  O  O   . SER A 1 86  ? 3.345   -11.809 0.034   1.00 36.20 ? 161 SER A O   1 
ATOM   572  C  CB  . SER A 1 86  ? 0.761   -12.380 1.770   1.00 36.83 ? 161 SER A CB  1 
ATOM   573  O  OG  . SER A 1 86  ? 0.057   -13.078 2.777   1.00 40.51 ? 161 SER A OG  1 
ATOM   574  N  N   . THR A 1 87  ? 1.771   -12.755 -1.267  1.00 33.62 ? 162 THR A N   1 
ATOM   575  C  CA  . THR A 1 87  ? 2.188   -12.071 -2.477  1.00 32.80 ? 162 THR A CA  1 
ATOM   576  C  C   . THR A 1 87  ? 1.618   -10.658 -2.382  1.00 31.43 ? 162 THR A C   1 
ATOM   577  O  O   . THR A 1 87  ? 0.433   -10.467 -2.088  1.00 30.36 ? 162 THR A O   1 
ATOM   578  C  CB  . THR A 1 87  ? 1.642   -12.773 -3.736  1.00 33.21 ? 162 THR A CB  1 
ATOM   579  O  OG1 . THR A 1 87  ? 2.372   -13.984 -3.950  1.00 36.44 ? 162 THR A OG1 1 
ATOM   580  C  CG2 . THR A 1 87  ? 1.783   -11.881 -4.966  1.00 35.54 ? 162 THR A CG2 1 
ATOM   581  N  N   . ILE A 1 88  ? 2.467   -9.669  -2.626  1.00 29.28 ? 163 ILE A N   1 
ATOM   582  C  CA  . ILE A 1 88  ? 2.054   -8.279  -2.540  1.00 27.08 ? 163 ILE A CA  1 
ATOM   583  C  C   . ILE A 1 88  ? 1.785   -7.675  -3.907  1.00 25.06 ? 163 ILE A C   1 
ATOM   584  O  O   . ILE A 1 88  ? 2.683   -7.577  -4.737  1.00 25.03 ? 163 ILE A O   1 
ATOM   585  C  CB  . ILE A 1 88  ? 3.133   -7.451  -1.810  1.00 26.96 ? 163 ILE A CB  1 
ATOM   586  C  CG1 . ILE A 1 88  ? 3.444   -8.100  -0.457  1.00 25.26 ? 163 ILE A CG1 1 
ATOM   587  C  CG2 . ILE A 1 88  ? 2.670   -6.008  -1.638  1.00 26.47 ? 163 ILE A CG2 1 
ATOM   588  C  CD1 . ILE A 1 88  ? 2.237   -8.283  0.452   1.00 26.44 ? 163 ILE A CD1 1 
ATOM   589  N  N   . TYR A 1 89  ? 0.536   -7.275  -4.127  1.00 24.63 ? 164 TYR A N   1 
ATOM   590  C  CA  . TYR A 1 89  ? 0.112   -6.666  -5.387  1.00 23.58 ? 164 TYR A CA  1 
ATOM   591  C  C   . TYR A 1 89  ? 0.069   -5.159  -5.229  1.00 22.45 ? 164 TYR A C   1 
ATOM   592  O  O   . TYR A 1 89  ? -0.363  -4.652  -4.195  1.00 22.54 ? 164 TYR A O   1 
ATOM   593  C  CB  . TYR A 1 89  ? -1.274  -7.172  -5.787  1.00 24.20 ? 164 TYR A CB  1 
ATOM   594  C  CG  . TYR A 1 89  ? -1.324  -8.658  -6.032  1.00 26.62 ? 164 TYR A CG  1 
ATOM   595  C  CD1 . TYR A 1 89  ? -0.961  -9.195  -7.269  1.00 26.54 ? 164 TYR A CD1 1 
ATOM   596  C  CD2 . TYR A 1 89  ? -1.687  -9.534  -5.012  1.00 25.79 ? 164 TYR A CD2 1 
ATOM   597  C  CE1 . TYR A 1 89  ? -0.957  -10.567 -7.481  1.00 28.47 ? 164 TYR A CE1 1 
ATOM   598  C  CE2 . TYR A 1 89  ? -1.687  -10.908 -5.214  1.00 28.78 ? 164 TYR A CE2 1 
ATOM   599  C  CZ  . TYR A 1 89  ? -1.319  -11.415 -6.448  1.00 28.47 ? 164 TYR A CZ  1 
ATOM   600  O  OH  . TYR A 1 89  ? -1.301  -12.771 -6.640  1.00 32.78 ? 164 TYR A OH  1 
ATOM   601  N  N   . VAL A 1 90  ? 0.510   -4.452  -6.268  1.00 21.84 ? 165 VAL A N   1 
ATOM   602  C  CA  . VAL A 1 90  ? 0.553   -2.994  -6.258  1.00 20.86 ? 165 VAL A CA  1 
ATOM   603  C  C   . VAL A 1 90  ? -0.110  -2.378  -7.495  1.00 20.54 ? 165 VAL A C   1 
ATOM   604  O  O   . VAL A 1 90  ? 0.166   -2.764  -8.625  1.00 19.61 ? 165 VAL A O   1 
ATOM   605  C  CB  . VAL A 1 90  ? 2.012   -2.498  -6.179  1.00 20.64 ? 165 VAL A CB  1 
ATOM   606  C  CG1 . VAL A 1 90  ? 2.042   -0.996  -6.083  1.00 19.19 ? 165 VAL A CG1 1 
ATOM   607  C  CG2 . VAL A 1 90  ? 2.715   -3.127  -4.983  1.00 20.95 ? 165 VAL A CG2 1 
ATOM   608  N  N   . ALA A 1 91  ? -0.986  -1.412  -7.269  1.00 22.22 ? 166 ALA A N   1 
ATOM   609  C  CA  . ALA A 1 91  ? -1.688  -0.757  -8.363  1.00 23.18 ? 166 ALA A CA  1 
ATOM   610  C  C   . ALA A 1 91  ? -1.465  0.738   -8.309  1.00 24.86 ? 166 ALA A C   1 
ATOM   611  O  O   . ALA A 1 91  ? -1.403  1.330   -7.233  1.00 25.52 ? 166 ALA A O   1 
ATOM   612  C  CB  . ALA A 1 91  ? -3.176  -1.060  -8.290  1.00 19.83 ? 166 ALA A CB  1 
ATOM   613  N  N   . GLY A 1 92  ? -1.340  1.344   -9.481  1.00 26.24 ? 167 GLY A N   1 
ATOM   614  C  CA  . GLY A 1 92  ? -1.143  2.774   -9.544  1.00 25.97 ? 167 GLY A CA  1 
ATOM   615  C  C   . GLY A 1 92  ? -2.402  3.415   -10.079 1.00 28.02 ? 167 GLY A C   1 
ATOM   616  O  O   . GLY A 1 92  ? -3.158  2.792   -10.816 1.00 26.75 ? 167 GLY A O   1 
ATOM   617  N  N   . PHE A 1 93  ? -2.643  4.658   -9.694  1.00 31.15 ? 168 PHE A N   1 
ATOM   618  C  CA  . PHE A 1 93  ? -3.811  5.360   -10.175 1.00 36.05 ? 168 PHE A CA  1 
ATOM   619  C  C   . PHE A 1 93  ? -3.608  6.866   -10.183 1.00 39.89 ? 168 PHE A C   1 
ATOM   620  O  O   . PHE A 1 93  ? -3.909  7.556   -9.217  1.00 40.57 ? 168 PHE A O   1 
ATOM   621  C  CB  . PHE A 1 93  ? -5.047  5.015   -9.339  1.00 35.42 ? 168 PHE A CB  1 
ATOM   622  C  CG  . PHE A 1 93  ? -6.337  5.535   -9.916  1.00 36.10 ? 168 PHE A CG  1 
ATOM   623  C  CD1 . PHE A 1 93  ? -7.154  4.709   -10.681 1.00 37.46 ? 168 PHE A CD1 1 
ATOM   624  C  CD2 . PHE A 1 93  ? -6.736  6.850   -9.701  1.00 38.17 ? 168 PHE A CD2 1 
ATOM   625  C  CE1 . PHE A 1 93  ? -8.361  5.185   -11.221 1.00 38.36 ? 168 PHE A CE1 1 
ATOM   626  C  CE2 . PHE A 1 93  ? -7.939  7.340   -10.236 1.00 38.73 ? 168 PHE A CE2 1 
ATOM   627  C  CZ  . PHE A 1 93  ? -8.750  6.505   -11.000 1.00 38.53 ? 168 PHE A CZ  1 
ATOM   628  N  N   . THR A 1 94  ? -3.036  7.355   -11.273 1.00 45.32 ? 169 THR A N   1 
ATOM   629  C  CA  . THR A 1 94  ? -2.865  8.786   -11.485 1.00 51.35 ? 169 THR A CA  1 
ATOM   630  C  C   . THR A 1 94  ? -3.882  8.889   -12.590 1.00 54.56 ? 169 THR A C   1 
ATOM   631  O  O   . THR A 1 94  ? -3.951  9.874   -13.317 1.00 54.94 ? 169 THR A O   1 
ATOM   632  C  CB  . THR A 1 94  ? -1.519  9.160   -12.102 1.00 51.03 ? 169 THR A CB  1 
ATOM   633  O  OG1 . THR A 1 94  ? -0.499  8.268   -11.640 1.00 50.79 ? 169 THR A OG1 1 
ATOM   634  C  CG2 . THR A 1 94  ? -1.166  10.587  -11.703 1.00 50.73 ? 169 THR A CG2 1 
ATOM   635  N  N   . ASP A 1 95  ? -4.640  7.798   -12.693 1.00 59.24 ? 170 ASP A N   1 
ATOM   636  C  CA  . ASP A 1 95  ? -5.692  7.580   -13.673 1.00 63.25 ? 170 ASP A CA  1 
ATOM   637  C  C   . ASP A 1 95  ? -6.748  8.671   -13.547 1.00 64.04 ? 170 ASP A C   1 
ATOM   638  O  O   . ASP A 1 95  ? -7.897  8.500   -13.942 1.00 64.90 ? 170 ASP A O   1 
ATOM   639  C  CB  . ASP A 1 95  ? -6.276  6.176   -13.440 1.00 65.88 ? 170 ASP A CB  1 
ATOM   640  C  CG  . ASP A 1 95  ? -7.436  5.834   -14.369 1.00 69.52 ? 170 ASP A CG  1 
ATOM   641  O  OD1 . ASP A 1 95  ? -7.840  4.635   -14.373 1.00 71.12 ? 170 ASP A OD1 1 
ATOM   642  O  OD2 . ASP A 1 95  ? -7.965  6.735   -15.075 1.00 71.41 ? 170 ASP A OD2 1 
ATOM   643  N  N   . ASN A 1 96  ? -6.358  9.812   -13.003 1.00 64.95 ? 171 ASN A N   1 
ATOM   644  C  CA  . ASN A 1 96  ? -7.296  10.911  -12.894 1.00 66.62 ? 171 ASN A CA  1 
ATOM   645  C  C   . ASN A 1 96  ? -6.955  11.888  -14.000 1.00 67.52 ? 171 ASN A C   1 
ATOM   646  O  O   . ASN A 1 96  ? -7.838  12.458  -14.643 1.00 67.05 ? 171 ASN A O   1 
ATOM   647  C  CB  . ASN A 1 96  ? -7.157  11.612  -11.554 1.00 66.88 ? 171 ASN A CB  1 
ATOM   648  C  CG  . ASN A 1 96  ? -8.418  12.332  -11.156 1.00 67.11 ? 171 ASN A CG  1 
ATOM   649  O  OD1 . ASN A 1 96  ? -9.527  11.953  -11.569 1.00 66.50 ? 171 ASN A OD1 1 
ATOM   650  N  ND2 . ASN A 1 96  ? -8.271  13.362  -10.326 1.00 67.48 ? 171 ASN A ND2 1 
ATOM   651  N  N   . VAL A 1 97  ? -5.657  12.085  -14.223 1.00 69.00 ? 172 VAL A N   1 
ATOM   652  C  CA  . VAL A 1 97  ? -5.254  13.019  -15.287 1.00 70.49 ? 172 VAL A CA  1 
ATOM   653  C  C   . VAL A 1 97  ? -5.853  12.426  -16.549 1.00 71.49 ? 172 VAL A C   1 
ATOM   654  O  O   . VAL A 1 97  ? -6.176  11.235  -16.546 1.00 71.99 ? 172 VAL A O   1 
ATOM   655  C  CB  . VAL A 1 97  ? -3.758  13.048  -15.593 1.00 70.39 ? 172 VAL A CB  1 
ATOM   656  C  CG1 . VAL A 1 97  ? -3.383  14.455  -16.075 1.00 69.66 ? 172 VAL A CG1 1 
ATOM   657  C  CG2 . VAL A 1 97  ? -2.924  12.602  -14.404 1.00 70.23 ? 172 VAL A CG2 1 
ATOM   658  N  N   . GLY A 1 98  ? -5.893  13.138  -17.679 1.00 72.38 ? 173 GLY A N   1 
ATOM   659  C  CA  . GLY A 1 98  ? -6.560  12.411  -18.743 1.00 72.83 ? 173 GLY A CA  1 
ATOM   660  C  C   . GLY A 1 98  ? -6.853  12.245  -20.217 1.00 73.60 ? 173 GLY A C   1 
ATOM   661  O  O   . GLY A 1 98  ? -6.205  12.699  -21.164 1.00 73.89 ? 173 GLY A O   1 
ATOM   662  N  N   . SER A 1 99  ? -7.995  11.556  -20.304 1.00 74.36 ? 174 SER A N   1 
ATOM   663  C  CA  . SER A 1 99  ? -8.719  11.089  -21.484 1.00 74.83 ? 174 SER A CA  1 
ATOM   664  C  C   . SER A 1 99  ? -8.422  9.607   -21.671 1.00 74.31 ? 174 SER A C   1 
ATOM   665  O  O   . SER A 1 99  ? -8.765  8.843   -20.791 1.00 74.84 ? 174 SER A O   1 
ATOM   666  C  CB  . SER A 1 99  ? -8.431  11.953  -22.737 1.00 75.08 ? 174 SER A CB  1 
ATOM   667  O  OG  . SER A 1 99  ? -9.365  13.017  -22.847 1.00 75.37 ? 174 SER A OG  1 
ATOM   668  N  N   . ARG A 1 100 ? -7.807  9.157   -22.751 1.00 73.54 ? 175 ARG A N   1 
ATOM   669  C  CA  . ARG A 1 100 ? -7.614  7.701   -22.863 1.00 73.17 ? 175 ARG A CA  1 
ATOM   670  C  C   . ARG A 1 100 ? -6.278  7.248   -22.261 1.00 72.79 ? 175 ARG A C   1 
ATOM   671  O  O   . ARG A 1 100 ? -6.318  6.607   -21.199 1.00 72.64 ? 175 ARG A O   1 
ATOM   672  C  CB  . ARG A 1 100 ? -7.680  7.275   -24.304 1.00 73.22 ? 175 ARG A CB  1 
ATOM   673  C  CG  . ARG A 1 100 ? -6.934  6.018   -24.487 1.00 73.04 ? 175 ARG A CG  1 
ATOM   674  C  CD  . ARG A 1 100 ? -7.610  5.101   -25.471 1.00 73.85 ? 175 ARG A CD  1 
ATOM   675  N  NE  . ARG A 1 100 ? -6.715  4.735   -26.568 1.00 74.25 ? 175 ARG A NE  1 
ATOM   676  C  CZ  . ARG A 1 100 ? -7.148  4.305   -27.754 1.00 74.25 ? 175 ARG A CZ  1 
ATOM   677  N  NH1 . ARG A 1 100 ? -8.467  4.186   -27.990 1.00 73.53 ? 175 ARG A NH1 1 
ATOM   678  N  NH2 . ARG A 1 100 ? -6.267  4.035   -28.717 1.00 73.85 ? 175 ARG A NH2 1 
ATOM   679  N  N   . LYS A 1 103 ? -3.242  6.918   -19.918 1.00 57.29 ? 178 LYS A N   1 
ATOM   680  C  CA  . LYS A 1 103 ? -2.275  7.019   -18.835 1.00 57.48 ? 178 LYS A CA  1 
ATOM   681  C  C   . LYS A 1 103 ? -2.185  5.783   -17.987 1.00 56.77 ? 178 LYS A C   1 
ATOM   682  O  O   . LYS A 1 103 ? -1.762  5.843   -16.823 1.00 56.97 ? 178 LYS A O   1 
ATOM   683  C  CB  . LYS A 1 103 ? -2.594  8.226   -17.950 1.00 57.90 ? 178 LYS A CB  1 
ATOM   684  C  CG  . LYS A 1 103 ? -3.923  8.092   -17.225 1.00 58.31 ? 178 LYS A CG  1 
ATOM   685  C  CD  . LYS A 1 103 ? -5.073  7.852   -18.195 1.00 58.60 ? 178 LYS A CD  1 
ATOM   686  C  CE  . LYS A 1 103 ? -5.749  6.499   -17.964 1.00 58.46 ? 178 LYS A CE  1 
ATOM   687  N  NZ  . LYS A 1 103 ? -6.193  6.373   -16.560 1.00 58.24 ? 178 LYS A NZ  1 
ATOM   688  N  N   . ARG A 1 104 ? -2.608  4.647   -18.526 1.00 55.28 ? 179 ARG A N   1 
ATOM   689  C  CA  . ARG A 1 104 ? -2.524  3.420   -17.725 1.00 53.92 ? 179 ARG A CA  1 
ATOM   690  C  C   . ARG A 1 104 ? -1.024  3.278   -17.508 1.00 52.06 ? 179 ARG A C   1 
ATOM   691  O  O   . ARG A 1 104 ? -0.596  2.557   -16.621 1.00 51.26 ? 179 ARG A O   1 
ATOM   692  C  CB  . ARG A 1 104 ? -3.054  2.230   -18.513 1.00 54.77 ? 179 ARG A CB  1 
ATOM   693  C  CG  . ARG A 1 104 ? -1.984  1.450   -19.207 1.00 56.51 ? 179 ARG A CG  1 
ATOM   694  C  CD  . ARG A 1 104 ? -2.366  -0.029  -19.461 1.00 57.83 ? 179 ARG A CD  1 
ATOM   695  N  NE  . ARG A 1 104 ? -3.244  -0.194  -20.624 1.00 58.80 ? 179 ARG A NE  1 
ATOM   696  C  CZ  . ARG A 1 104 ? -3.461  -1.373  -21.224 1.00 58.88 ? 179 ARG A CZ  1 
ATOM   697  N  NH1 . ARG A 1 104 ? -2.861  -2.483  -20.772 1.00 57.75 ? 179 ARG A NH1 1 
ATOM   698  N  NH2 . ARG A 1 104 ? -4.285  -1.458  -22.272 1.00 58.50 ? 179 ARG A NH2 1 
ATOM   699  N  N   . LYS A 1 105 ? -0.257  4.031   -18.304 1.00 49.51 ? 180 LYS A N   1 
ATOM   700  C  CA  . LYS A 1 105 ? 1.194   4.059   -18.267 1.00 47.20 ? 180 LYS A CA  1 
ATOM   701  C  C   . LYS A 1 105 ? 1.715   4.604   -16.952 1.00 45.55 ? 180 LYS A C   1 
ATOM   702  O  O   . LYS A 1 105 ? 2.384   3.893   -16.209 1.00 44.73 ? 180 LYS A O   1 
ATOM   703  C  CB  . LYS A 1 105 ? 1.684   4.941   -19.409 1.00 49.58 ? 180 LYS A CB  1 
ATOM   704  C  CG  . LYS A 1 105 ? 2.039   4.240   -20.721 1.00 50.34 ? 180 LYS A CG  1 
ATOM   705  C  CD  . LYS A 1 105 ? 3.437   3.659   -20.637 1.00 49.70 ? 180 LYS A CD  1 
ATOM   706  C  CE  . LYS A 1 105 ? 4.015   3.554   -22.018 1.00 49.69 ? 180 LYS A CE  1 
ATOM   707  N  NZ  . LYS A 1 105 ? 3.737   4.852   -22.737 1.00 49.92 ? 180 LYS A NZ  1 
ATOM   708  N  N   . LEU A 1 106 ? 1.440   5.876   -16.681 1.00 43.96 ? 181 LEU A N   1 
ATOM   709  C  CA  . LEU A 1 106 ? 1.912   6.496   -15.452 1.00 42.47 ? 181 LEU A CA  1 
ATOM   710  C  C   . LEU A 1 106 ? 1.400   5.766   -14.218 1.00 40.29 ? 181 LEU A C   1 
ATOM   711  O  O   . LEU A 1 106 ? 1.991   5.864   -13.145 1.00 41.42 ? 181 LEU A O   1 
ATOM   712  C  CB  . LEU A 1 106 ? 1.508   7.974   -15.383 1.00 43.95 ? 181 LEU A CB  1 
ATOM   713  C  CG  . LEU A 1 106 ? 2.261   8.922   -16.323 1.00 46.80 ? 181 LEU A CG  1 
ATOM   714  C  CD1 . LEU A 1 106 ? 1.807   10.356  -16.087 1.00 45.76 ? 181 LEU A CD1 1 
ATOM   715  C  CD2 . LEU A 1 106 ? 3.765   8.804   -16.094 1.00 46.75 ? 181 LEU A CD2 1 
ATOM   716  N  N   . SER A 1 107 ? 0.300   5.034   -14.362 1.00 37.69 ? 182 SER A N   1 
ATOM   717  C  CA  . SER A 1 107 ? -0.247  4.283   -13.241 1.00 35.96 ? 182 SER A CA  1 
ATOM   718  C  C   . SER A 1 107 ? 0.641   3.064   -13.050 1.00 34.45 ? 182 SER A C   1 
ATOM   719  O  O   . SER A 1 107 ? 1.105   2.787   -11.946 1.00 33.15 ? 182 SER A O   1 
ATOM   720  C  CB  . SER A 1 107 ? -1.687  3.877   -13.538 1.00 35.01 ? 182 SER A CB  1 
ATOM   721  O  OG  . SER A 1 107 ? -2.474  5.028   -13.752 1.00 34.46 ? 182 SER A OG  1 
ATOM   722  N  N   . GLN A 1 108 ? 0.876   2.343   -14.139 1.00 34.98 ? 183 GLN A N   1 
ATOM   723  C  CA  . GLN A 1 108 ? 1.756   1.186   -14.103 1.00 36.84 ? 183 GLN A CA  1 
ATOM   724  C  C   . GLN A 1 108 ? 3.088   1.705   -13.587 1.00 36.18 ? 183 GLN A C   1 
ATOM   725  O  O   . GLN A 1 108 ? 3.805   1.021   -12.856 1.00 36.32 ? 183 GLN A O   1 
ATOM   726  C  CB  . GLN A 1 108 ? 1.945   0.615   -15.509 1.00 39.59 ? 183 GLN A CB  1 
ATOM   727  C  CG  . GLN A 1 108 ? 0.933   -0.448  -15.902 1.00 45.51 ? 183 GLN A CG  1 
ATOM   728  C  CD  . GLN A 1 108 ? 1.172   -1.772  -15.189 1.00 48.96 ? 183 GLN A CD  1 
ATOM   729  O  OE1 . GLN A 1 108 ? 0.378   -2.707  -15.309 1.00 50.93 ? 183 GLN A OE1 1 
ATOM   730  N  NE2 . GLN A 1 108 ? 2.277   -1.859  -14.448 1.00 50.80 ? 183 GLN A NE2 1 
ATOM   731  N  N   . ALA A 1 109 ? 3.390   2.942   -13.967 1.00 34.77 ? 184 ALA A N   1 
ATOM   732  C  CA  . ALA A 1 109 ? 4.627   3.591   -13.588 1.00 34.22 ? 184 ALA A CA  1 
ATOM   733  C  C   . ALA A 1 109 ? 4.786   3.762   -12.088 1.00 33.94 ? 184 ALA A C   1 
ATOM   734  O  O   . ALA A 1 109 ? 5.720   3.223   -11.508 1.00 34.06 ? 184 ALA A O   1 
ATOM   735  C  CB  . ALA A 1 109 ? 4.741   4.944   -14.285 1.00 34.77 ? 184 ALA A CB  1 
ATOM   736  N  N   . GLN A 1 110 ? 3.893   4.505   -11.443 1.00 33.03 ? 185 GLN A N   1 
ATOM   737  C  CA  . GLN A 1 110 ? 4.060   4.690   -10.010 1.00 34.15 ? 185 GLN A CA  1 
ATOM   738  C  C   . GLN A 1 110 ? 3.918   3.399   -9.216  1.00 31.79 ? 185 GLN A C   1 
ATOM   739  O  O   . GLN A 1 110 ? 4.377   3.313   -8.082  1.00 31.78 ? 185 GLN A O   1 
ATOM   740  C  CB  . GLN A 1 110 ? 3.131   5.790   -9.467  1.00 36.40 ? 185 GLN A CB  1 
ATOM   741  C  CG  . GLN A 1 110 ? 1.669   5.696   -9.813  1.00 40.37 ? 185 GLN A CG  1 
ATOM   742  C  CD  . GLN A 1 110 ? 0.894   6.892   -9.268  1.00 43.99 ? 185 GLN A CD  1 
ATOM   743  O  OE1 . GLN A 1 110 ? -0.327  6.982   -9.417  1.00 45.14 ? 185 GLN A OE1 1 
ATOM   744  N  NE2 . GLN A 1 110 ? 1.605   7.816   -8.629  1.00 45.08 ? 185 GLN A NE2 1 
ATOM   745  N  N   . ALA A 1 111 ? 3.304   2.392   -9.820  1.00 30.46 ? 186 ALA A N   1 
ATOM   746  C  CA  . ALA A 1 111 ? 3.167   1.102   -9.163  1.00 31.43 ? 186 ALA A CA  1 
ATOM   747  C  C   . ALA A 1 111 ? 4.569   0.492   -9.093  1.00 31.13 ? 186 ALA A C   1 
ATOM   748  O  O   . ALA A 1 111 ? 4.947   -0.128  -8.095  1.00 30.86 ? 186 ALA A O   1 
ATOM   749  C  CB  . ALA A 1 111 ? 2.234   0.194   -9.960  1.00 30.03 ? 186 ALA A CB  1 
ATOM   750  N  N   . GLU A 1 112 ? 5.340   0.672   -10.164 1.00 32.77 ? 187 GLU A N   1 
ATOM   751  C  CA  . GLU A 1 112 ? 6.705   0.159   -10.215 1.00 33.23 ? 187 GLU A CA  1 
ATOM   752  C  C   . GLU A 1 112 ? 7.557   0.907   -9.187  1.00 32.40 ? 187 GLU A C   1 
ATOM   753  O  O   . GLU A 1 112 ? 8.395   0.313   -8.505  1.00 30.63 ? 187 GLU A O   1 
ATOM   754  C  CB  . GLU A 1 112 ? 7.282   0.328   -11.625 1.00 35.93 ? 187 GLU A CB  1 
ATOM   755  C  CG  . GLU A 1 112 ? 6.783   -0.705  -12.634 1.00 37.28 ? 187 GLU A CG  1 
ATOM   756  C  CD  . GLU A 1 112 ? 7.380   -0.503  -14.022 1.00 41.57 ? 187 GLU A CD  1 
ATOM   757  O  OE1 . GLU A 1 112 ? 8.606   -0.295  -14.119 1.00 43.52 ? 187 GLU A OE1 1 
ATOM   758  O  OE2 . GLU A 1 112 ? 6.629   -0.560  -15.021 1.00 41.82 ? 187 GLU A OE2 1 
ATOM   759  N  N   . THR A 1 113 ? 7.315   2.210   -9.069  1.00 31.55 ? 188 THR A N   1 
ATOM   760  C  CA  . THR A 1 113 ? 8.031   3.053   -8.118  1.00 31.05 ? 188 THR A CA  1 
ATOM   761  C  C   . THR A 1 113 ? 7.841   2.524   -6.701  1.00 30.75 ? 188 THR A C   1 
ATOM   762  O  O   . THR A 1 113 ? 8.796   2.398   -5.937  1.00 30.69 ? 188 THR A O   1 
ATOM   763  C  CB  . THR A 1 113 ? 7.507   4.508   -8.170  1.00 31.87 ? 188 THR A CB  1 
ATOM   764  O  OG1 . THR A 1 113 ? 7.736   5.051   -9.476  1.00 34.04 ? 188 THR A OG1 1 
ATOM   765  C  CG2 . THR A 1 113 ? 8.201   5.370   -7.131  1.00 30.81 ? 188 THR A CG2 1 
HETATM 766  N  N   . MSE A 1 114 ? 6.596   2.214   -6.352  1.00 30.72 ? 189 MSE A N   1 
HETATM 767  C  CA  . MSE A 1 114 ? 6.295   1.690   -5.027  1.00 29.20 ? 189 MSE A CA  1 
HETATM 768  C  C   . MSE A 1 114 ? 6.976   0.339   -4.831  1.00 27.23 ? 189 MSE A C   1 
HETATM 769  O  O   . MSE A 1 114 ? 7.537   0.055   -3.773  1.00 26.54 ? 189 MSE A O   1 
HETATM 770  C  CB  . MSE A 1 114 ? 4.784   1.550   -4.856  1.00 32.32 ? 189 MSE A CB  1 
HETATM 771  C  CG  . MSE A 1 114 ? 4.359   0.930   -3.545  1.00 36.75 ? 189 MSE A CG  1 
HETATM 772  SE SE  . MSE A 1 114 ? 5.001   1.884   -1.981  1.00 47.04 ? 189 MSE A SE  1 
HETATM 773  C  CE  . MSE A 1 114 ? 3.776   3.376   -2.030  1.00 43.42 ? 189 MSE A CE  1 
HETATM 774  N  N   . MSE A 1 115 ? 6.934   -0.492  -5.864  1.00 27.04 ? 190 MSE A N   1 
HETATM 775  C  CA  . MSE A 1 115 ? 7.550   -1.812  -5.796  1.00 29.49 ? 190 MSE A CA  1 
HETATM 776  C  C   . MSE A 1 115 ? 9.043   -1.731  -5.544  1.00 26.89 ? 190 MSE A C   1 
HETATM 777  O  O   . MSE A 1 115 ? 9.562   -2.415  -4.668  1.00 28.74 ? 190 MSE A O   1 
HETATM 778  C  CB  . MSE A 1 115 ? 7.271   -2.589  -7.081  1.00 32.62 ? 190 MSE A CB  1 
HETATM 779  C  CG  . MSE A 1 115 ? 5.797   -2.860  -7.271  1.00 39.03 ? 190 MSE A CG  1 
HETATM 780  SE SE  . MSE A 1 115 ? 5.394   -4.030  -8.724  1.00 51.78 ? 190 MSE A SE  1 
HETATM 781  C  CE  . MSE A 1 115 ? 4.798   -2.727  -10.013 1.00 45.78 ? 190 MSE A CE  1 
ATOM   782  N  N   . THR A 1 116 ? 9.736   -0.891  -6.300  1.00 25.33 ? 191 THR A N   1 
ATOM   783  C  CA  . THR A 1 116 ? 11.169  -0.741  -6.103  1.00 23.80 ? 191 THR A CA  1 
ATOM   784  C  C   . THR A 1 116 ? 11.419  -0.281  -4.676  1.00 22.77 ? 191 THR A C   1 
ATOM   785  O  O   . THR A 1 116 ? 12.350  -0.734  -4.021  1.00 24.08 ? 191 THR A O   1 
ATOM   786  C  CB  . THR A 1 116 ? 11.777  0.289   -7.091  1.00 25.42 ? 191 THR A CB  1 
ATOM   787  O  OG1 . THR A 1 116 ? 11.650  -0.198  -8.433  1.00 23.79 ? 191 THR A OG1 1 
ATOM   788  C  CG2 . THR A 1 116 ? 13.254  0.522   -6.780  1.00 24.38 ? 191 THR A CG2 1 
ATOM   789  N  N   . PHE A 1 117 ? 10.573  0.617   -4.191  1.00 23.06 ? 192 PHE A N   1 
ATOM   790  C  CA  . PHE A 1 117 ? 10.710  1.122   -2.830  1.00 23.29 ? 192 PHE A CA  1 
ATOM   791  C  C   . PHE A 1 117 ? 10.506  0.011   -1.805  1.00 23.27 ? 192 PHE A C   1 
ATOM   792  O  O   . PHE A 1 117 ? 11.244  -0.084  -0.833  1.00 23.66 ? 192 PHE A O   1 
ATOM   793  C  CB  . PHE A 1 117 ? 9.700   2.240   -2.562  1.00 22.69 ? 192 PHE A CB  1 
ATOM   794  C  CG  . PHE A 1 117 ? 9.566   2.586   -1.103  1.00 23.19 ? 192 PHE A CG  1 
ATOM   795  C  CD1 . PHE A 1 117 ? 10.566  3.279   -0.440  1.00 23.02 ? 192 PHE A CD1 1 
ATOM   796  C  CD2 . PHE A 1 117 ? 8.453   2.173   -0.380  1.00 22.43 ? 192 PHE A CD2 1 
ATOM   797  C  CE1 . PHE A 1 117 ? 10.468  3.528   0.927   1.00 23.27 ? 192 PHE A CE1 1 
ATOM   798  C  CE2 . PHE A 1 117 ? 8.354   2.418   0.978   1.00 20.48 ? 192 PHE A CE2 1 
ATOM   799  C  CZ  . PHE A 1 117 ? 9.351   3.100   1.630   1.00 21.61 ? 192 PHE A CZ  1 
ATOM   800  N  N   . LEU A 1 118 ? 9.491   -0.816  -2.019  1.00 24.03 ? 193 LEU A N   1 
ATOM   801  C  CA  . LEU A 1 118 ? 9.208   -1.911  -1.096  1.00 25.07 ? 193 LEU A CA  1 
ATOM   802  C  C   . LEU A 1 118 ? 10.365  -2.902  -1.112  1.00 25.93 ? 193 LEU A C   1 
ATOM   803  O  O   . LEU A 1 118 ? 10.877  -3.287  -0.063  1.00 25.51 ? 193 LEU A O   1 
ATOM   804  C  CB  . LEU A 1 118 ? 7.897   -2.603  -1.483  1.00 21.91 ? 193 LEU A CB  1 
ATOM   805  C  CG  . LEU A 1 118 ? 6.642   -1.734  -1.306  1.00 24.50 ? 193 LEU A CG  1 
ATOM   806  C  CD1 . LEU A 1 118 ? 5.435   -2.448  -1.878  1.00 20.81 ? 193 LEU A CD1 1 
ATOM   807  C  CD2 . LEU A 1 118 ? 6.426   -1.410  0.166   1.00 20.56 ? 193 LEU A CD2 1 
ATOM   808  N  N   . TRP A 1 119 ? 10.776  -3.300  -2.312  1.00 27.63 ? 194 TRP A N   1 
ATOM   809  C  CA  . TRP A 1 119 ? 11.891  -4.224  -2.475  1.00 29.01 ? 194 TRP A CA  1 
ATOM   810  C  C   . TRP A 1 119 ? 13.125  -3.650  -1.793  1.00 28.98 ? 194 TRP A C   1 
ATOM   811  O  O   . TRP A 1 119 ? 13.709  -4.275  -0.917  1.00 29.40 ? 194 TRP A O   1 
ATOM   812  C  CB  . TRP A 1 119 ? 12.180  -4.432  -3.955  1.00 31.08 ? 194 TRP A CB  1 
ATOM   813  C  CG  . TRP A 1 119 ? 13.402  -5.257  -4.206  1.00 37.10 ? 194 TRP A CG  1 
ATOM   814  C  CD1 . TRP A 1 119 ? 13.567  -6.590  -3.945  1.00 36.80 ? 194 TRP A CD1 1 
ATOM   815  C  CD2 . TRP A 1 119 ? 14.651  -4.793  -4.732  1.00 38.84 ? 194 TRP A CD2 1 
ATOM   816  N  NE1 . TRP A 1 119 ? 14.840  -6.984  -4.278  1.00 38.14 ? 194 TRP A NE1 1 
ATOM   817  C  CE2 . TRP A 1 119 ? 15.527  -5.904  -4.766  1.00 39.97 ? 194 TRP A CE2 1 
ATOM   818  C  CE3 . TRP A 1 119 ? 15.114  -3.549  -5.189  1.00 40.00 ? 194 TRP A CE3 1 
ATOM   819  C  CZ2 . TRP A 1 119 ? 16.847  -5.802  -5.226  1.00 41.73 ? 194 TRP A CZ2 1 
ATOM   820  C  CZ3 . TRP A 1 119 ? 16.427  -3.448  -5.648  1.00 41.41 ? 194 TRP A CZ3 1 
ATOM   821  C  CH2 . TRP A 1 119 ? 17.274  -4.570  -5.665  1.00 42.86 ? 194 TRP A CH2 1 
ATOM   822  N  N   . ALA A 1 120 ? 13.508  -2.444  -2.188  1.00 30.87 ? 195 ALA A N   1 
ATOM   823  C  CA  . ALA A 1 120 ? 14.670  -1.782  -1.608  1.00 31.88 ? 195 ALA A CA  1 
ATOM   824  C  C   . ALA A 1 120 ? 14.623  -1.804  -0.093  1.00 33.62 ? 195 ALA A C   1 
ATOM   825  O  O   . ALA A 1 120 ? 15.662  -1.773  0.569   1.00 35.02 ? 195 ALA A O   1 
ATOM   826  C  CB  . ALA A 1 120 ? 14.745  -0.346  -2.092  1.00 30.54 ? 195 ALA A CB  1 
ATOM   827  N  N   . ASN A 1 121 ? 13.422  -1.865  0.469   1.00 35.52 ? 196 ASN A N   1 
ATOM   828  C  CA  . ASN A 1 121 ? 13.310  -1.860  1.913   1.00 37.51 ? 196 ASN A CA  1 
ATOM   829  C  C   . ASN A 1 121 ? 13.084  -3.191  2.614   1.00 38.52 ? 196 ASN A C   1 
ATOM   830  O  O   . ASN A 1 121 ? 12.676  -3.213  3.774   1.00 40.06 ? 196 ASN A O   1 
ATOM   831  C  CB  . ASN A 1 121 ? 12.263  -0.835  2.355   1.00 37.87 ? 196 ASN A CB  1 
ATOM   832  C  CG  . ASN A 1 121 ? 12.778  0.588   2.249   1.00 38.35 ? 196 ASN A CG  1 
ATOM   833  O  OD1 . ASN A 1 121 ? 12.455  1.319   1.313   1.00 39.94 ? 196 ASN A OD1 1 
ATOM   834  N  ND2 . ASN A 1 121 ? 13.606  0.979   3.202   1.00 37.06 ? 196 ASN A ND2 1 
ATOM   835  N  N   . GLY A 1 122 ? 13.352  -4.299  1.931   1.00 38.61 ? 197 GLY A N   1 
ATOM   836  C  CA  . GLY A 1 122 ? 13.215  -5.589  2.587   1.00 37.45 ? 197 GLY A CA  1 
ATOM   837  C  C   . GLY A 1 122 ? 12.178  -6.572  2.095   1.00 38.13 ? 197 GLY A C   1 
ATOM   838  O  O   . GLY A 1 122 ? 12.163  -7.717  2.538   1.00 37.09 ? 197 GLY A O   1 
ATOM   839  N  N   . ILE A 1 123 ? 11.317  -6.147  1.182   1.00 38.46 ? 198 ILE A N   1 
ATOM   840  C  CA  . ILE A 1 123 ? 10.284  -7.035  0.681   1.00 39.27 ? 198 ILE A CA  1 
ATOM   841  C  C   . ILE A 1 123 ? 10.791  -7.872  -0.490  1.00 41.02 ? 198 ILE A C   1 
ATOM   842  O  O   . ILE A 1 123 ? 11.181  -7.338  -1.529  1.00 41.30 ? 198 ILE A O   1 
ATOM   843  C  CB  . ILE A 1 123 ? 9.036   -6.233  0.254   1.00 39.81 ? 198 ILE A CB  1 
ATOM   844  C  CG1 . ILE A 1 123 ? 8.596   -5.309  1.400   1.00 41.18 ? 198 ILE A CG1 1 
ATOM   845  C  CG2 . ILE A 1 123 ? 7.915   -7.180  -0.144  1.00 38.92 ? 198 ILE A CG2 1 
ATOM   846  C  CD1 . ILE A 1 123 ? 8.208   -6.015  2.684   1.00 40.09 ? 198 ILE A CD1 1 
ATOM   847  N  N   . ALA A 1 124 ? 10.788  -9.188  -0.304  1.00 41.92 ? 199 ALA A N   1 
ATOM   848  C  CA  . ALA A 1 124 ? 11.239  -10.130 -1.323  1.00 42.65 ? 199 ALA A CA  1 
ATOM   849  C  C   . ALA A 1 124 ? 10.708  -9.759  -2.698  1.00 43.24 ? 199 ALA A C   1 
ATOM   850  O  O   . ALA A 1 124 ? 9.511   -9.580  -2.879  1.00 43.89 ? 199 ALA A O   1 
ATOM   851  C  CB  . ALA A 1 124 ? 10.794  -11.543 -0.955  1.00 43.07 ? 199 ALA A CB  1 
ATOM   852  N  N   . ALA A 1 125 ? 11.609  -9.646  -3.668  1.00 43.34 ? 200 ALA A N   1 
ATOM   853  C  CA  . ALA A 1 125 ? 11.233  -9.287  -5.027  1.00 43.43 ? 200 ALA A CA  1 
ATOM   854  C  C   . ALA A 1 125 ? 10.253  -10.303 -5.589  1.00 44.44 ? 200 ALA A C   1 
ATOM   855  O  O   . ALA A 1 125 ? 9.403   -9.970  -6.423  1.00 44.91 ? 200 ALA A O   1 
ATOM   856  C  CB  . ALA A 1 125 ? 12.473  -9.217  -5.907  1.00 43.18 ? 200 ALA A CB  1 
ATOM   857  N  N   . LYS A 1 126 ? 10.377  -11.546 -5.132  1.00 45.04 ? 201 LYS A N   1 
ATOM   858  C  CA  . LYS A 1 126 ? 9.502   -12.616 -5.588  1.00 45.37 ? 201 LYS A CA  1 
ATOM   859  C  C   . LYS A 1 126 ? 8.070   -12.359 -5.129  1.00 43.65 ? 201 LYS A C   1 
ATOM   860  O  O   . LYS A 1 126 ? 7.125   -12.752 -5.799  1.00 43.40 ? 201 LYS A O   1 
ATOM   861  C  CB  . LYS A 1 126 ? 10.002  -13.971 -5.059  1.00 47.94 ? 201 LYS A CB  1 
ATOM   862  C  CG  . LYS A 1 126 ? 11.462  -14.253 -5.406  1.00 51.23 ? 201 LYS A CG  1 
ATOM   863  C  CD  . LYS A 1 126 ? 11.893  -15.686 -5.101  1.00 54.00 ? 201 LYS A CD  1 
ATOM   864  C  CE  . LYS A 1 126 ? 13.414  -15.781 -4.955  1.00 55.61 ? 201 LYS A CE  1 
ATOM   865  N  NZ  . LYS A 1 126 ? 13.855  -16.985 -4.188  1.00 56.40 ? 201 LYS A NZ  1 
ATOM   866  N  N   . ARG A 1 127 ? 7.919   -11.688 -3.989  1.00 41.88 ? 202 ARG A N   1 
ATOM   867  C  CA  . ARG A 1 127 ? 6.604   -11.375 -3.440  1.00 39.32 ? 202 ARG A CA  1 
ATOM   868  C  C   . ARG A 1 127 ? 5.923   -10.208 -4.152  1.00 38.24 ? 202 ARG A C   1 
ATOM   869  O  O   . ARG A 1 127 ? 4.700   -10.111 -4.142  1.00 39.03 ? 202 ARG A O   1 
ATOM   870  C  CB  . ARG A 1 127 ? 6.719   -11.033 -1.954  1.00 38.63 ? 202 ARG A CB  1 
ATOM   871  C  CG  . ARG A 1 127 ? 7.234   -12.153 -1.071  1.00 37.55 ? 202 ARG A CG  1 
ATOM   872  C  CD  . ARG A 1 127 ? 7.520   -11.630 0.330   1.00 38.34 ? 202 ARG A CD  1 
ATOM   873  N  NE  . ARG A 1 127 ? 6.345   -11.010 0.941   1.00 39.18 ? 202 ARG A NE  1 
ATOM   874  C  CZ  . ARG A 1 127 ? 6.380   -10.296 2.060   1.00 39.52 ? 202 ARG A CZ  1 
ATOM   875  N  NH1 . ARG A 1 127 ? 7.526   -10.109 2.692   1.00 41.67 ? 202 ARG A NH1 1 
ATOM   876  N  NH2 . ARG A 1 127 ? 5.271   -9.765  2.550   1.00 40.12 ? 202 ARG A NH2 1 
ATOM   877  N  N   . LEU A 1 128 ? 6.710   -9.323  -4.758  1.00 37.17 ? 203 LEU A N   1 
ATOM   878  C  CA  . LEU A 1 128 ? 6.156   -8.161  -5.454  1.00 35.27 ? 203 LEU A CA  1 
ATOM   879  C  C   . LEU A 1 128 ? 5.653   -8.457  -6.847  1.00 35.17 ? 203 LEU A C   1 
ATOM   880  O  O   . LEU A 1 128 ? 6.346   -9.080  -7.648  1.00 35.24 ? 203 LEU A O   1 
ATOM   881  C  CB  . LEU A 1 128 ? 7.182   -7.030  -5.554  1.00 34.24 ? 203 LEU A CB  1 
ATOM   882  C  CG  . LEU A 1 128 ? 7.548   -6.216  -4.315  1.00 34.09 ? 203 LEU A CG  1 
ATOM   883  C  CD1 . LEU A 1 128 ? 6.288   -5.697  -3.645  1.00 32.26 ? 203 LEU A CD1 1 
ATOM   884  C  CD2 . LEU A 1 128 ? 8.335   -7.062  -3.370  1.00 35.25 ? 203 LEU A CD2 1 
ATOM   885  N  N   . LYS A 1 129 ? 4.441   -7.985  -7.121  1.00 36.29 ? 204 LYS A N   1 
ATOM   886  C  CA  . LYS A 1 129 ? 3.791   -8.155  -8.412  1.00 37.01 ? 204 LYS A CA  1 
ATOM   887  C  C   . LYS A 1 129 ? 2.993   -6.908  -8.774  1.00 37.30 ? 204 LYS A C   1 
ATOM   888  O  O   . LYS A 1 129 ? 2.369   -6.287  -7.916  1.00 37.45 ? 204 LYS A O   1 
ATOM   889  C  CB  . LYS A 1 129 ? 2.851   -9.357  -8.382  1.00 38.79 ? 204 LYS A CB  1 
ATOM   890  C  CG  . LYS A 1 129 ? 3.549   -10.702 -8.330  1.00 43.80 ? 204 LYS A CG  1 
ATOM   891  C  CD  . LYS A 1 129 ? 4.348   -10.933 -9.601  1.00 47.92 ? 204 LYS A CD  1 
ATOM   892  C  CE  . LYS A 1 129 ? 4.783   -12.379 -9.730  1.00 50.37 ? 204 LYS A CE  1 
ATOM   893  N  NZ  . LYS A 1 129 ? 3.625   -13.311 -9.658  1.00 52.63 ? 204 LYS A NZ  1 
ATOM   894  N  N   . ALA A 1 130 ? 3.017   -6.551  -10.051 1.00 37.52 ? 205 ALA A N   1 
ATOM   895  C  CA  . ALA A 1 130 ? 2.300   -5.389  -10.542 1.00 39.06 ? 205 ALA A CA  1 
ATOM   896  C  C   . ALA A 1 130 ? 0.935   -5.819  -11.041 1.00 41.11 ? 205 ALA A C   1 
ATOM   897  O  O   . ALA A 1 130 ? 0.821   -6.726  -11.860 1.00 42.93 ? 205 ALA A O   1 
ATOM   898  C  CB  . ALA A 1 130 ? 3.072   -4.739  -11.668 1.00 38.26 ? 205 ALA A CB  1 
ATOM   899  N  N   . GLU A 1 131 ? -0.106  -5.168  -10.546 1.00 42.18 ? 206 GLU A N   1 
ATOM   900  C  CA  . GLU A 1 131 ? -1.449  -5.504  -10.973 1.00 44.49 ? 206 GLU A CA  1 
ATOM   901  C  C   . GLU A 1 131 ? -1.658  -5.131  -12.431 1.00 46.91 ? 206 GLU A C   1 
ATOM   902  O  O   . GLU A 1 131 ? -1.282  -4.044  -12.863 1.00 47.27 ? 206 GLU A O   1 
ATOM   903  C  CB  . GLU A 1 131 ? -2.478  -4.785  -10.103 1.00 44.02 ? 206 GLU A CB  1 
ATOM   904  C  CG  . GLU A 1 131 ? -2.968  -5.612  -8.937  1.00 44.77 ? 206 GLU A CG  1 
ATOM   905  C  CD  . GLU A 1 131 ? -3.969  -4.869  -8.087  1.00 45.57 ? 206 GLU A CD  1 
ATOM   906  O  OE1 . GLU A 1 131 ? -4.884  -4.234  -8.654  1.00 47.70 ? 206 GLU A OE1 1 
ATOM   907  O  OE2 . GLU A 1 131 ? -3.850  -4.928  -6.847  1.00 45.94 ? 206 GLU A OE2 1 
ATOM   908  N  N   . GLY A 1 132 ? -2.249  -6.045  -13.194 1.00 49.32 ? 207 GLY A N   1 
ATOM   909  C  CA  . GLY A 1 132 ? -2.514  -5.756  -14.588 1.00 51.66 ? 207 GLY A CA  1 
ATOM   910  C  C   . GLY A 1 132 ? -3.489  -4.600  -14.596 1.00 53.54 ? 207 GLY A C   1 
ATOM   911  O  O   . GLY A 1 132 ? -4.475  -4.628  -13.865 1.00 54.10 ? 207 GLY A O   1 
ATOM   912  N  N   . TYR A 1 133 ? -3.217  -3.581  -15.406 1.00 55.27 ? 208 TYR A N   1 
ATOM   913  C  CA  . TYR A 1 133 ? -4.089  -2.415  -15.469 1.00 56.57 ? 208 TYR A CA  1 
ATOM   914  C  C   . TYR A 1 133 ? -5.553  -2.795  -15.617 1.00 56.03 ? 208 TYR A C   1 
ATOM   915  O  O   . TYR A 1 133 ? -5.902  -3.654  -16.426 1.00 56.33 ? 208 TYR A O   1 
ATOM   916  C  CB  . TYR A 1 133 ? -3.702  -1.507  -16.632 1.00 58.71 ? 208 TYR A CB  1 
ATOM   917  C  CG  . TYR A 1 133 ? -4.425  -0.180  -16.590 1.00 61.61 ? 208 TYR A CG  1 
ATOM   918  C  CD1 . TYR A 1 133 ? -4.115  0.769   -15.612 1.00 62.67 ? 208 TYR A CD1 1 
ATOM   919  C  CD2 . TYR A 1 133 ? -5.429  0.124   -17.513 1.00 62.10 ? 208 TYR A CD2 1 
ATOM   920  C  CE1 . TYR A 1 133 ? -4.783  1.994   -15.552 1.00 63.21 ? 208 TYR A CE1 1 
ATOM   921  C  CE2 . TYR A 1 133 ? -6.107  1.347   -17.464 1.00 62.94 ? 208 TYR A CE2 1 
ATOM   922  C  CZ  . TYR A 1 133 ? -5.776  2.276   -16.482 1.00 63.31 ? 208 TYR A CZ  1 
ATOM   923  O  OH  . TYR A 1 133 ? -6.418  3.492   -16.430 1.00 63.23 ? 208 TYR A OH  1 
ATOM   924  N  N   . GLY A 1 134 ? -6.406  -2.138  -14.837 1.00 55.37 ? 209 GLY A N   1 
ATOM   925  C  CA  . GLY A 1 134 ? -7.827  -2.426  -14.887 1.00 54.64 ? 209 GLY A CA  1 
ATOM   926  C  C   . GLY A 1 134 ? -8.183  -3.649  -14.060 1.00 54.05 ? 209 GLY A C   1 
ATOM   927  O  O   . GLY A 1 134 ? -9.258  -4.227  -14.224 1.00 54.50 ? 209 GLY A O   1 
ATOM   928  N  N   . ASP A 1 135 ? -7.273  -4.050  -13.176 1.00 52.48 ? 210 ASP A N   1 
ATOM   929  C  CA  . ASP A 1 135 ? -7.495  -5.207  -12.317 1.00 50.58 ? 210 ASP A CA  1 
ATOM   930  C  C   . ASP A 1 135 ? -8.720  -4.948  -11.455 1.00 49.49 ? 210 ASP A C   1 
ATOM   931  O  O   . ASP A 1 135 ? -8.736  -4.032  -10.637 1.00 50.45 ? 210 ASP A O   1 
ATOM   932  C  CB  . ASP A 1 135 ? -6.262  -5.452  -11.444 1.00 50.05 ? 210 ASP A CB  1 
ATOM   933  C  CG  . ASP A 1 135 ? -6.408  -6.662  -10.539 1.00 49.59 ? 210 ASP A CG  1 
ATOM   934  O  OD1 . ASP A 1 135 ? -5.368  -7.275  -10.214 1.00 47.68 ? 210 ASP A OD1 1 
ATOM   935  O  OD2 . ASP A 1 135 ? -7.546  -6.995  -10.139 1.00 50.31 ? 210 ASP A OD2 1 
ATOM   936  N  N   . LYS A 1 136 ? -9.743  -5.770  -11.656 1.00 48.04 ? 211 LYS A N   1 
ATOM   937  C  CA  . LYS A 1 136 ? -11.006 -5.658  -10.944 1.00 46.23 ? 211 LYS A CA  1 
ATOM   938  C  C   . LYS A 1 136 ? -10.919 -5.716  -9.426  1.00 43.96 ? 211 LYS A C   1 
ATOM   939  O  O   . LYS A 1 136 ? -11.888 -5.399  -8.750  1.00 44.38 ? 211 LYS A O   1 
ATOM   940  C  CB  . LYS A 1 136 ? -11.966 -6.747  -11.430 1.00 48.20 ? 211 LYS A CB  1 
ATOM   941  C  CG  . LYS A 1 136 ? -11.405 -8.157  -11.331 1.00 50.48 ? 211 LYS A CG  1 
ATOM   942  C  CD  . LYS A 1 136 ? -12.435 -9.186  -11.777 1.00 53.42 ? 211 LYS A CD  1 
ATOM   943  C  CE  . LYS A 1 136 ? -11.833 -10.578 -11.876 1.00 54.56 ? 211 LYS A CE  1 
ATOM   944  N  NZ  . LYS A 1 136 ? -11.255 -11.043 -10.581 1.00 56.32 ? 211 LYS A NZ  1 
ATOM   945  N  N   . ASN A 1 137 ? -9.780  -6.126  -8.885  1.00 41.20 ? 212 ASN A N   1 
ATOM   946  C  CA  . ASN A 1 137 ? -9.637  -6.208  -7.434  1.00 38.88 ? 212 ASN A CA  1 
ATOM   947  C  C   . ASN A 1 137 ? -9.364  -4.857  -6.780  1.00 36.51 ? 212 ASN A C   1 
ATOM   948  O  O   . ASN A 1 137 ? -9.631  -4.672  -5.593  1.00 36.53 ? 212 ASN A O   1 
ATOM   949  C  CB  . ASN A 1 137 ? -8.516  -7.175  -7.059  1.00 40.40 ? 212 ASN A CB  1 
ATOM   950  C  CG  . ASN A 1 137 ? -8.863  -8.618  -7.362  1.00 43.02 ? 212 ASN A CG  1 
ATOM   951  O  OD1 . ASN A 1 137 ? -9.878  -9.137  -6.895  1.00 42.71 ? 212 ASN A OD1 1 
ATOM   952  N  ND2 . ASN A 1 137 ? -8.015  -9.275  -8.144  1.00 43.01 ? 212 ASN A ND2 1 
ATOM   953  N  N   . ALA A 1 138 ? -8.837  -3.914  -7.552  1.00 33.18 ? 213 ALA A N   1 
ATOM   954  C  CA  . ALA A 1 138 ? -8.524  -2.588  -7.026  1.00 30.14 ? 213 ALA A CA  1 
ATOM   955  C  C   . ALA A 1 138 ? -9.768  -1.859  -6.527  1.00 28.40 ? 213 ALA A C   1 
ATOM   956  O  O   . ALA A 1 138 ? -10.833 -1.967  -7.120  1.00 28.17 ? 213 ALA A O   1 
ATOM   957  C  CB  . ALA A 1 138 ? -7.823  -1.756  -8.091  1.00 27.84 ? 213 ALA A CB  1 
ATOM   958  N  N   . ILE A 1 139 ? -9.619  -1.120  -5.429  1.00 26.38 ? 214 ILE A N   1 
ATOM   959  C  CA  . ILE A 1 139 ? -10.722 -0.367  -4.854  1.00 25.10 ? 214 ILE A CA  1 
ATOM   960  C  C   . ILE A 1 139 ? -10.832 1.003   -5.520  1.00 26.19 ? 214 ILE A C   1 
ATOM   961  O  O   . ILE A 1 139 ? -9.817  1.657   -5.773  1.00 24.78 ? 214 ILE A O   1 
ATOM   962  C  CB  . ILE A 1 139 ? -10.524 -0.174  -3.331  1.00 25.64 ? 214 ILE A CB  1 
ATOM   963  C  CG1 . ILE A 1 139 ? -10.495 -1.541  -2.640  1.00 24.62 ? 214 ILE A CG1 1 
ATOM   964  C  CG2 . ILE A 1 139 ? -11.639 0.710   -2.751  1.00 22.66 ? 214 ILE A CG2 1 
ATOM   965  C  CD1 . ILE A 1 139 ? -10.335 -1.460  -1.143  1.00 25.60 ? 214 ILE A CD1 1 
ATOM   966  N  N   . SER A 1 140 ? -12.063 1.436   -5.791  1.00 25.14 ? 215 SER A N   1 
ATOM   967  C  CA  . SER A 1 140 ? -12.305 2.727   -6.423  1.00 26.84 ? 215 SER A CA  1 
ATOM   968  C  C   . SER A 1 140 ? -13.510 3.452   -5.831  1.00 28.34 ? 215 SER A C   1 
ATOM   969  O  O   . SER A 1 140 ? -13.862 4.550   -6.266  1.00 29.61 ? 215 SER A O   1 
ATOM   970  C  CB  . SER A 1 140 ? -12.512 2.542   -7.924  1.00 25.35 ? 215 SER A CB  1 
ATOM   971  O  OG  . SER A 1 140 ? -13.571 1.641   -8.181  1.00 26.97 ? 215 SER A OG  1 
ATOM   972  N  N   . ASP A 1 141 ? -14.127 2.842   -4.826  1.00 29.04 ? 216 ASP A N   1 
ATOM   973  C  CA  . ASP A 1 141 ? -15.310 3.403   -4.173  1.00 28.25 ? 216 ASP A CA  1 
ATOM   974  C  C   . ASP A 1 141 ? -15.009 4.677   -3.399  1.00 28.56 ? 216 ASP A C   1 
ATOM   975  O  O   . ASP A 1 141 ? -14.257 4.651   -2.431  1.00 28.44 ? 216 ASP A O   1 
ATOM   976  C  CB  . ASP A 1 141 ? -15.902 2.375   -3.212  1.00 29.84 ? 216 ASP A CB  1 
ATOM   977  C  CG  . ASP A 1 141 ? -17.349 2.659   -2.869  1.00 28.29 ? 216 ASP A CG  1 
ATOM   978  O  OD1 . ASP A 1 141 ? -17.701 3.834   -2.633  1.00 27.14 ? 216 ASP A OD1 1 
ATOM   979  O  OD2 . ASP A 1 141 ? -18.127 1.691   -2.827  1.00 26.13 ? 216 ASP A OD2 1 
ATOM   980  N  N   . ASN A 1 142 ? -15.609 5.785   -3.825  1.00 29.35 ? 217 ASN A N   1 
ATOM   981  C  CA  . ASN A 1 142 ? -15.412 7.073   -3.167  1.00 30.20 ? 217 ASN A CA  1 
ATOM   982  C  C   . ASN A 1 142 ? -16.076 7.119   -1.809  1.00 28.87 ? 217 ASN A C   1 
ATOM   983  O  O   . ASN A 1 142 ? -15.928 8.094   -1.074  1.00 29.24 ? 217 ASN A O   1 
ATOM   984  C  CB  . ASN A 1 142 ? -15.948 8.211   -4.032  1.00 33.35 ? 217 ASN A CB  1 
ATOM   985  C  CG  . ASN A 1 142 ? -15.113 8.438   -5.279  1.00 37.67 ? 217 ASN A CG  1 
ATOM   986  O  OD1 . ASN A 1 142 ? -15.407 9.326   -6.075  1.00 40.32 ? 217 ASN A OD1 1 
ATOM   987  N  ND2 . ASN A 1 142 ? -14.066 7.633   -5.456  1.00 38.78 ? 217 ASN A ND2 1 
ATOM   988  N  N   . ALA A 1 143 ? -16.832 6.075   -1.484  1.00 27.68 ? 218 ALA A N   1 
ATOM   989  C  CA  . ALA A 1 143 ? -17.478 5.999   -0.184  1.00 26.67 ? 218 ALA A CA  1 
ATOM   990  C  C   . ALA A 1 143 ? -16.382 5.602   0.791   1.00 26.77 ? 218 ALA A C   1 
ATOM   991  O  O   . ALA A 1 143 ? -16.428 5.953   1.966   1.00 27.19 ? 218 ALA A O   1 
ATOM   992  C  CB  . ALA A 1 143 ? -18.564 4.947   -0.195  1.00 26.90 ? 218 ALA A CB  1 
ATOM   993  N  N   . ILE A 1 144 ? -15.396 4.873   0.271   1.00 26.71 ? 219 ILE A N   1 
ATOM   994  C  CA  . ILE A 1 144 ? -14.256 4.391   1.046   1.00 26.09 ? 219 ILE A CA  1 
ATOM   995  C  C   . ILE A 1 144 ? -13.035 5.301   0.865   1.00 27.93 ? 219 ILE A C   1 
ATOM   996  O  O   . ILE A 1 144 ? -12.485 5.805   1.843   1.00 28.31 ? 219 ILE A O   1 
ATOM   997  C  CB  . ILE A 1 144 ? -13.895 2.946   0.633   1.00 24.18 ? 219 ILE A CB  1 
ATOM   998  C  CG1 . ILE A 1 144 ? -15.126 2.054   0.792   1.00 22.24 ? 219 ILE A CG1 1 
ATOM   999  C  CG2 . ILE A 1 144 ? -12.756 2.413   1.491   1.00 21.68 ? 219 ILE A CG2 1 
ATOM   1000 C  CD1 . ILE A 1 144 ? -14.961 0.671   0.234   1.00 21.39 ? 219 ILE A CD1 1 
ATOM   1001 N  N   . ILE A 1 145 ? -12.619 5.511   -0.383  1.00 28.65 ? 220 ILE A N   1 
ATOM   1002 C  CA  . ILE A 1 145 ? -11.474 6.377   -0.676  1.00 27.39 ? 220 ILE A CA  1 
ATOM   1003 C  C   . ILE A 1 145 ? -11.844 7.826   -0.374  1.00 29.64 ? 220 ILE A C   1 
ATOM   1004 O  O   . ILE A 1 145 ? -12.838 8.334   -0.887  1.00 29.29 ? 220 ILE A O   1 
ATOM   1005 C  CB  . ILE A 1 145 ? -11.045 6.271   -2.169  1.00 26.13 ? 220 ILE A CB  1 
ATOM   1006 C  CG1 . ILE A 1 145 ? -10.729 4.813   -2.528  1.00 22.82 ? 220 ILE A CG1 1 
ATOM   1007 C  CG2 . ILE A 1 145 ? -9.807  7.115   -2.421  1.00 24.78 ? 220 ILE A CG2 1 
ATOM   1008 C  CD1 . ILE A 1 145 ? -10.303 4.605   -3.962  1.00 20.02 ? 220 ILE A CD1 1 
ATOM   1009 N  N   . HIS A 1 146 ? -11.054 8.487   0.467   1.00 31.75 ? 221 HIS A N   1 
ATOM   1010 C  CA  . HIS A 1 146 ? -11.330 9.880   0.828   1.00 35.03 ? 221 HIS A CA  1 
ATOM   1011 C  C   . HIS A 1 146 ? -10.241 10.846  0.359   1.00 35.25 ? 221 HIS A C   1 
ATOM   1012 O  O   . HIS A 1 146 ? -9.097  10.455  0.137   1.00 35.45 ? 221 HIS A O   1 
ATOM   1013 C  CB  . HIS A 1 146 ? -11.491 10.020  2.348   1.00 37.82 ? 221 HIS A CB  1 
ATOM   1014 C  CG  . HIS A 1 146 ? -12.459 9.055   2.953   1.00 41.87 ? 221 HIS A CG  1 
ATOM   1015 N  ND1 . HIS A 1 146 ? -13.750 8.892   2.485   1.00 42.59 ? 221 HIS A ND1 1 
ATOM   1016 C  CD2 . HIS A 1 146 ? -12.337 8.198   3.997   1.00 42.87 ? 221 HIS A CD2 1 
ATOM   1017 C  CE1 . HIS A 1 146 ? -14.371 7.985   3.209   1.00 44.31 ? 221 HIS A CE1 1 
ATOM   1018 N  NE2 . HIS A 1 146 ? -13.533 7.545   4.138   1.00 43.65 ? 221 HIS A NE2 1 
ATOM   1019 N  N   . GLY A 1 147 ? -10.613 12.114  0.206   1.00 35.26 ? 222 GLY A N   1 
ATOM   1020 C  CA  . GLY A 1 147 ? -9.662  13.132  -0.209  1.00 34.71 ? 222 GLY A CA  1 
ATOM   1021 C  C   . GLY A 1 147 ? -9.002  12.967  -1.565  1.00 33.80 ? 222 GLY A C   1 
ATOM   1022 O  O   . GLY A 1 147 ? -9.549  12.331  -2.470  1.00 33.56 ? 222 GLY A O   1 
ATOM   1023 N  N   . SER A 1 148 ? -7.809  13.548  -1.697  1.00 33.43 ? 223 SER A N   1 
ATOM   1024 C  CA  . SER A 1 148 ? -7.038  13.509  -2.939  1.00 30.57 ? 223 SER A CA  1 
ATOM   1025 C  C   . SER A 1 148 ? -6.794  12.101  -3.472  1.00 29.58 ? 223 SER A C   1 
ATOM   1026 O  O   . SER A 1 148 ? -6.561  11.923  -4.666  1.00 29.45 ? 223 SER A O   1 
ATOM   1027 C  CB  . SER A 1 148 ? -5.700  14.238  -2.756  1.00 31.01 ? 223 SER A CB  1 
ATOM   1028 O  OG  . SER A 1 148 ? -4.912  13.649  -1.738  1.00 34.59 ? 223 SER A OG  1 
ATOM   1029 N  N   . ALA A 1 149 ? -6.847  11.106  -2.587  1.00 29.47 ? 224 ALA A N   1 
ATOM   1030 C  CA  . ALA A 1 149 ? -6.645  9.710   -2.975  1.00 28.44 ? 224 ALA A CA  1 
ATOM   1031 C  C   . ALA A 1 149 ? -7.675  9.273   -4.014  1.00 29.08 ? 224 ALA A C   1 
ATOM   1032 O  O   . ALA A 1 149 ? -7.435  8.340   -4.781  1.00 28.54 ? 224 ALA A O   1 
ATOM   1033 C  CB  . ALA A 1 149 ? -6.735  8.816   -1.762  1.00 25.04 ? 224 ALA A CB  1 
ATOM   1034 N  N   . GLN A 1 150 ? -8.818  9.952   -4.040  1.00 30.54 ? 225 GLN A N   1 
ATOM   1035 C  CA  . GLN A 1 150 ? -9.874  9.631   -4.999  1.00 33.24 ? 225 GLN A CA  1 
ATOM   1036 C  C   . GLN A 1 150 ? -9.351  9.892   -6.397  1.00 33.68 ? 225 GLN A C   1 
ATOM   1037 O  O   . GLN A 1 150 ? -9.776  9.262   -7.356  1.00 34.61 ? 225 GLN A O   1 
ATOM   1038 C  CB  . GLN A 1 150 ? -11.117 10.498  -4.751  1.00 32.28 ? 225 GLN A CB  1 
ATOM   1039 C  CG  . GLN A 1 150 ? -11.619 10.467  -3.307  1.00 35.22 ? 225 GLN A CG  1 
ATOM   1040 C  CD  . GLN A 1 150 ? -12.970 11.132  -3.133  1.00 35.39 ? 225 GLN A CD  1 
ATOM   1041 O  OE1 . GLN A 1 150 ? -13.168 12.274  -3.537  1.00 37.76 ? 225 GLN A OE1 1 
ATOM   1042 N  NE2 . GLN A 1 150 ? -13.901 10.422  -2.519  1.00 36.21 ? 225 GLN A NE2 1 
ATOM   1043 N  N   . ASN A 1 151 ? -8.402  10.817  -6.495  1.00 35.44 ? 226 ASN A N   1 
ATOM   1044 C  CA  . ASN A 1 151 ? -7.814  11.194  -7.772  1.00 35.36 ? 226 ASN A CA  1 
ATOM   1045 C  C   . ASN A 1 151 ? -6.491  10.503  -8.083  1.00 35.68 ? 226 ASN A C   1 
ATOM   1046 O  O   . ASN A 1 151 ? -6.384  9.775   -9.073  1.00 36.64 ? 226 ASN A O   1 
ATOM   1047 C  CB  . ASN A 1 151 ? -7.617  12.708  -7.809  1.00 38.65 ? 226 ASN A CB  1 
ATOM   1048 C  CG  . ASN A 1 151 ? -8.923  13.466  -7.673  1.00 41.24 ? 226 ASN A CG  1 
ATOM   1049 O  OD1 . ASN A 1 151 ? -9.964  13.023  -8.167  1.00 43.28 ? 226 ASN A OD1 1 
ATOM   1050 N  ND2 . ASN A 1 151 ? -8.874  14.624  -7.021  1.00 43.70 ? 226 ASN A ND2 1 
ATOM   1051 N  N   . ARG A 1 152 ? -5.487  10.744  -7.243  1.00 34.13 ? 227 ARG A N   1 
ATOM   1052 C  CA  . ARG A 1 152 ? -4.151  10.161  -7.416  1.00 30.48 ? 227 ARG A CA  1 
ATOM   1053 C  C   . ARG A 1 152 ? -3.803  9.327   -6.193  1.00 27.61 ? 227 ARG A C   1 
ATOM   1054 O  O   . ARG A 1 152 ? -3.800  9.819   -5.065  1.00 26.90 ? 227 ARG A O   1 
ATOM   1055 C  CB  . ARG A 1 152 ? -3.123  11.275  -7.604  1.00 32.97 ? 227 ARG A CB  1 
ATOM   1056 C  CG  . ARG A 1 152 ? -3.317  12.080  -8.886  1.00 35.62 ? 227 ARG A CG  1 
ATOM   1057 C  CD  . ARG A 1 152 ? -3.068  13.556  -8.641  1.00 37.89 ? 227 ARG A CD  1 
ATOM   1058 N  NE  . ARG A 1 152 ? -4.178  14.157  -7.911  1.00 40.73 ? 227 ARG A NE  1 
ATOM   1059 C  CZ  . ARG A 1 152 ? -4.120  15.324  -7.278  1.00 42.28 ? 227 ARG A CZ  1 
ATOM   1060 N  NH1 . ARG A 1 152 ? -2.994  16.026  -7.279  1.00 46.13 ? 227 ARG A NH1 1 
ATOM   1061 N  NH2 . ARG A 1 152 ? -5.189  15.789  -6.643  1.00 42.88 ? 227 ARG A NH2 1 
ATOM   1062 N  N   . ARG A 1 153 ? -3.483  8.063   -6.417  1.00 24.86 ? 228 ARG A N   1 
ATOM   1063 C  CA  . ARG A 1 153 ? -3.202  7.172   -5.312  1.00 23.17 ? 228 ARG A CA  1 
ATOM   1064 C  C   . ARG A 1 153 ? -2.491  5.906   -5.739  1.00 21.12 ? 228 ARG A C   1 
ATOM   1065 O  O   . ARG A 1 153 ? -2.391  5.601   -6.914  1.00 22.74 ? 228 ARG A O   1 
ATOM   1066 C  CB  . ARG A 1 153 ? -4.522  6.759   -4.670  1.00 23.49 ? 228 ARG A CB  1 
ATOM   1067 C  CG  . ARG A 1 153 ? -5.411  5.993   -5.649  1.00 23.37 ? 228 ARG A CG  1 
ATOM   1068 C  CD  . ARG A 1 153 ? -6.531  5.260   -4.953  1.00 24.25 ? 228 ARG A CD  1 
ATOM   1069 N  NE  . ARG A 1 153 ? -7.432  4.608   -5.898  1.00 26.19 ? 228 ARG A NE  1 
ATOM   1070 C  CZ  . ARG A 1 153 ? -8.259  5.246   -6.724  1.00 25.72 ? 228 ARG A CZ  1 
ATOM   1071 N  NH1 . ARG A 1 153 ? -8.312  6.569   -6.736  1.00 26.48 ? 228 ARG A NH1 1 
ATOM   1072 N  NH2 . ARG A 1 153 ? -9.053  4.556   -7.529  1.00 28.71 ? 228 ARG A NH2 1 
ATOM   1073 N  N   . ILE A 1 154 ? -2.017  5.162   -4.752  1.00 19.47 ? 229 ILE A N   1 
ATOM   1074 C  CA  . ILE A 1 154 ? -1.363  3.890   -4.995  1.00 19.98 ? 229 ILE A CA  1 
ATOM   1075 C  C   . ILE A 1 154 ? -2.012  2.907   -4.038  1.00 18.57 ? 229 ILE A C   1 
ATOM   1076 O  O   . ILE A 1 154 ? -2.325  3.253   -2.897  1.00 18.86 ? 229 ILE A O   1 
ATOM   1077 C  CB  . ILE A 1 154 ? 0.162   3.929   -4.701  1.00 21.97 ? 229 ILE A CB  1 
ATOM   1078 C  CG1 . ILE A 1 154 ? 0.870   4.831   -5.707  1.00 24.25 ? 229 ILE A CG1 1 
ATOM   1079 C  CG2 . ILE A 1 154 ? 0.758   2.521   -4.790  1.00 22.34 ? 229 ILE A CG2 1 
ATOM   1080 C  CD1 . ILE A 1 154 ? 2.371   4.856   -5.535  1.00 26.04 ? 229 ILE A CD1 1 
ATOM   1081 N  N   . GLU A 1 155 ? -2.239  1.690   -4.503  1.00 15.83 ? 230 GLU A N   1 
ATOM   1082 C  CA  . GLU A 1 155 ? -2.829  0.688   -3.643  1.00 17.10 ? 230 GLU A CA  1 
ATOM   1083 C  C   . GLU A 1 155 ? -1.938  -0.525  -3.563  1.00 17.61 ? 230 GLU A C   1 
ATOM   1084 O  O   . GLU A 1 155 ? -1.283  -0.897  -4.537  1.00 16.32 ? 230 GLU A O   1 
ATOM   1085 C  CB  . GLU A 1 155 ? -4.222  0.287   -4.135  1.00 15.39 ? 230 GLU A CB  1 
ATOM   1086 C  CG  . GLU A 1 155 ? -5.191  1.426   -4.078  1.00 17.70 ? 230 GLU A CG  1 
ATOM   1087 C  CD  . GLU A 1 155 ? -6.592  1.051   -4.476  1.00 18.60 ? 230 GLU A CD  1 
ATOM   1088 O  OE1 . GLU A 1 155 ? -6.837  -0.130  -4.800  1.00 21.49 ? 230 GLU A OE1 1 
ATOM   1089 O  OE2 . GLU A 1 155 ? -7.452  1.954   -4.459  1.00 18.86 ? 230 GLU A OE2 1 
ATOM   1090 N  N   . ILE A 1 156 ? -1.911  -1.123  -2.378  1.00 16.90 ? 231 ILE A N   1 
ATOM   1091 C  CA  . ILE A 1 156 ? -1.126  -2.317  -2.139  1.00 16.77 ? 231 ILE A CA  1 
ATOM   1092 C  C   . ILE A 1 156 ? -2.115  -3.306  -1.565  1.00 17.68 ? 231 ILE A C   1 
ATOM   1093 O  O   . ILE A 1 156 ? -2.721  -3.053  -0.523  1.00 16.28 ? 231 ILE A O   1 
ATOM   1094 C  CB  . ILE A 1 156 ? 0.000   -2.064  -1.134  1.00 15.44 ? 231 ILE A CB  1 
ATOM   1095 C  CG1 . ILE A 1 156 ? 0.794   -0.820  -1.558  1.00 16.15 ? 231 ILE A CG1 1 
ATOM   1096 C  CG2 . ILE A 1 156 ? 0.898   -3.293  -1.053  1.00 12.52 ? 231 ILE A CG2 1 
ATOM   1097 C  CD1 . ILE A 1 156 ? 2.007   -0.542  -0.704  1.00 16.71 ? 231 ILE A CD1 1 
ATOM   1098 N  N   . GLN A 1 157 ? -2.284  -4.424  -2.262  1.00 18.17 ? 232 GLN A N   1 
ATOM   1099 C  CA  . GLN A 1 157 ? -3.232  -5.435  -1.853  1.00 19.48 ? 232 GLN A CA  1 
ATOM   1100 C  C   . GLN A 1 157 ? -2.612  -6.803  -1.702  1.00 21.71 ? 232 GLN A C   1 
ATOM   1101 O  O   . GLN A 1 157 ? -1.711  -7.177  -2.457  1.00 19.58 ? 232 GLN A O   1 
ATOM   1102 C  CB  . GLN A 1 157 ? -4.360  -5.545  -2.878  1.00 21.00 ? 232 GLN A CB  1 
ATOM   1103 C  CG  . GLN A 1 157 ? -4.838  -4.229  -3.456  1.00 24.94 ? 232 GLN A CG  1 
ATOM   1104 C  CD  . GLN A 1 157 ? -6.169  -4.361  -4.189  1.00 29.53 ? 232 GLN A CD  1 
ATOM   1105 O  OE1 . GLN A 1 157 ? -7.237  -4.394  -3.568  1.00 32.39 ? 232 GLN A OE1 1 
ATOM   1106 N  NE2 . GLN A 1 157 ? -6.109  -4.450  -5.515  1.00 30.72 ? 232 GLN A NE2 1 
ATOM   1107 N  N   . TRP A 1 158 ? -3.112  -7.543  -0.716  1.00 22.28 ? 233 TRP A N   1 
ATOM   1108 C  CA  . TRP A 1 158 ? -2.682  -8.907  -0.470  1.00 22.89 ? 233 TRP A CA  1 
ATOM   1109 C  C   . TRP A 1 158 ? -3.828  -9.694  0.154   1.00 25.79 ? 233 TRP A C   1 
ATOM   1110 O  O   . TRP A 1 158 ? -4.865  -9.127  0.520   1.00 25.31 ? 233 TRP A O   1 
ATOM   1111 C  CB  . TRP A 1 158 ? -1.422  -8.954  0.405   1.00 20.41 ? 233 TRP A CB  1 
ATOM   1112 C  CG  . TRP A 1 158 ? -1.543  -8.459  1.801   1.00 17.74 ? 233 TRP A CG  1 
ATOM   1113 C  CD1 . TRP A 1 158 ? -1.623  -9.214  2.931   1.00 17.06 ? 233 TRP A CD1 1 
ATOM   1114 C  CD2 . TRP A 1 158 ? -1.510  -7.090  2.232   1.00 15.30 ? 233 TRP A CD2 1 
ATOM   1115 N  NE1 . TRP A 1 158 ? -1.636  -8.401  4.046   1.00 16.85 ? 233 TRP A NE1 1 
ATOM   1116 C  CE2 . TRP A 1 158 ? -1.572  -7.095  3.642   1.00 15.24 ? 233 TRP A CE2 1 
ATOM   1117 C  CE3 . TRP A 1 158 ? -1.435  -5.863  1.561   1.00 15.65 ? 233 TRP A CE3 1 
ATOM   1118 C  CZ2 . TRP A 1 158 ? -1.555  -5.915  4.394   1.00 17.13 ? 233 TRP A CZ2 1 
ATOM   1119 C  CZ3 . TRP A 1 158 ? -1.417  -4.690  2.311   1.00 12.63 ? 233 TRP A CZ3 1 
ATOM   1120 C  CH2 . TRP A 1 158 ? -1.481  -4.726  3.711   1.00 13.27 ? 233 TRP A CH2 1 
ATOM   1121 N  N   . PHE A 1 159 ? -3.650  -11.004 0.244   1.00 27.78 ? 234 PHE A N   1 
ATOM   1122 C  CA  . PHE A 1 159 ? -4.673  -11.876 0.791   1.00 30.29 ? 234 PHE A CA  1 
ATOM   1123 C  C   . PHE A 1 159 ? -4.103  -12.638 1.969   1.00 31.95 ? 234 PHE A C   1 
ATOM   1124 O  O   . PHE A 1 159 ? -2.985  -13.137 1.913   1.00 32.44 ? 234 PHE A O   1 
ATOM   1125 C  CB  . PHE A 1 159 ? -5.176  -12.804 -0.317  1.00 31.05 ? 234 PHE A CB  1 
ATOM   1126 C  CG  . PHE A 1 159 ? -5.774  -12.055 -1.488  1.00 33.49 ? 234 PHE A CG  1 
ATOM   1127 C  CD1 . PHE A 1 159 ? -7.112  -11.672 -1.483  1.00 33.13 ? 234 PHE A CD1 1 
ATOM   1128 C  CD2 . PHE A 1 159 ? -4.977  -11.667 -2.562  1.00 34.85 ? 234 PHE A CD2 1 
ATOM   1129 C  CE1 . PHE A 1 159 ? -7.644  -10.911 -2.527  1.00 34.18 ? 234 PHE A CE1 1 
ATOM   1130 C  CE2 . PHE A 1 159 ? -5.499  -10.905 -3.610  1.00 34.73 ? 234 PHE A CE2 1 
ATOM   1131 C  CZ  . PHE A 1 159 ? -6.831  -10.527 -3.594  1.00 34.66 ? 234 PHE A CZ  1 
ATOM   1132 N  N   . THR A 1 160 ? -4.873  -12.692 3.049   1.00 35.20 ? 235 THR A N   1 
ATOM   1133 C  CA  . THR A 1 160 ? -4.442  -13.346 4.276   1.00 38.55 ? 235 THR A CA  1 
ATOM   1134 C  C   . THR A 1 160 ? -5.497  -14.295 4.839   1.00 40.94 ? 235 THR A C   1 
ATOM   1135 O  O   . THR A 1 160 ? -6.692  -14.111 4.621   1.00 40.84 ? 235 THR A O   1 
ATOM   1136 C  CB  . THR A 1 160 ? -4.103  -12.293 5.348   1.00 39.01 ? 235 THR A CB  1 
ATOM   1137 O  OG1 . THR A 1 160 ? -3.708  -12.945 6.560   1.00 42.15 ? 235 THR A OG1 1 
ATOM   1138 C  CG2 . THR A 1 160 ? -5.308  -11.413 5.627   1.00 38.21 ? 235 THR A CG2 1 
ATOM   1139 N  N   . SER A 1 161 ? -5.043  -15.304 5.575   1.00 43.53 ? 236 SER A N   1 
ATOM   1140 C  CA  . SER A 1 161 ? -5.935  -16.291 6.174   1.00 46.17 ? 236 SER A CA  1 
ATOM   1141 C  C   . SER A 1 161 ? -5.923  -16.157 7.698   1.00 46.56 ? 236 SER A C   1 
ATOM   1142 O  O   . SER A 1 161 ? -6.344  -17.061 8.415   1.00 45.21 ? 236 SER A O   1 
ATOM   1143 C  CB  . SER A 1 161 ? -5.488  -17.699 5.760   1.00 48.37 ? 236 SER A CB  1 
ATOM   1144 O  OG  . SER A 1 161 ? -6.437  -18.680 6.136   1.00 53.02 ? 236 SER A OG  1 
ATOM   1145 N  N   . GLU A 1 162 ? -5.443  -15.012 8.177   1.00 48.66 ? 237 GLU A N   1 
ATOM   1146 C  CA  . GLU A 1 162 ? -5.348  -14.734 9.610   1.00 49.89 ? 237 GLU A CA  1 
ATOM   1147 C  C   . GLU A 1 162 ? -6.692  -14.844 10.323  1.00 50.83 ? 237 GLU A C   1 
ATOM   1148 O  O   . GLU A 1 162 ? -6.749  -15.133 11.518  1.00 51.08 ? 237 GLU A O   1 
ATOM   1149 C  CB  . GLU A 1 162 ? -4.761  -13.334 9.838   1.00 49.90 ? 237 GLU A CB  1 
ATOM   1150 C  CG  . GLU A 1 162 ? -5.667  -12.181 9.408   1.00 49.24 ? 237 GLU A CG  1 
ATOM   1151 C  CD  . GLU A 1 162 ? -5.089  -10.818 9.746   1.00 47.93 ? 237 GLU A CD  1 
ATOM   1152 O  OE1 . GLU A 1 162 ? -3.987  -10.513 9.261   1.00 48.60 ? 237 GLU A OE1 1 
ATOM   1153 O  OE2 . GLU A 1 162 ? -5.730  -10.050 10.494  1.00 47.65 ? 237 GLU A OE2 1 
ATOM   1154 N  N   . GLY A 1 163 ? -7.770  -14.605 9.586   1.00 51.74 ? 238 GLY A N   1 
ATOM   1155 C  CA  . GLY A 1 163 ? -9.104  -14.682 10.158  1.00 51.90 ? 238 GLY A CA  1 
ATOM   1156 C  C   . GLY A 1 163 ? -9.622  -16.105 10.285  1.00 52.14 ? 238 GLY A C   1 
ATOM   1157 O  O   . GLY A 1 163 ? -10.434 -16.363 11.201  1.00 51.82 ? 238 GLY A O   1 
HETATM 1158 C  C1  . GOL B 2 .   ? -6.676  10.682  -25.181 1.00 39.04 ? 501 GOL A C1  1 
HETATM 1159 O  O1  . GOL B 2 .   ? -7.949  10.800  -25.818 1.00 41.39 ? 501 GOL A O1  1 
HETATM 1160 C  C2  . GOL B 2 .   ? -5.791  9.698   -25.935 1.00 37.49 ? 501 GOL A C2  1 
HETATM 1161 O  O2  . GOL B 2 .   ? -5.606  10.151  -27.274 1.00 36.02 ? 501 GOL A O2  1 
HETATM 1162 C  C3  . GOL B 2 .   ? -4.448  9.596   -25.232 1.00 36.79 ? 501 GOL A C3  1 
HETATM 1163 O  O3  . GOL B 2 .   ? -3.617  8.681   -25.929 1.00 40.84 ? 501 GOL A O3  1 
HETATM 1164 C  C1  . GOL C 2 .   ? 9.985   -1.137  -17.316 1.00 62.40 ? 502 GOL A C1  1 
HETATM 1165 O  O1  . GOL C 2 .   ? 9.473   0.110   -16.866 1.00 63.28 ? 502 GOL A O1  1 
HETATM 1166 C  C2  . GOL C 2 .   ? 11.069  -1.580  -16.356 1.00 63.15 ? 502 GOL A C2  1 
HETATM 1167 O  O2  . GOL C 2 .   ? 10.508  -1.692  -15.045 1.00 63.38 ? 502 GOL A O2  1 
HETATM 1168 C  C3  . GOL C 2 .   ? 11.633  -2.925  -16.816 1.00 64.48 ? 502 GOL A C3  1 
HETATM 1169 O  O3  . GOL C 2 .   ? 12.665  -3.360  -15.919 1.00 64.90 ? 502 GOL A O3  1 
HETATM 1170 C  C1  . GOL D 2 .   ? 21.221  7.352   -1.476  1.00 54.98 ? 503 GOL A C1  1 
HETATM 1171 O  O1  . GOL D 2 .   ? 21.510  6.461   -0.394  1.00 52.83 ? 503 GOL A O1  1 
HETATM 1172 C  C2  . GOL D 2 .   ? 20.369  8.502   -0.962  1.00 55.06 ? 503 GOL A C2  1 
HETATM 1173 O  O2  . GOL D 2 .   ? 21.097  9.186   0.053   1.00 56.34 ? 503 GOL A O2  1 
HETATM 1174 C  C3  . GOL D 2 .   ? 20.045  9.478   -2.093  1.00 55.73 ? 503 GOL A C3  1 
HETATM 1175 O  O3  . GOL D 2 .   ? 19.234  10.534  -1.569  1.00 55.38 ? 503 GOL A O3  1 
HETATM 1176 O  O   . HOH E 3 .   ? -5.318  8.240   19.149  1.00 25.63 ? 2   HOH A O   1 
HETATM 1177 O  O   . HOH E 3 .   ? -10.757 -6.461  -3.953  1.00 25.14 ? 4   HOH A O   1 
HETATM 1178 O  O   . HOH E 3 .   ? -3.019  11.964  -3.338  1.00 26.82 ? 6   HOH A O   1 
HETATM 1179 O  O   . HOH E 3 .   ? -4.939  2.928   8.538   1.00 15.93 ? 9   HOH A O   1 
HETATM 1180 O  O   . HOH E 3 .   ? -1.542  0.028   -11.935 1.00 31.15 ? 10  HOH A O   1 
HETATM 1181 O  O   . HOH E 3 .   ? -6.420  11.265  0.714   1.00 30.31 ? 11  HOH A O   1 
HETATM 1182 O  O   . HOH E 3 .   ? 2.238   -16.319 20.454  1.00 80.30 ? 13  HOH A O   1 
HETATM 1183 O  O   . HOH E 3 .   ? 4.132   9.884   6.840   1.00 26.03 ? 14  HOH A O   1 
HETATM 1184 O  O   . HOH E 3 .   ? 4.114   5.910   13.801  1.00 34.71 ? 16  HOH A O   1 
HETATM 1185 O  O   . HOH E 3 .   ? -13.258 -0.970  -8.035  1.00 26.93 ? 17  HOH A O   1 
HETATM 1186 O  O   . HOH E 3 .   ? -12.101 -10.060 7.617   1.00 31.31 ? 18  HOH A O   1 
HETATM 1187 O  O   . HOH E 3 .   ? 3.154   -14.283 5.897   1.00 34.81 ? 20  HOH A O   1 
HETATM 1188 O  O   . HOH E 3 .   ? -1.744  -12.212 -1.214  1.00 28.82 ? 21  HOH A O   1 
HETATM 1189 O  O   . HOH E 3 .   ? 11.443  3.601   -5.615  1.00 29.75 ? 24  HOH A O   1 
HETATM 1190 O  O   . HOH E 3 .   ? 2.979   -0.699  16.714  1.00 24.45 ? 25  HOH A O   1 
HETATM 1191 O  O   . HOH E 3 .   ? -12.757 8.116   -3.644  1.00 49.12 ? 27  HOH A O   1 
HETATM 1192 O  O   . HOH E 3 .   ? -6.718  7.836   6.948   1.00 28.85 ? 28  HOH A O   1 
HETATM 1193 O  O   . HOH E 3 .   ? -8.767  13.493  -4.941  1.00 54.63 ? 31  HOH A O   1 
HETATM 1194 O  O   . HOH E 3 .   ? 8.350   13.469  8.508   1.00 26.71 ? 33  HOH A O   1 
HETATM 1195 O  O   . HOH E 3 .   ? -5.498  -19.007 10.628  1.00 46.63 ? 34  HOH A O   1 
HETATM 1196 O  O   . HOH E 3 .   ? -4.318  -7.511  15.145  1.00 28.97 ? 38  HOH A O   1 
HETATM 1197 O  O   . HOH E 3 .   ? -4.802  -9.563  -8.266  1.00 38.76 ? 39  HOH A O   1 
HETATM 1198 O  O   . HOH E 3 .   ? 12.628  5.011   -2.849  1.00 49.37 ? 40  HOH A O   1 
HETATM 1199 O  O   . HOH E 3 .   ? -8.055  -4.337  12.389  1.00 35.76 ? 41  HOH A O   1 
HETATM 1200 O  O   . HOH E 3 .   ? 6.315   -13.324 -7.908  1.00 45.71 ? 42  HOH A O   1 
HETATM 1201 O  O   . HOH E 3 .   ? -11.111 -17.009 13.708  1.00 31.86 ? 43  HOH A O   1 
HETATM 1202 O  O   . HOH E 3 .   ? 4.888   -18.770 22.286  1.00 40.42 ? 44  HOH A O   1 
HETATM 1203 O  O   . HOH E 3 .   ? 2.948   2.047   15.201  1.00 22.58 ? 45  HOH A O   1 
HETATM 1204 O  O   . HOH E 3 .   ? -8.279  16.632  -5.009  1.00 46.72 ? 46  HOH A O   1 
HETATM 1205 O  O   . HOH E 3 .   ? -8.500  -18.938 11.103  1.00 51.29 ? 47  HOH A O   1 
HETATM 1206 O  O   . HOH E 3 .   ? -5.310  -6.914  9.388   1.00 47.27 ? 49  HOH A O   1 
HETATM 1207 O  O   . HOH E 3 .   ? 5.157   -16.243 23.634  1.00 44.27 ? 51  HOH A O   1 
HETATM 1208 O  O   . HOH E 3 .   ? -6.330  -0.025  14.747  1.00 25.33 ? 52  HOH A O   1 
HETATM 1209 O  O   . HOH E 3 .   ? -15.591 -10.398 5.729   1.00 36.19 ? 53  HOH A O   1 
HETATM 1210 O  O   . HOH E 3 .   ? -7.846  8.832   4.720   1.00 32.87 ? 54  HOH A O   1 
HETATM 1211 O  O   . HOH E 3 .   ? -3.674  17.087  -2.738  1.00 43.64 ? 56  HOH A O   1 
HETATM 1212 O  O   . HOH E 3 .   ? -8.985  -5.132  1.600   1.00 50.23 ? 59  HOH A O   1 
HETATM 1213 O  O   . HOH E 3 .   ? -8.328  5.904   7.744   1.00 30.08 ? 60  HOH A O   1 
HETATM 1214 O  O   . HOH E 3 .   ? 7.191   -17.433 25.654  1.00 43.17 ? 62  HOH A O   1 
HETATM 1215 O  O   . HOH E 3 .   ? -10.203 -20.590 11.713  1.00 50.10 ? 63  HOH A O   1 
HETATM 1216 O  O   . HOH E 3 .   ? -4.564  12.373  3.165   1.00 49.53 ? 64  HOH A O   1 
HETATM 1217 O  O   . HOH E 3 .   ? -0.498  -14.902 -1.957  1.00 47.80 ? 65  HOH A O   1 
HETATM 1218 O  O   . HOH E 3 .   ? -13.031 -7.797  7.638   1.00 28.45 ? 67  HOH A O   1 
HETATM 1219 O  O   . HOH E 3 .   ? -9.855  -16.438 15.845  1.00 39.87 ? 69  HOH A O   1 
HETATM 1220 O  O   . HOH E 3 .   ? -6.825  -6.474  11.780  1.00 63.18 ? 71  HOH A O   1 
HETATM 1221 O  O   . HOH E 3 .   ? 3.891   -17.846 26.813  1.00 46.69 ? 73  HOH A O   1 
HETATM 1222 O  O   . HOH E 3 .   ? -8.520  -13.790 6.901   1.00 37.24 ? 74  HOH A O   1 
HETATM 1223 O  O   . HOH E 3 .   ? 15.498  2.813   3.289   1.00 48.98 ? 245 HOH A O   1 
HETATM 1224 O  O   . HOH E 3 .   ? -6.447  -0.208  -22.655 1.00 60.01 ? 246 HOH A O   1 
HETATM 1225 O  O   . HOH E 3 .   ? 11.435  -8.267  5.449   1.00 42.65 ? 247 HOH A O   1 
HETATM 1226 O  O   . HOH E 3 .   ? -7.739  2.076   13.304  1.00 42.71 ? 248 HOH A O   1 
HETATM 1227 O  O   . HOH E 3 .   ? -4.636  4.885   -30.864 1.00 59.67 ? 249 HOH A O   1 
HETATM 1228 O  O   . HOH E 3 .   ? -10.173 5.049   5.819   1.00 48.33 ? 250 HOH A O   1 
HETATM 1229 O  O   . HOH E 3 .   ? 0.340   -4.052  24.695  1.00 47.28 ? 251 HOH A O   1 
HETATM 1230 O  O   . HOH E 3 .   ? -4.102  -0.360  -12.780 1.00 52.43 ? 252 HOH A O   1 
HETATM 1231 O  O   . HOH E 3 .   ? -1.450  -15.925 24.481  1.00 63.18 ? 253 HOH A O   1 
HETATM 1232 O  O   . HOH E 3 .   ? -5.947  8.915   2.174   1.00 45.38 ? 254 HOH A O   1 
HETATM 1233 O  O   . HOH E 3 .   ? -8.423  2.337   -8.496  1.00 40.20 ? 255 HOH A O   1 
HETATM 1234 O  O   . HOH E 3 .   ? -12.391 -17.948 2.992   1.00 44.10 ? 256 HOH A O   1 
HETATM 1235 O  O   . HOH E 3 .   ? 3.493   10.691  12.212  1.00 31.62 ? 257 HOH A O   1 
HETATM 1236 O  O   . HOH E 3 .   ? -10.129 6.945   16.460  1.00 39.86 ? 258 HOH A O   1 
HETATM 1237 O  O   . HOH E 3 .   ? -1.445  -14.768 -4.336  1.00 41.05 ? 259 HOH A O   1 
HETATM 1238 O  O   . HOH E 3 .   ? 0.789   12.432  5.223   1.00 43.32 ? 260 HOH A O   1 
HETATM 1239 O  O   . HOH E 3 .   ? 3.353   13.482  4.631   1.00 47.28 ? 261 HOH A O   1 
HETATM 1240 O  O   . HOH E 3 .   ? 3.044   12.190  9.131   1.00 44.51 ? 262 HOH A O   1 
HETATM 1241 O  O   . HOH E 3 .   ? -5.899  14.747  1.567   1.00 38.06 ? 263 HOH A O   1 
HETATM 1242 O  O   . HOH E 3 .   ? 7.892   4.474   12.421  0.50 52.78 ? 264 HOH A O   1 
HETATM 1243 O  O   . HOH E 3 .   ? -11.782 -11.825 0.326   1.00 41.95 ? 265 HOH A O   1 
HETATM 1244 O  O   . HOH E 3 .   ? -12.757 -20.263 13.344  1.00 44.69 ? 266 HOH A O   1 
HETATM 1245 O  O   . HOH E 3 .   ? 10.955  1.964   -10.256 0.50 28.32 ? 267 HOH A O   1 
# 
